data_4P71
#
_entry.id   4P71
#
_cell.length_a   112.780
_cell.length_b   219.080
_cell.length_c   107.130
_cell.angle_alpha   90.00
_cell.angle_beta   101.91
_cell.angle_gamma   90.00
#
_symmetry.space_group_name_H-M   'C 1 2 1'
#
loop_
_entity.id
_entity.type
_entity.pdbx_description
1 polymer 'Phenylalanine--tRNA ligase beta subunit'
2 polymer 'Phenylalanine--tRNA ligase alpha subunit'
3 water water
#
loop_
_entity_poly.entity_id
_entity_poly.type
_entity_poly.pdbx_seq_one_letter_code
_entity_poly.pdbx_strand_id
1 'polypeptide(L)'
;MKFSEKWLRSWANPQVSHDELVARLSMVGLEVDADLPVAGAFSGVVVGEVLSTEQHPDADKLRVCQVSNGSETFQVVCGA
PNVRAGLKIPFAMIGAELPDDFKIKKAKLRGVESFGMLCSAKELQISEENAGLLELPADAPVGQDVRTYLELADYTIEVG
LTPNRGDCLSLAGLAREVSAIYDVPLAPVAVDAVAAQHDETRPVELAAPAACPRYLGRVIRNVDLSRPTPLWMVERLRRS
DIRSIDPVVDVTNYVMIELGQPMHAFDLAEINGGVRVRMAEDGEKLVLLDGQEITLRADTLVIADHQRALAIAGVMGGEH
SGVSDSTRDLFLEAAFFDTIALAGKARSYGLHTDSSHRFERGVDSQLARKAMERATRLILDIVGGEPGPIVEQVSEAHLP
KVAPITLRAERVTQMLGMPLDAAEIVRLLQALELTVVADGEGQWSVGVPSHRFDISLEVDLIEELARLYGYNRLPVRYPQ
ARLAPNNKPEARAALPLLRRLLVARGYQEAITFSFIDPALFELFDPGTQPLTLANPISADMAAMRSSLWPGLVKALQHNL
NRQQSRVRLFESGLRFVGQLEGLKQEAMLAGAICGKRLPEGWANGRDGVDFFDAKADVEAVLASAGALGDFSFVPGEHPA
LHPGQTARIEREGRLVGYLGALHPELAKKLDLEQPVFLFELLLAEVVDGHLPKFRELSRFPEVRRDLALLVDQDVPAQDI
LTQIRAAAGEWLTDLRLFDVYHGKGIDPHRKSLAVGLTWQHPSRTLNDDEVNSTTQNIVTSLEERFNATLRK
;
A,B
2 'polypeptide(L)'
;MENLDALVSQALEAVRHTEDVNALEQIRVHYLGKKGELTQVMKTLGDLPAEERPKVGALINVAKEKVQDVLNARKTELEG
AALAARLAAERIDVTLPGRGQLSGGLHPVTRTLERIEQCFSRIGYEVAEGPEVEDDYHNFEALNIPGHHPARAMHDTFYF
NANMLLRTHTSPVQVRTMESQQPPIRIVCPGRVYRCDSDLTHSPMFHQVEGLLVDEGVSFADLKGTIEEFLRAFFEKQLE
VRFRPSFFPFTEPSAEVDIQCVICSGNGCRVCKQTGWLEVMGCGMVHPNVLRMSNIDPEKFQGFAFGMGAERLAMLRYGV
NDLRLFFDNDLRFLGQFR
;
C,D
#
# COMPACT_ATOMS: atom_id res chain seq x y z
N MET A 1 -1.31 -19.98 -40.95
CA MET A 1 -0.36 -20.68 -41.83
C MET A 1 -0.16 -22.16 -41.39
N LYS A 2 -0.68 -23.11 -42.21
CA LYS A 2 -0.56 -24.55 -41.97
C LYS A 2 0.49 -25.12 -42.93
N PHE A 3 1.21 -26.17 -42.52
CA PHE A 3 2.27 -26.76 -43.36
C PHE A 3 2.66 -28.19 -42.94
N SER A 4 3.33 -28.90 -43.86
CA SER A 4 3.87 -30.24 -43.69
C SER A 4 5.23 -30.09 -43.02
N GLU A 5 5.44 -30.81 -41.93
CA GLU A 5 6.71 -30.76 -41.20
C GLU A 5 7.82 -31.34 -42.07
N LYS A 6 7.52 -32.47 -42.76
CA LYS A 6 8.47 -33.14 -43.64
C LYS A 6 8.99 -32.20 -44.73
N TRP A 7 8.09 -31.37 -45.30
CA TRP A 7 8.38 -30.36 -46.33
C TRP A 7 9.30 -29.27 -45.73
N LEU A 8 8.98 -28.75 -44.54
CA LEU A 8 9.84 -27.76 -43.87
C LEU A 8 11.26 -28.32 -43.59
N ARG A 9 11.32 -29.56 -43.07
CA ARG A 9 12.54 -30.29 -42.75
C ARG A 9 13.40 -30.59 -43.98
N SER A 10 12.78 -30.63 -45.18
CA SER A 10 13.50 -30.83 -46.44
C SER A 10 14.35 -29.57 -46.79
N TRP A 11 13.97 -28.40 -46.19
CA TRP A 11 14.64 -27.12 -46.34
C TRP A 11 15.60 -26.88 -45.16
N ALA A 12 15.08 -26.99 -43.91
CA ALA A 12 15.82 -26.79 -42.68
C ALA A 12 15.40 -27.82 -41.63
N ASN A 13 16.25 -28.85 -41.39
CA ASN A 13 15.96 -29.92 -40.45
C ASN A 13 16.60 -29.58 -39.09
N PRO A 14 15.77 -29.26 -38.06
CA PRO A 14 16.32 -28.87 -36.75
C PRO A 14 16.98 -29.99 -35.96
N GLN A 15 16.77 -31.26 -36.38
CA GLN A 15 17.31 -32.47 -35.75
C GLN A 15 16.81 -32.63 -34.31
N VAL A 16 15.53 -32.31 -34.06
CA VAL A 16 14.84 -32.42 -32.75
C VAL A 16 13.51 -33.16 -33.02
N SER A 17 12.77 -33.61 -31.99
CA SER A 17 11.51 -34.31 -32.25
C SER A 17 10.39 -33.34 -32.71
N HIS A 18 9.21 -33.89 -33.08
CA HIS A 18 8.04 -33.10 -33.48
C HIS A 18 7.61 -32.21 -32.30
N ASP A 19 7.50 -32.83 -31.10
CA ASP A 19 7.08 -32.20 -29.85
C ASP A 19 8.02 -31.07 -29.44
N GLU A 20 9.34 -31.26 -29.66
CA GLU A 20 10.39 -30.27 -29.36
C GLU A 20 10.27 -29.07 -30.29
N LEU A 21 10.03 -29.34 -31.60
CA LEU A 21 9.87 -28.32 -32.62
C LEU A 21 8.61 -27.50 -32.39
N VAL A 22 7.45 -28.17 -32.11
CA VAL A 22 6.18 -27.50 -31.81
C VAL A 22 6.29 -26.62 -30.56
N ALA A 23 7.13 -27.05 -29.59
CA ALA A 23 7.37 -26.34 -28.33
C ALA A 23 8.14 -25.05 -28.57
N ARG A 24 9.31 -25.16 -29.24
CA ARG A 24 10.23 -24.06 -29.53
C ARG A 24 9.60 -22.96 -30.36
N LEU A 25 8.73 -23.32 -31.31
CA LEU A 25 8.05 -22.40 -32.19
C LEU A 25 7.22 -21.36 -31.44
N SER A 26 6.36 -21.83 -30.51
CA SER A 26 5.53 -20.93 -29.70
C SER A 26 6.41 -20.06 -28.81
N MET A 27 7.54 -20.64 -28.36
CA MET A 27 8.53 -20.00 -27.51
C MET A 27 9.36 -18.93 -28.23
N VAL A 28 9.24 -18.84 -29.57
CA VAL A 28 9.97 -17.86 -30.36
C VAL A 28 9.04 -16.84 -31.06
N GLY A 29 7.74 -16.94 -30.83
CA GLY A 29 6.79 -16.01 -31.44
C GLY A 29 5.98 -16.56 -32.60
N LEU A 30 6.03 -17.88 -32.81
CA LEU A 30 5.27 -18.55 -33.87
C LEU A 30 4.38 -19.56 -33.16
N GLU A 31 3.27 -19.06 -32.56
CA GLU A 31 2.45 -19.93 -31.74
C GLU A 31 1.65 -20.95 -32.55
N VAL A 32 1.97 -22.23 -32.26
CA VAL A 32 1.35 -23.41 -32.83
C VAL A 32 -0.05 -23.46 -32.25
N ASP A 33 -1.05 -23.52 -33.12
CA ASP A 33 -2.45 -23.58 -32.73
C ASP A 33 -2.96 -25.01 -32.89
N ALA A 34 -2.29 -25.80 -33.76
CA ALA A 34 -2.63 -27.20 -34.06
C ALA A 34 -1.44 -27.99 -34.62
N ASP A 35 -1.32 -29.27 -34.22
CA ASP A 35 -0.31 -30.22 -34.70
C ASP A 35 -0.94 -31.61 -34.82
N LEU A 36 -1.39 -31.93 -36.05
CA LEU A 36 -2.12 -33.17 -36.36
C LEU A 36 -1.42 -34.06 -37.39
N PRO A 37 -1.54 -35.41 -37.31
CA PRO A 37 -0.93 -36.27 -38.36
C PRO A 37 -1.65 -36.07 -39.71
N VAL A 38 -0.98 -36.33 -40.85
CA VAL A 38 -1.51 -36.01 -42.18
C VAL A 38 -2.58 -36.99 -42.71
N ALA A 39 -2.50 -38.26 -42.29
CA ALA A 39 -3.44 -39.27 -42.81
C ALA A 39 -3.77 -40.28 -41.74
N GLY A 40 -4.78 -41.10 -42.06
CA GLY A 40 -5.21 -42.19 -41.19
C GLY A 40 -4.22 -43.35 -41.25
N ALA A 41 -4.18 -44.14 -40.17
CA ALA A 41 -3.28 -45.30 -40.08
C ALA A 41 -3.80 -46.47 -40.91
N PHE A 42 -2.86 -47.27 -41.45
CA PHE A 42 -3.07 -48.48 -42.25
C PHE A 42 -1.75 -49.21 -42.52
N SER A 43 -1.82 -50.52 -42.75
CA SER A 43 -0.66 -51.38 -43.00
C SER A 43 -0.98 -52.33 -44.12
N GLY A 44 0.05 -52.81 -44.81
CA GLY A 44 -0.05 -53.79 -45.90
C GLY A 44 -0.35 -53.24 -47.27
N VAL A 45 -0.49 -51.91 -47.40
CA VAL A 45 -0.77 -51.24 -48.67
C VAL A 45 0.56 -50.88 -49.34
N VAL A 46 0.76 -51.35 -50.59
CA VAL A 46 1.99 -51.11 -51.36
C VAL A 46 1.70 -50.51 -52.74
N VAL A 47 2.74 -50.07 -53.45
CA VAL A 47 2.56 -49.59 -54.82
C VAL A 47 2.44 -50.84 -55.71
N GLY A 48 1.34 -50.90 -56.45
CA GLY A 48 1.07 -51.98 -57.40
C GLY A 48 0.92 -51.48 -58.83
N GLU A 49 1.24 -52.34 -59.81
CA GLU A 49 1.11 -52.00 -61.21
C GLU A 49 0.07 -52.89 -61.89
N VAL A 50 -0.90 -52.27 -62.59
CA VAL A 50 -1.92 -53.01 -63.34
C VAL A 50 -1.28 -53.48 -64.65
N LEU A 51 -1.24 -54.79 -64.86
CA LEU A 51 -0.64 -55.39 -66.05
C LEU A 51 -1.67 -55.51 -67.17
N SER A 52 -2.88 -56.00 -66.83
CA SER A 52 -3.99 -56.15 -67.77
C SER A 52 -5.32 -56.04 -67.03
N THR A 53 -6.41 -55.79 -67.78
CA THR A 53 -7.79 -55.73 -67.30
C THR A 53 -8.68 -56.45 -68.30
N GLU A 54 -9.58 -57.30 -67.81
CA GLU A 54 -10.55 -58.03 -68.63
C GLU A 54 -11.95 -57.70 -68.09
N GLN A 55 -13.00 -57.82 -68.92
CA GLN A 55 -14.37 -57.56 -68.47
C GLN A 55 -14.83 -58.77 -67.68
N HIS A 56 -15.33 -58.53 -66.47
CA HIS A 56 -15.83 -59.58 -65.59
C HIS A 56 -16.94 -60.34 -66.35
N PRO A 57 -16.82 -61.69 -66.52
CA PRO A 57 -17.82 -62.44 -67.29
C PRO A 57 -19.25 -62.48 -66.74
N ASP A 58 -19.47 -62.12 -65.47
CA ASP A 58 -20.81 -62.20 -64.88
C ASP A 58 -21.25 -60.91 -64.13
N ALA A 59 -20.63 -59.75 -64.44
CA ALA A 59 -20.93 -58.45 -63.84
C ALA A 59 -20.28 -57.34 -64.66
N ASP A 60 -21.11 -56.61 -65.44
CA ASP A 60 -20.68 -55.51 -66.33
C ASP A 60 -19.99 -54.35 -65.60
N LYS A 61 -20.41 -54.07 -64.35
CA LYS A 61 -19.84 -52.99 -63.54
C LYS A 61 -18.45 -53.33 -62.94
N LEU A 62 -17.95 -54.57 -63.16
CA LEU A 62 -16.68 -55.07 -62.63
C LEU A 62 -15.65 -55.43 -63.71
N ARG A 63 -14.37 -55.39 -63.31
CA ARG A 63 -13.20 -55.68 -64.17
C ARG A 63 -12.34 -56.71 -63.44
N VAL A 64 -11.69 -57.61 -64.19
CA VAL A 64 -10.79 -58.60 -63.61
C VAL A 64 -9.34 -58.23 -64.03
N CYS A 65 -8.58 -57.75 -63.04
CA CYS A 65 -7.22 -57.23 -63.19
C CYS A 65 -6.12 -58.20 -62.79
N GLN A 66 -4.97 -58.05 -63.46
CA GLN A 66 -3.74 -58.79 -63.16
C GLN A 66 -2.80 -57.70 -62.66
N VAL A 67 -2.49 -57.72 -61.36
CA VAL A 67 -1.72 -56.68 -60.69
C VAL A 67 -0.41 -57.23 -60.08
N SER A 68 0.73 -56.57 -60.36
CA SER A 68 2.05 -56.94 -59.81
C SER A 68 2.43 -56.05 -58.64
N ASN A 69 3.11 -56.60 -57.62
CA ASN A 69 3.61 -55.84 -56.47
C ASN A 69 5.17 -55.81 -56.48
N GLY A 70 5.73 -56.08 -57.66
CA GLY A 70 7.17 -56.14 -57.91
C GLY A 70 7.81 -57.47 -57.53
N SER A 71 7.03 -58.36 -56.90
CA SER A 71 7.49 -59.68 -56.43
C SER A 71 6.62 -60.80 -56.97
N GLU A 72 5.31 -60.50 -57.22
CA GLU A 72 4.33 -61.48 -57.68
C GLU A 72 3.12 -60.80 -58.33
N THR A 73 2.45 -61.50 -59.26
CA THR A 73 1.21 -61.04 -59.89
C THR A 73 0.01 -61.73 -59.22
N PHE A 74 -1.01 -60.93 -58.89
CA PHE A 74 -2.23 -61.38 -58.22
C PHE A 74 -3.44 -60.99 -59.02
N GLN A 75 -4.45 -61.86 -59.06
CA GLN A 75 -5.71 -61.53 -59.70
C GLN A 75 -6.55 -60.73 -58.69
N VAL A 76 -7.01 -59.55 -59.09
CA VAL A 76 -7.81 -58.69 -58.22
C VAL A 76 -9.00 -58.15 -59.02
N VAL A 77 -10.22 -58.40 -58.51
CA VAL A 77 -11.48 -57.94 -59.11
C VAL A 77 -11.66 -56.46 -58.70
N CYS A 78 -11.99 -55.56 -59.65
CA CYS A 78 -12.11 -54.14 -59.36
C CYS A 78 -13.23 -53.41 -60.13
N GLY A 79 -14.08 -52.69 -59.40
CA GLY A 79 -15.19 -51.95 -60.00
C GLY A 79 -14.97 -50.48 -60.33
N ALA A 80 -13.73 -49.98 -60.15
CA ALA A 80 -13.39 -48.57 -60.38
C ALA A 80 -13.43 -48.15 -61.85
N PRO A 81 -14.05 -46.98 -62.16
CA PRO A 81 -14.12 -46.54 -63.57
C PRO A 81 -12.78 -46.23 -64.25
N ASN A 82 -11.77 -45.87 -63.46
CA ASN A 82 -10.44 -45.52 -63.97
C ASN A 82 -9.46 -46.71 -64.04
N VAL A 83 -9.85 -47.92 -63.52
CA VAL A 83 -8.96 -49.09 -63.57
C VAL A 83 -8.69 -49.50 -65.03
N ARG A 84 -7.39 -49.56 -65.39
CA ARG A 84 -6.86 -49.88 -66.73
C ARG A 84 -5.40 -50.31 -66.61
N ALA A 85 -4.88 -51.04 -67.63
CA ALA A 85 -3.49 -51.49 -67.67
C ALA A 85 -2.49 -50.32 -67.65
N GLY A 86 -1.35 -50.55 -67.00
CA GLY A 86 -0.25 -49.61 -66.86
C GLY A 86 -0.39 -48.63 -65.71
N LEU A 87 -1.39 -48.85 -64.86
CA LEU A 87 -1.64 -47.97 -63.74
C LEU A 87 -0.90 -48.34 -62.47
N LYS A 88 -0.24 -47.34 -61.86
CA LYS A 88 0.49 -47.45 -60.59
C LYS A 88 -0.49 -46.95 -59.54
N ILE A 89 -0.92 -47.84 -58.64
CA ILE A 89 -2.01 -47.56 -57.69
C ILE A 89 -1.80 -48.21 -56.29
N PRO A 90 -2.50 -47.77 -55.20
CA PRO A 90 -2.30 -48.45 -53.91
C PRO A 90 -2.95 -49.84 -53.86
N PHE A 91 -2.13 -50.89 -53.82
CA PHE A 91 -2.57 -52.28 -53.76
C PHE A 91 -2.56 -52.83 -52.33
N ALA A 92 -3.76 -52.97 -51.76
CA ALA A 92 -4.01 -53.54 -50.44
C ALA A 92 -4.03 -55.07 -50.55
N MET A 93 -2.97 -55.72 -50.07
CA MET A 93 -2.75 -57.17 -50.08
C MET A 93 -3.71 -57.86 -49.12
N ILE A 94 -3.87 -59.20 -49.23
CA ILE A 94 -4.67 -59.95 -48.26
C ILE A 94 -3.86 -59.90 -46.94
N GLY A 95 -4.54 -59.49 -45.87
CA GLY A 95 -3.94 -59.34 -44.55
C GLY A 95 -3.91 -57.88 -44.11
N ALA A 96 -3.82 -56.96 -45.11
CA ALA A 96 -3.76 -55.49 -44.94
C ALA A 96 -4.86 -54.92 -44.09
N GLU A 97 -4.47 -54.13 -43.08
CA GLU A 97 -5.38 -53.44 -42.17
C GLU A 97 -5.56 -52.00 -42.64
N LEU A 98 -6.75 -51.67 -43.19
CA LEU A 98 -7.13 -50.36 -43.71
C LEU A 98 -7.85 -49.51 -42.65
N PRO A 99 -8.02 -48.15 -42.84
CA PRO A 99 -8.68 -47.34 -41.79
C PRO A 99 -10.03 -47.84 -41.27
N ASP A 100 -10.27 -47.56 -39.96
CA ASP A 100 -11.45 -47.92 -39.17
C ASP A 100 -11.66 -49.43 -39.12
N ASP A 101 -10.59 -50.15 -38.70
CA ASP A 101 -10.48 -51.60 -38.48
C ASP A 101 -10.97 -52.47 -39.67
N PHE A 102 -10.67 -52.04 -40.93
CA PHE A 102 -11.06 -52.77 -42.13
C PHE A 102 -9.97 -53.75 -42.61
N LYS A 103 -10.18 -55.06 -42.38
CA LYS A 103 -9.25 -56.12 -42.77
C LYS A 103 -9.57 -56.68 -44.15
N ILE A 104 -8.54 -56.73 -45.03
CA ILE A 104 -8.61 -57.25 -46.40
C ILE A 104 -8.47 -58.77 -46.35
N LYS A 105 -9.46 -59.48 -46.92
CA LYS A 105 -9.50 -60.95 -46.92
C LYS A 105 -9.60 -61.44 -48.36
N LYS A 106 -9.46 -62.77 -48.58
CA LYS A 106 -9.59 -63.34 -49.91
C LYS A 106 -11.08 -63.33 -50.26
N ALA A 107 -11.41 -62.88 -51.49
CA ALA A 107 -12.78 -62.80 -51.99
C ALA A 107 -12.98 -63.53 -53.32
N LYS A 108 -14.20 -64.05 -53.56
CA LYS A 108 -14.62 -64.72 -54.78
C LYS A 108 -15.83 -63.95 -55.30
N LEU A 109 -15.56 -62.76 -55.85
CA LEU A 109 -16.56 -61.84 -56.38
C LEU A 109 -17.19 -62.34 -57.69
N ARG A 110 -18.47 -62.76 -57.59
CA ARG A 110 -19.32 -63.29 -58.68
C ARG A 110 -18.64 -64.42 -59.46
N GLY A 111 -18.13 -65.40 -58.72
CA GLY A 111 -17.47 -66.58 -59.26
C GLY A 111 -16.02 -66.38 -59.68
N VAL A 112 -15.47 -65.17 -59.50
CA VAL A 112 -14.09 -64.83 -59.85
C VAL A 112 -13.27 -64.49 -58.58
N GLU A 113 -12.11 -65.15 -58.41
CA GLU A 113 -11.22 -64.94 -57.26
C GLU A 113 -10.48 -63.61 -57.34
N SER A 114 -10.26 -62.98 -56.16
CA SER A 114 -9.58 -61.69 -55.98
C SER A 114 -8.67 -61.81 -54.76
N PHE A 115 -7.36 -61.50 -54.95
CA PHE A 115 -6.32 -61.60 -53.92
C PHE A 115 -5.80 -60.23 -53.45
N GLY A 116 -6.72 -59.38 -53.05
CA GLY A 116 -6.42 -58.04 -52.59
C GLY A 116 -7.44 -57.02 -53.05
N MET A 117 -7.08 -55.74 -52.94
CA MET A 117 -7.94 -54.61 -53.27
C MET A 117 -7.11 -53.44 -53.75
N LEU A 118 -7.64 -52.65 -54.69
CA LEU A 118 -6.99 -51.43 -55.20
C LEU A 118 -7.71 -50.26 -54.56
N CYS A 119 -6.97 -49.23 -54.12
CA CYS A 119 -7.56 -48.16 -53.32
C CYS A 119 -7.62 -46.78 -53.96
N SER A 120 -8.57 -45.99 -53.42
CA SER A 120 -8.84 -44.58 -53.68
C SER A 120 -8.26 -43.88 -52.45
N ALA A 121 -8.07 -42.56 -52.54
CA ALA A 121 -7.55 -41.76 -51.41
C ALA A 121 -8.46 -41.81 -50.17
N LYS A 122 -9.79 -41.78 -50.38
CA LYS A 122 -10.79 -41.83 -49.31
C LYS A 122 -10.72 -43.12 -48.48
N GLU A 123 -10.63 -44.30 -49.16
CA GLU A 123 -10.52 -45.64 -48.55
C GLU A 123 -9.27 -45.75 -47.66
N LEU A 124 -8.23 -44.96 -47.99
CA LEU A 124 -6.96 -44.90 -47.26
C LEU A 124 -6.89 -43.71 -46.29
N GLN A 125 -7.91 -42.83 -46.33
CA GLN A 125 -8.05 -41.61 -45.52
C GLN A 125 -6.95 -40.59 -45.83
N ILE A 126 -6.43 -40.62 -47.07
CA ILE A 126 -5.40 -39.72 -47.58
C ILE A 126 -6.07 -38.41 -47.96
N SER A 127 -7.12 -38.46 -48.80
CA SER A 127 -7.90 -37.31 -49.23
C SER A 127 -9.40 -37.70 -49.27
N GLU A 128 -10.28 -36.80 -49.75
CA GLU A 128 -11.72 -37.07 -49.85
C GLU A 128 -12.10 -37.65 -51.22
N GLU A 129 -11.10 -37.79 -52.12
CA GLU A 129 -11.27 -38.31 -53.47
C GLU A 129 -11.65 -39.82 -53.49
N ASN A 130 -12.95 -40.12 -53.76
CA ASN A 130 -13.48 -41.48 -53.86
C ASN A 130 -14.03 -41.79 -55.27
N ALA A 131 -13.92 -40.80 -56.21
CA ALA A 131 -14.38 -40.91 -57.61
C ALA A 131 -13.88 -42.21 -58.27
N GLY A 132 -12.62 -42.55 -57.98
CA GLY A 132 -11.93 -43.74 -58.44
C GLY A 132 -10.64 -43.94 -57.67
N LEU A 133 -9.82 -44.90 -58.15
CA LEU A 133 -8.53 -45.25 -57.55
C LEU A 133 -7.54 -44.10 -57.58
N LEU A 134 -6.64 -44.07 -56.57
CA LEU A 134 -5.59 -43.06 -56.44
C LEU A 134 -4.49 -43.34 -57.46
N GLU A 135 -4.60 -42.69 -58.64
CA GLU A 135 -3.61 -42.86 -59.71
C GLU A 135 -2.27 -42.27 -59.25
N LEU A 136 -1.30 -43.15 -58.98
CA LEU A 136 0.04 -42.78 -58.53
C LEU A 136 0.91 -42.47 -59.76
N PRO A 137 2.04 -41.70 -59.62
CA PRO A 137 2.90 -41.41 -60.77
C PRO A 137 3.32 -42.62 -61.61
N ALA A 138 3.64 -42.39 -62.88
CA ALA A 138 4.07 -43.46 -63.79
C ALA A 138 5.38 -44.10 -63.31
N ASP A 139 6.23 -43.30 -62.62
CA ASP A 139 7.53 -43.67 -62.08
C ASP A 139 7.50 -44.10 -60.61
N ALA A 140 6.30 -44.45 -60.07
CA ALA A 140 6.19 -44.90 -58.67
C ALA A 140 6.91 -46.29 -58.45
N PRO A 141 7.55 -46.54 -57.27
CA PRO A 141 8.26 -47.83 -57.07
C PRO A 141 7.38 -49.01 -56.65
N VAL A 142 7.15 -49.98 -57.59
CA VAL A 142 6.31 -51.17 -57.29
C VAL A 142 6.90 -52.02 -56.17
N GLY A 143 6.07 -52.23 -55.15
CA GLY A 143 6.41 -52.98 -53.95
C GLY A 143 6.57 -52.15 -52.71
N GLN A 144 6.88 -50.84 -52.87
CA GLN A 144 7.11 -49.89 -51.78
C GLN A 144 5.83 -49.60 -50.99
N ASP A 145 5.94 -49.55 -49.66
CA ASP A 145 4.82 -49.21 -48.80
C ASP A 145 4.33 -47.81 -49.21
N VAL A 146 3.02 -47.70 -49.43
CA VAL A 146 2.32 -46.48 -49.82
C VAL A 146 2.53 -45.36 -48.76
N ARG A 147 2.64 -45.72 -47.46
CA ARG A 147 2.92 -44.76 -46.37
C ARG A 147 4.31 -44.16 -46.53
N THR A 148 5.28 -45.00 -46.92
CA THR A 148 6.67 -44.62 -47.17
C THR A 148 6.74 -43.72 -48.40
N TYR A 149 6.12 -44.16 -49.51
CA TYR A 149 6.11 -43.43 -50.77
C TYR A 149 5.39 -42.09 -50.68
N LEU A 150 4.18 -42.08 -50.12
CA LEU A 150 3.39 -40.86 -50.00
C LEU A 150 3.73 -40.05 -48.77
N GLU A 151 4.75 -40.49 -48.02
CA GLU A 151 5.26 -39.79 -46.83
C GLU A 151 4.12 -39.39 -45.90
N LEU A 152 3.30 -40.41 -45.50
CA LEU A 152 2.12 -40.26 -44.65
C LEU A 152 2.45 -40.21 -43.13
N ALA A 153 3.71 -40.54 -42.81
CA ALA A 153 4.28 -40.45 -41.48
C ALA A 153 4.83 -39.00 -41.46
N ASP A 154 3.93 -38.08 -41.18
CA ASP A 154 4.16 -36.64 -41.18
C ASP A 154 3.04 -35.96 -40.39
N TYR A 155 3.29 -34.71 -39.98
CA TYR A 155 2.35 -33.91 -39.24
C TYR A 155 2.16 -32.61 -39.96
N THR A 156 1.03 -31.99 -39.70
CA THR A 156 0.66 -30.71 -40.23
C THR A 156 0.70 -29.76 -39.04
N ILE A 157 1.42 -28.65 -39.19
CA ILE A 157 1.55 -27.66 -38.12
C ILE A 157 0.85 -26.37 -38.54
N GLU A 158 -0.02 -25.85 -37.65
CA GLU A 158 -0.75 -24.61 -37.89
C GLU A 158 -0.22 -23.56 -36.95
N VAL A 159 0.25 -22.46 -37.53
CA VAL A 159 0.84 -21.35 -36.80
C VAL A 159 -0.06 -20.12 -36.93
N GLY A 160 -0.37 -19.52 -35.77
CA GLY A 160 -1.17 -18.30 -35.68
C GLY A 160 -0.20 -17.13 -35.62
N LEU A 161 0.13 -16.59 -36.78
CA LEU A 161 1.12 -15.53 -36.91
C LEU A 161 0.67 -14.12 -36.45
N THR A 162 1.63 -13.38 -35.89
CA THR A 162 1.49 -11.99 -35.45
C THR A 162 1.55 -11.11 -36.72
N PRO A 163 0.90 -9.90 -36.77
CA PRO A 163 0.88 -9.13 -38.03
C PRO A 163 2.22 -8.58 -38.52
N ASN A 164 3.25 -8.69 -37.71
CA ASN A 164 4.59 -8.24 -38.07
C ASN A 164 5.41 -9.34 -38.77
N ARG A 165 4.87 -10.58 -38.85
CA ARG A 165 5.59 -11.71 -39.45
C ARG A 165 4.95 -12.23 -40.73
N GLY A 166 4.64 -11.31 -41.64
CA GLY A 166 4.08 -11.63 -42.95
C GLY A 166 5.02 -12.45 -43.80
N ASP A 167 6.32 -12.44 -43.44
CA ASP A 167 7.39 -13.19 -44.10
C ASP A 167 7.31 -14.70 -43.85
N CYS A 168 6.63 -15.12 -42.76
CA CYS A 168 6.45 -16.52 -42.42
C CYS A 168 5.20 -17.11 -43.06
N LEU A 169 4.55 -16.38 -43.99
CA LEU A 169 3.34 -16.86 -44.67
C LEU A 169 3.69 -17.78 -45.87
N SER A 170 4.79 -18.54 -45.74
CA SER A 170 5.34 -19.44 -46.75
C SER A 170 6.24 -20.45 -46.08
N LEU A 171 6.56 -21.52 -46.80
CA LEU A 171 7.51 -22.50 -46.29
C LEU A 171 8.92 -21.90 -46.33
N ALA A 172 9.18 -20.98 -47.29
CA ALA A 172 10.46 -20.28 -47.40
C ALA A 172 10.75 -19.44 -46.16
N GLY A 173 9.74 -18.70 -45.67
CA GLY A 173 9.84 -17.85 -44.50
C GLY A 173 9.99 -18.64 -43.22
N LEU A 174 9.19 -19.70 -43.08
CA LEU A 174 9.21 -20.60 -41.92
C LEU A 174 10.50 -21.41 -41.83
N ALA A 175 11.04 -21.90 -42.97
CA ALA A 175 12.29 -22.67 -42.99
C ALA A 175 13.47 -21.79 -42.62
N ARG A 176 13.41 -20.50 -43.01
CA ARG A 176 14.45 -19.52 -42.72
C ARG A 176 14.52 -19.30 -41.21
N GLU A 177 13.37 -19.32 -40.54
CA GLU A 177 13.27 -19.17 -39.10
C GLU A 177 13.90 -20.35 -38.42
N VAL A 178 13.51 -21.59 -38.80
CA VAL A 178 14.04 -22.83 -38.21
C VAL A 178 15.56 -22.88 -38.32
N SER A 179 16.10 -22.49 -39.50
CA SER A 179 17.55 -22.42 -39.72
C SER A 179 18.21 -21.42 -38.76
N ALA A 180 17.51 -20.30 -38.46
CA ALA A 180 17.96 -19.24 -37.56
C ALA A 180 17.94 -19.73 -36.11
N ILE A 181 16.78 -20.27 -35.64
CA ILE A 181 16.51 -20.79 -34.29
C ILE A 181 17.51 -21.84 -33.92
N TYR A 182 17.67 -22.83 -34.77
CA TYR A 182 18.49 -24.00 -34.50
C TYR A 182 19.91 -23.98 -35.03
N ASP A 183 20.34 -22.89 -35.71
CA ASP A 183 21.67 -22.80 -36.32
C ASP A 183 21.94 -24.03 -37.21
N VAL A 184 21.01 -24.29 -38.11
CA VAL A 184 21.11 -25.43 -39.01
C VAL A 184 21.17 -24.94 -40.47
N PRO A 185 21.99 -25.54 -41.39
CA PRO A 185 22.06 -25.01 -42.76
C PRO A 185 20.71 -25.01 -43.47
N LEU A 186 20.44 -23.91 -44.20
CA LEU A 186 19.20 -23.73 -44.96
C LEU A 186 19.42 -24.15 -46.41
N ALA A 187 18.69 -25.17 -46.86
CA ALA A 187 18.73 -25.72 -48.22
C ALA A 187 17.48 -25.27 -48.99
N PRO A 188 17.44 -24.02 -49.57
CA PRO A 188 16.23 -23.60 -50.30
C PRO A 188 16.12 -24.28 -51.65
N VAL A 189 14.93 -24.27 -52.22
CA VAL A 189 14.72 -24.85 -53.54
C VAL A 189 15.54 -24.01 -54.56
N ALA A 190 16.34 -24.70 -55.38
CA ALA A 190 17.17 -24.04 -56.38
C ALA A 190 16.26 -23.72 -57.58
N VAL A 191 15.99 -22.41 -57.77
CA VAL A 191 15.12 -21.92 -58.85
C VAL A 191 15.96 -21.35 -59.98
N ASP A 192 16.21 -22.18 -61.01
CA ASP A 192 16.97 -21.80 -62.20
C ASP A 192 16.01 -21.07 -63.14
N ALA A 193 16.55 -20.13 -63.92
CA ALA A 193 15.76 -19.40 -64.92
C ALA A 193 15.32 -20.35 -66.02
N VAL A 194 14.11 -20.12 -66.56
CA VAL A 194 13.55 -20.91 -67.65
C VAL A 194 13.81 -20.06 -68.91
N ALA A 195 14.58 -20.59 -69.85
CA ALA A 195 14.92 -19.92 -71.11
C ALA A 195 13.67 -19.80 -72.01
N ALA A 196 13.49 -18.60 -72.63
CA ALA A 196 12.39 -18.30 -73.54
C ALA A 196 12.51 -19.17 -74.81
N GLN A 197 11.43 -19.87 -75.14
CA GLN A 197 11.36 -20.72 -76.32
C GLN A 197 10.90 -19.88 -77.53
N HIS A 198 10.31 -18.69 -77.24
CA HIS A 198 9.82 -17.75 -78.26
C HIS A 198 9.94 -16.32 -77.77
N ASP A 199 9.49 -15.33 -78.57
CA ASP A 199 9.61 -13.92 -78.21
C ASP A 199 8.28 -13.18 -78.01
N GLU A 200 7.17 -13.95 -77.96
CA GLU A 200 5.85 -13.39 -77.73
C GLU A 200 5.72 -12.86 -76.29
N THR A 201 5.31 -11.59 -76.19
CA THR A 201 5.11 -10.86 -74.92
C THR A 201 3.81 -10.05 -75.01
N ARG A 202 3.39 -9.48 -73.86
CA ARG A 202 2.26 -8.57 -73.78
C ARG A 202 2.75 -7.32 -73.08
N PRO A 203 2.41 -6.11 -73.61
CA PRO A 203 2.87 -4.87 -72.95
C PRO A 203 2.25 -4.70 -71.58
N VAL A 204 3.01 -4.14 -70.65
CA VAL A 204 2.59 -3.92 -69.24
C VAL A 204 2.74 -2.41 -68.95
N GLU A 205 1.70 -1.79 -68.36
CA GLU A 205 1.74 -0.37 -68.02
C GLU A 205 1.52 -0.19 -66.52
N LEU A 206 2.44 0.54 -65.83
CA LEU A 206 2.30 0.86 -64.41
C LEU A 206 1.74 2.26 -64.33
N ALA A 207 0.41 2.38 -64.40
CA ALA A 207 -0.33 3.63 -64.33
C ALA A 207 -0.44 4.14 -62.89
N ALA A 208 -0.24 3.24 -61.89
CA ALA A 208 -0.23 3.56 -60.45
C ALA A 208 1.03 2.90 -59.86
N PRO A 209 2.22 3.53 -60.12
CA PRO A 209 3.48 2.91 -59.66
C PRO A 209 3.68 2.96 -58.15
N ALA A 210 2.93 3.86 -57.46
CA ALA A 210 3.00 3.99 -56.01
C ALA A 210 2.41 2.74 -55.36
N ALA A 211 1.26 2.24 -55.89
CA ALA A 211 0.57 1.05 -55.40
C ALA A 211 1.23 -0.26 -55.89
N CYS A 212 1.82 -0.22 -57.10
CA CYS A 212 2.52 -1.35 -57.69
C CYS A 212 3.84 -0.90 -58.30
N PRO A 213 4.94 -0.94 -57.52
CA PRO A 213 6.24 -0.51 -58.05
C PRO A 213 6.97 -1.58 -58.88
N ARG A 214 6.44 -2.81 -58.92
CA ARG A 214 7.02 -3.90 -59.71
C ARG A 214 5.94 -4.88 -60.12
N TYR A 215 5.88 -5.21 -61.42
CA TYR A 215 4.95 -6.15 -62.02
C TYR A 215 5.65 -6.96 -63.12
N LEU A 216 5.59 -8.30 -63.02
CA LEU A 216 6.17 -9.25 -63.97
C LEU A 216 5.08 -10.02 -64.70
N GLY A 217 5.22 -10.10 -66.02
CA GLY A 217 4.27 -10.78 -66.89
C GLY A 217 4.94 -11.67 -67.90
N ARG A 218 4.38 -12.88 -68.11
CA ARG A 218 4.97 -13.85 -69.02
C ARG A 218 3.90 -14.62 -69.77
N VAL A 219 4.12 -14.77 -71.10
CA VAL A 219 3.25 -15.50 -72.01
C VAL A 219 3.74 -16.96 -72.06
N ILE A 220 2.82 -17.90 -71.81
CA ILE A 220 3.10 -19.35 -71.90
C ILE A 220 2.11 -19.97 -72.90
N ARG A 221 2.62 -20.37 -74.06
CA ARG A 221 1.76 -20.87 -75.13
C ARG A 221 1.59 -22.36 -75.21
N ASN A 222 0.41 -22.77 -75.67
CA ASN A 222 -0.03 -24.13 -75.97
C ASN A 222 0.17 -25.11 -74.81
N VAL A 223 -0.70 -24.92 -73.80
CA VAL A 223 -0.80 -25.69 -72.56
C VAL A 223 -1.93 -26.70 -72.65
N ASP A 224 -1.68 -27.94 -72.17
CA ASP A 224 -2.67 -29.03 -72.12
C ASP A 224 -3.27 -29.06 -70.71
N LEU A 225 -4.41 -28.37 -70.55
CA LEU A 225 -5.09 -28.23 -69.25
C LEU A 225 -5.88 -29.48 -68.81
N SER A 226 -5.94 -30.49 -69.69
CA SER A 226 -6.58 -31.77 -69.43
C SER A 226 -5.66 -32.58 -68.50
N ARG A 227 -4.33 -32.32 -68.59
CA ARG A 227 -3.27 -32.98 -67.82
C ARG A 227 -3.48 -32.78 -66.29
N PRO A 228 -3.16 -33.78 -65.43
CA PRO A 228 -3.46 -33.62 -64.00
C PRO A 228 -2.40 -33.00 -63.13
N THR A 229 -2.82 -32.43 -61.99
CA THR A 229 -1.89 -31.90 -60.99
C THR A 229 -1.18 -33.12 -60.35
N PRO A 230 0.18 -33.12 -60.29
CA PRO A 230 0.88 -34.27 -59.68
C PRO A 230 0.55 -34.43 -58.21
N LEU A 231 0.63 -35.68 -57.74
CA LEU A 231 0.30 -36.04 -56.36
C LEU A 231 1.13 -35.32 -55.30
N TRP A 232 2.43 -35.12 -55.55
CA TRP A 232 3.28 -34.43 -54.59
C TRP A 232 2.78 -33.01 -54.34
N MET A 233 2.30 -32.30 -55.41
CA MET A 233 1.77 -30.95 -55.29
C MET A 233 0.43 -30.95 -54.58
N VAL A 234 -0.47 -31.85 -55.00
CA VAL A 234 -1.81 -32.02 -54.39
C VAL A 234 -1.66 -32.21 -52.88
N GLU A 235 -0.77 -33.14 -52.48
CA GLU A 235 -0.52 -33.45 -51.08
C GLU A 235 0.05 -32.28 -50.31
N ARG A 236 1.09 -31.61 -50.87
CA ARG A 236 1.70 -30.41 -50.28
C ARG A 236 0.67 -29.30 -50.04
N LEU A 237 -0.24 -29.06 -50.99
CA LEU A 237 -1.30 -28.06 -50.85
C LEU A 237 -2.32 -28.52 -49.82
N ARG A 238 -2.75 -29.80 -49.87
CA ARG A 238 -3.72 -30.42 -48.95
C ARG A 238 -3.26 -30.29 -47.48
N ARG A 239 -1.95 -30.49 -47.28
CA ARG A 239 -1.25 -30.35 -46.00
C ARG A 239 -1.05 -28.89 -45.54
N SER A 240 -1.54 -27.93 -46.32
CA SER A 240 -1.50 -26.50 -46.02
C SER A 240 -2.92 -25.94 -46.12
N ASP A 241 -3.90 -26.86 -46.18
CA ASP A 241 -5.36 -26.64 -46.27
C ASP A 241 -5.78 -25.99 -47.58
N ILE A 242 -5.10 -26.35 -48.67
CA ILE A 242 -5.42 -25.80 -49.98
C ILE A 242 -5.93 -26.92 -50.87
N ARG A 243 -7.20 -26.78 -51.29
CA ARG A 243 -7.90 -27.75 -52.12
C ARG A 243 -7.37 -27.67 -53.57
N SER A 244 -7.14 -28.84 -54.20
CA SER A 244 -6.71 -28.93 -55.59
C SER A 244 -7.91 -28.62 -56.49
N ILE A 245 -7.80 -27.61 -57.38
CA ILE A 245 -8.93 -27.20 -58.24
C ILE A 245 -8.62 -27.55 -59.71
N ASP A 246 -7.49 -27.07 -60.23
CA ASP A 246 -7.00 -27.26 -61.59
C ASP A 246 -5.48 -27.02 -61.61
N PRO A 247 -4.72 -27.65 -62.54
CA PRO A 247 -3.27 -27.49 -62.52
C PRO A 247 -2.74 -26.06 -62.38
N VAL A 248 -3.24 -25.12 -63.20
CA VAL A 248 -2.80 -23.73 -63.23
C VAL A 248 -3.01 -23.01 -61.89
N VAL A 249 -4.20 -23.13 -61.27
CA VAL A 249 -4.44 -22.48 -59.97
C VAL A 249 -3.60 -23.13 -58.88
N ASP A 250 -3.47 -24.46 -58.97
CA ASP A 250 -2.69 -25.28 -58.08
C ASP A 250 -1.21 -24.86 -58.07
N VAL A 251 -0.64 -24.52 -59.24
CA VAL A 251 0.76 -24.05 -59.33
C VAL A 251 0.91 -22.69 -58.68
N THR A 252 0.05 -21.70 -59.05
CA THR A 252 0.14 -20.33 -58.51
C THR A 252 -0.11 -20.32 -56.99
N ASN A 253 -0.92 -21.29 -56.48
CA ASN A 253 -1.15 -21.44 -55.05
C ASN A 253 0.09 -22.09 -54.45
N TYR A 254 0.60 -23.17 -55.07
CA TYR A 254 1.81 -23.86 -54.61
C TYR A 254 3.01 -22.90 -54.45
N VAL A 255 3.30 -22.10 -55.49
CA VAL A 255 4.38 -21.11 -55.49
C VAL A 255 4.17 -20.07 -54.33
N MET A 256 2.92 -19.62 -54.13
CA MET A 256 2.58 -18.68 -53.07
C MET A 256 2.84 -19.29 -51.67
N ILE A 257 2.50 -20.58 -51.49
CA ILE A 257 2.69 -21.28 -50.22
C ILE A 257 4.13 -21.78 -50.05
N GLU A 258 4.89 -22.00 -51.14
CA GLU A 258 6.29 -22.43 -51.08
C GLU A 258 7.22 -21.23 -50.87
N LEU A 259 7.08 -20.17 -51.71
CA LEU A 259 7.97 -18.99 -51.65
C LEU A 259 7.39 -17.77 -50.96
N GLY A 260 6.06 -17.62 -50.99
CA GLY A 260 5.36 -16.51 -50.37
C GLY A 260 4.90 -15.42 -51.31
N GLN A 261 5.00 -15.71 -52.63
CA GLN A 261 4.61 -14.79 -53.70
C GLN A 261 3.27 -15.19 -54.28
N PRO A 262 2.19 -14.43 -53.98
CA PRO A 262 0.91 -14.73 -54.61
C PRO A 262 1.04 -14.47 -56.11
N MET A 263 0.57 -15.44 -56.91
CA MET A 263 0.63 -15.36 -58.36
C MET A 263 -0.70 -15.63 -58.99
N HIS A 264 -0.86 -15.21 -60.26
CA HIS A 264 -2.09 -15.38 -61.01
C HIS A 264 -1.83 -15.69 -62.47
N ALA A 265 -2.70 -16.50 -63.10
CA ALA A 265 -2.68 -16.79 -64.53
C ALA A 265 -4.02 -16.38 -65.15
N PHE A 266 -3.94 -15.67 -66.27
CA PHE A 266 -5.08 -15.23 -67.05
C PHE A 266 -5.06 -16.05 -68.34
N ASP A 267 -6.23 -16.21 -68.98
CA ASP A 267 -6.33 -16.84 -70.29
C ASP A 267 -5.83 -15.72 -71.22
N LEU A 268 -4.69 -15.94 -71.92
CA LEU A 268 -4.07 -14.94 -72.79
C LEU A 268 -5.08 -14.26 -73.72
N ALA A 269 -6.08 -15.05 -74.18
CA ALA A 269 -7.17 -14.66 -75.07
C ALA A 269 -8.06 -13.58 -74.47
N GLU A 270 -8.10 -13.52 -73.13
CA GLU A 270 -8.92 -12.57 -72.38
C GLU A 270 -8.22 -11.22 -72.17
N ILE A 271 -6.93 -11.13 -72.54
CA ILE A 271 -6.14 -9.91 -72.42
C ILE A 271 -6.18 -9.15 -73.72
N ASN A 272 -6.90 -8.01 -73.69
CA ASN A 272 -7.08 -7.14 -74.84
C ASN A 272 -6.07 -6.01 -74.78
N GLY A 273 -5.04 -6.13 -75.62
CA GLY A 273 -3.97 -5.17 -75.81
C GLY A 273 -3.04 -4.93 -74.64
N GLY A 274 -2.60 -5.99 -73.97
CA GLY A 274 -1.69 -5.85 -72.84
C GLY A 274 -2.29 -5.34 -71.55
N VAL A 275 -1.54 -5.56 -70.45
CA VAL A 275 -1.87 -5.24 -69.05
C VAL A 275 -1.69 -3.75 -68.72
N ARG A 276 -2.67 -3.17 -68.02
CA ARG A 276 -2.67 -1.79 -67.52
C ARG A 276 -2.96 -1.90 -66.01
N VAL A 277 -1.94 -1.67 -65.18
CA VAL A 277 -2.02 -1.71 -63.71
C VAL A 277 -2.35 -0.28 -63.30
N ARG A 278 -3.63 -0.04 -62.98
CA ARG A 278 -4.18 1.29 -62.69
C ARG A 278 -5.20 1.29 -61.57
N MET A 279 -5.53 2.50 -61.08
CA MET A 279 -6.59 2.64 -60.08
C MET A 279 -7.91 2.51 -60.81
N ALA A 280 -8.89 1.94 -60.12
CA ALA A 280 -10.25 1.77 -60.63
C ALA A 280 -10.93 3.14 -60.75
N GLU A 281 -11.90 3.26 -61.66
CA GLU A 281 -12.68 4.49 -61.81
C GLU A 281 -13.88 4.35 -60.83
N ASP A 282 -14.38 5.50 -60.27
CA ASP A 282 -15.51 5.47 -59.33
C ASP A 282 -16.77 4.90 -60.04
N GLY A 283 -17.30 3.82 -59.46
CA GLY A 283 -18.45 3.10 -59.98
C GLY A 283 -18.10 2.08 -61.06
N GLU A 284 -16.83 1.69 -61.15
CA GLU A 284 -16.42 0.67 -62.12
C GLU A 284 -16.90 -0.66 -61.57
N LYS A 285 -17.58 -1.44 -62.39
CA LYS A 285 -18.13 -2.72 -61.93
C LYS A 285 -17.32 -3.89 -62.43
N LEU A 286 -17.04 -4.83 -61.53
CA LEU A 286 -16.31 -6.06 -61.86
C LEU A 286 -16.97 -7.28 -61.23
N VAL A 287 -17.13 -8.35 -62.00
CA VAL A 287 -17.67 -9.60 -61.50
C VAL A 287 -16.44 -10.47 -61.19
N LEU A 288 -16.34 -10.93 -59.95
CA LEU A 288 -15.21 -11.76 -59.54
C LEU A 288 -15.34 -13.20 -60.00
N LEU A 289 -14.27 -14.02 -59.83
CA LEU A 289 -14.32 -15.42 -60.28
C LEU A 289 -15.38 -16.23 -59.51
N ASP A 290 -15.74 -15.77 -58.29
CA ASP A 290 -16.77 -16.35 -57.44
C ASP A 290 -18.22 -15.90 -57.81
N GLY A 291 -18.33 -14.94 -58.74
CA GLY A 291 -19.60 -14.40 -59.20
C GLY A 291 -20.06 -13.11 -58.55
N GLN A 292 -19.38 -12.66 -57.48
CA GLN A 292 -19.73 -11.43 -56.77
C GLN A 292 -19.54 -10.20 -57.67
N GLU A 293 -20.58 -9.34 -57.78
CA GLU A 293 -20.47 -8.13 -58.60
C GLU A 293 -20.10 -6.93 -57.74
N ILE A 294 -18.81 -6.58 -57.75
CA ILE A 294 -18.27 -5.50 -56.95
C ILE A 294 -18.32 -4.15 -57.68
N THR A 295 -18.72 -3.10 -56.96
CA THR A 295 -18.77 -1.73 -57.45
C THR A 295 -17.63 -0.98 -56.79
N LEU A 296 -16.60 -0.69 -57.59
CA LEU A 296 -15.32 -0.12 -57.18
C LEU A 296 -15.24 1.38 -56.92
N ARG A 297 -14.31 1.72 -56.01
CA ARG A 297 -13.90 3.06 -55.57
C ARG A 297 -12.54 3.38 -56.21
N ALA A 298 -12.26 4.69 -56.43
CA ALA A 298 -11.03 5.21 -57.04
C ALA A 298 -9.73 4.89 -56.26
N ASP A 299 -9.86 4.53 -54.98
CA ASP A 299 -8.73 4.20 -54.10
C ASP A 299 -8.27 2.75 -54.23
N THR A 300 -8.89 1.99 -55.13
CA THR A 300 -8.60 0.57 -55.31
C THR A 300 -7.79 0.32 -56.55
N LEU A 301 -6.68 -0.41 -56.39
CA LEU A 301 -5.84 -0.78 -57.51
C LEU A 301 -6.41 -2.04 -58.17
N VAL A 302 -6.53 -1.96 -59.49
CA VAL A 302 -7.03 -3.03 -60.33
C VAL A 302 -6.02 -3.39 -61.40
N ILE A 303 -6.05 -4.67 -61.81
CA ILE A 303 -5.27 -5.14 -62.93
C ILE A 303 -6.33 -5.14 -64.03
N ALA A 304 -6.09 -4.32 -65.06
CA ALA A 304 -6.98 -4.12 -66.18
C ALA A 304 -6.23 -4.38 -67.48
N ASP A 305 -6.96 -4.38 -68.61
CA ASP A 305 -6.37 -4.46 -69.95
C ASP A 305 -6.72 -3.12 -70.64
N HIS A 306 -6.72 -3.06 -71.98
CA HIS A 306 -7.02 -1.82 -72.67
C HIS A 306 -8.52 -1.55 -72.80
N GLN A 307 -9.35 -2.58 -72.53
CA GLN A 307 -10.80 -2.54 -72.63
C GLN A 307 -11.55 -2.47 -71.29
N ARG A 308 -11.08 -3.22 -70.25
CA ARG A 308 -11.76 -3.34 -68.94
C ARG A 308 -10.87 -3.80 -67.77
N ALA A 309 -11.39 -3.69 -66.52
CA ALA A 309 -10.75 -4.20 -65.31
C ALA A 309 -10.84 -5.75 -65.33
N LEU A 310 -9.73 -6.43 -65.10
CA LEU A 310 -9.63 -7.89 -65.14
C LEU A 310 -9.67 -8.54 -63.77
N ALA A 311 -9.21 -7.81 -62.71
CA ALA A 311 -9.10 -8.30 -61.33
C ALA A 311 -8.87 -7.17 -60.35
N ILE A 312 -9.14 -7.41 -59.05
CA ILE A 312 -8.84 -6.44 -58.01
C ILE A 312 -7.44 -6.83 -57.53
N ALA A 313 -6.46 -6.00 -57.89
CA ALA A 313 -5.02 -6.18 -57.65
C ALA A 313 -4.65 -6.65 -56.26
N GLY A 314 -4.01 -7.82 -56.26
CA GLY A 314 -3.53 -8.52 -55.09
C GLY A 314 -4.55 -9.25 -54.25
N VAL A 315 -5.85 -9.17 -54.59
CA VAL A 315 -6.88 -9.78 -53.77
C VAL A 315 -7.62 -10.88 -54.55
N MET A 316 -8.30 -10.53 -55.68
CA MET A 316 -9.05 -11.53 -56.43
C MET A 316 -9.23 -11.23 -57.90
N GLY A 317 -9.17 -12.31 -58.69
CA GLY A 317 -9.37 -12.29 -60.13
C GLY A 317 -10.83 -12.22 -60.54
N GLY A 318 -11.04 -11.69 -61.75
CA GLY A 318 -12.36 -11.58 -62.36
C GLY A 318 -12.72 -12.87 -63.08
N GLU A 319 -14.03 -13.02 -63.33
CA GLU A 319 -14.64 -14.18 -63.97
C GLU A 319 -14.16 -14.36 -65.41
N HIS A 320 -14.35 -13.29 -66.19
CA HIS A 320 -14.02 -13.21 -67.61
C HIS A 320 -12.54 -13.51 -67.91
N SER A 321 -11.62 -12.89 -67.16
CA SER A 321 -10.17 -13.00 -67.35
C SER A 321 -9.52 -14.36 -66.98
N GLY A 322 -10.12 -15.11 -66.05
CA GLY A 322 -9.59 -16.40 -65.60
C GLY A 322 -9.59 -17.54 -66.61
N VAL A 323 -8.88 -18.63 -66.26
CA VAL A 323 -8.68 -19.85 -67.05
C VAL A 323 -9.98 -20.69 -67.16
N SER A 324 -10.25 -21.28 -68.35
CA SER A 324 -11.44 -22.09 -68.66
C SER A 324 -11.10 -23.41 -69.39
N ASP A 325 -12.11 -24.09 -69.97
CA ASP A 325 -11.92 -25.34 -70.74
C ASP A 325 -11.29 -25.02 -72.10
N SER A 326 -11.69 -23.88 -72.69
CA SER A 326 -11.20 -23.36 -73.97
C SER A 326 -9.72 -22.91 -73.95
N THR A 327 -9.18 -22.48 -72.76
CA THR A 327 -7.80 -21.98 -72.56
C THR A 327 -6.70 -22.86 -73.19
N ARG A 328 -5.89 -22.24 -74.06
CA ARG A 328 -4.76 -22.88 -74.73
C ARG A 328 -3.46 -22.15 -74.38
N ASP A 329 -3.57 -20.84 -74.09
CA ASP A 329 -2.43 -19.96 -73.78
C ASP A 329 -2.64 -19.19 -72.48
N LEU A 330 -1.55 -19.04 -71.71
CA LEU A 330 -1.59 -18.35 -70.42
C LEU A 330 -0.78 -17.08 -70.42
N PHE A 331 -1.06 -16.23 -69.44
CA PHE A 331 -0.32 -15.02 -69.15
C PHE A 331 -0.16 -14.99 -67.65
N LEU A 332 1.05 -15.32 -67.19
CA LEU A 332 1.37 -15.33 -65.76
C LEU A 332 1.64 -13.94 -65.24
N GLU A 333 1.29 -13.73 -63.97
CA GLU A 333 1.49 -12.50 -63.22
C GLU A 333 2.12 -12.76 -61.82
N ALA A 334 3.18 -12.00 -61.51
CA ALA A 334 3.88 -11.97 -60.24
C ALA A 334 4.21 -10.47 -60.03
N ALA A 335 3.71 -9.86 -58.93
CA ALA A 335 3.92 -8.44 -58.68
C ALA A 335 4.15 -8.06 -57.19
N PHE A 336 4.68 -6.85 -56.96
CA PHE A 336 4.80 -6.29 -55.64
C PHE A 336 3.78 -5.17 -55.57
N PHE A 337 2.90 -5.29 -54.57
CA PHE A 337 1.87 -4.34 -54.25
C PHE A 337 2.24 -3.73 -52.89
N ASP A 338 2.20 -2.39 -52.79
CA ASP A 338 2.52 -1.64 -51.58
C ASP A 338 1.50 -2.01 -50.46
N THR A 339 2.02 -2.35 -49.27
CA THR A 339 1.23 -2.73 -48.09
C THR A 339 0.22 -1.65 -47.66
N ILE A 340 0.63 -0.37 -47.73
CA ILE A 340 -0.15 0.82 -47.37
C ILE A 340 -1.33 0.97 -48.30
N ALA A 341 -1.09 0.85 -49.61
CA ALA A 341 -2.08 0.99 -50.68
C ALA A 341 -3.15 -0.08 -50.62
N LEU A 342 -2.81 -1.28 -50.08
CA LEU A 342 -3.71 -2.42 -50.00
C LEU A 342 -4.43 -2.57 -48.68
N ALA A 343 -3.85 -1.98 -47.63
CA ALA A 343 -4.36 -2.01 -46.26
C ALA A 343 -5.88 -1.78 -46.17
N GLY A 344 -6.60 -2.84 -45.78
CA GLY A 344 -8.03 -2.86 -45.56
C GLY A 344 -8.91 -2.85 -46.78
N LYS A 345 -8.32 -2.82 -47.98
CA LYS A 345 -9.08 -2.76 -49.23
C LYS A 345 -9.91 -4.01 -49.49
N ALA A 346 -9.37 -5.22 -49.20
CA ALA A 346 -10.14 -6.46 -49.44
C ALA A 346 -11.34 -6.50 -48.51
N ARG A 347 -11.15 -6.17 -47.22
CA ARG A 347 -12.19 -6.11 -46.19
C ARG A 347 -13.29 -5.11 -46.55
N SER A 348 -12.91 -3.96 -47.17
CA SER A 348 -13.85 -2.91 -47.54
C SER A 348 -14.86 -3.35 -48.62
N TYR A 349 -14.58 -4.46 -49.33
CA TYR A 349 -15.48 -5.05 -50.33
C TYR A 349 -16.04 -6.38 -49.79
N GLY A 350 -15.75 -6.66 -48.52
CA GLY A 350 -16.18 -7.88 -47.85
C GLY A 350 -15.47 -9.12 -48.34
N LEU A 351 -14.16 -8.99 -48.64
CA LEU A 351 -13.33 -10.08 -49.13
C LEU A 351 -12.06 -10.31 -48.29
N HIS A 352 -11.53 -11.55 -48.31
CA HIS A 352 -10.29 -11.97 -47.65
C HIS A 352 -9.80 -13.18 -48.39
N THR A 353 -8.59 -13.08 -48.96
CA THR A 353 -7.93 -14.14 -49.73
C THR A 353 -6.49 -14.36 -49.20
N ASP A 354 -5.85 -15.47 -49.61
CA ASP A 354 -4.48 -15.78 -49.23
C ASP A 354 -3.54 -14.77 -49.88
N SER A 355 -3.96 -14.24 -51.01
CA SER A 355 -3.22 -13.22 -51.74
C SER A 355 -3.35 -11.92 -51.01
N SER A 356 -4.60 -11.47 -50.75
CA SER A 356 -4.87 -10.21 -50.03
C SER A 356 -4.13 -10.12 -48.71
N HIS A 357 -4.18 -11.22 -47.93
CA HIS A 357 -3.53 -11.30 -46.63
C HIS A 357 -2.03 -11.08 -46.71
N ARG A 358 -1.36 -11.83 -47.59
CA ARG A 358 0.09 -11.76 -47.79
C ARG A 358 0.57 -10.40 -48.24
N PHE A 359 -0.11 -9.78 -49.22
CA PHE A 359 0.27 -8.46 -49.73
C PHE A 359 0.07 -7.36 -48.68
N GLU A 360 -0.99 -7.47 -47.86
CA GLU A 360 -1.30 -6.49 -46.81
C GLU A 360 -0.25 -6.56 -45.70
N ARG A 361 0.14 -7.79 -45.35
CA ARG A 361 1.13 -8.16 -44.34
C ARG A 361 2.59 -7.97 -44.87
N GLY A 362 2.73 -7.82 -46.19
CA GLY A 362 4.02 -7.62 -46.85
C GLY A 362 4.59 -8.83 -47.56
N VAL A 363 4.80 -8.69 -48.87
CA VAL A 363 5.42 -9.71 -49.74
C VAL A 363 6.79 -9.16 -50.15
N ASP A 364 7.86 -9.98 -50.04
CA ASP A 364 9.23 -9.63 -50.40
C ASP A 364 9.23 -8.92 -51.78
N SER A 365 9.62 -7.63 -51.80
CA SER A 365 9.62 -6.77 -52.98
C SER A 365 10.60 -7.21 -54.09
N GLN A 366 11.48 -8.19 -53.83
CA GLN A 366 12.44 -8.65 -54.83
C GLN A 366 12.13 -10.07 -55.36
N LEU A 367 11.19 -10.76 -54.70
CA LEU A 367 10.80 -12.15 -54.92
C LEU A 367 10.11 -12.46 -56.25
N ALA A 368 9.32 -11.52 -56.82
CA ALA A 368 8.55 -11.69 -58.07
C ALA A 368 9.26 -12.52 -59.17
N ARG A 369 10.57 -12.25 -59.42
CA ARG A 369 11.35 -12.93 -60.45
C ARG A 369 11.57 -14.43 -60.18
N LYS A 370 12.02 -14.80 -58.96
CA LYS A 370 12.27 -16.17 -58.52
C LYS A 370 10.98 -16.96 -58.62
N ALA A 371 9.87 -16.37 -58.17
CA ALA A 371 8.54 -16.98 -58.23
C ALA A 371 8.05 -17.21 -59.67
N MET A 372 8.24 -16.21 -60.54
CA MET A 372 7.88 -16.29 -61.95
C MET A 372 8.62 -17.45 -62.64
N GLU A 373 9.95 -17.62 -62.36
CA GLU A 373 10.76 -18.71 -62.92
C GLU A 373 10.30 -20.06 -62.36
N ARG A 374 9.99 -20.12 -61.07
CA ARG A 374 9.51 -21.31 -60.38
C ARG A 374 8.17 -21.77 -60.96
N ALA A 375 7.21 -20.83 -61.14
CA ALA A 375 5.90 -21.14 -61.67
C ALA A 375 6.00 -21.62 -63.13
N THR A 376 6.91 -21.00 -63.90
CA THR A 376 7.12 -21.36 -65.30
C THR A 376 7.55 -22.82 -65.41
N ARG A 377 8.59 -23.25 -64.64
CA ARG A 377 9.08 -24.63 -64.65
C ARG A 377 7.96 -25.64 -64.34
N LEU A 378 7.20 -25.35 -63.29
CA LEU A 378 6.09 -26.18 -62.81
C LEU A 378 4.99 -26.25 -63.84
N ILE A 379 4.61 -25.11 -64.43
CA ILE A 379 3.59 -25.11 -65.49
C ILE A 379 4.04 -26.00 -66.64
N LEU A 380 5.29 -25.86 -67.13
CA LEU A 380 5.82 -26.64 -68.24
C LEU A 380 5.89 -28.13 -67.93
N ASP A 381 6.22 -28.45 -66.69
CA ASP A 381 6.33 -29.84 -66.20
C ASP A 381 4.94 -30.46 -66.02
N ILE A 382 3.92 -29.64 -65.69
CA ILE A 382 2.56 -30.14 -65.42
C ILE A 382 1.64 -30.15 -66.66
N VAL A 383 1.60 -29.02 -67.41
CA VAL A 383 0.70 -28.84 -68.56
C VAL A 383 1.43 -28.59 -69.89
N GLY A 384 2.76 -28.56 -69.84
CA GLY A 384 3.59 -28.32 -71.02
C GLY A 384 3.53 -26.87 -71.47
N GLY A 385 3.87 -26.65 -72.73
CA GLY A 385 3.83 -25.30 -73.30
C GLY A 385 5.19 -24.72 -73.62
N GLU A 386 5.16 -23.53 -74.23
CA GLU A 386 6.36 -22.81 -74.64
C GLU A 386 6.45 -21.46 -73.92
N PRO A 387 7.49 -21.25 -73.11
CA PRO A 387 7.60 -19.98 -72.39
C PRO A 387 8.12 -18.84 -73.27
N GLY A 388 7.58 -17.66 -73.07
CA GLY A 388 8.03 -16.46 -73.74
C GLY A 388 8.98 -15.76 -72.81
N PRO A 389 9.51 -14.57 -73.17
CA PRO A 389 10.40 -13.86 -72.21
C PRO A 389 9.58 -13.17 -71.11
N ILE A 390 10.20 -12.97 -69.94
CA ILE A 390 9.56 -12.24 -68.85
C ILE A 390 9.57 -10.73 -69.19
N VAL A 391 8.43 -10.06 -68.93
CA VAL A 391 8.24 -8.61 -69.07
C VAL A 391 8.24 -8.06 -67.64
N GLU A 392 9.29 -7.34 -67.27
CA GLU A 392 9.40 -6.73 -65.94
C GLU A 392 9.24 -5.22 -66.08
N GLN A 393 8.18 -4.70 -65.47
CA GLN A 393 7.92 -3.28 -65.41
C GLN A 393 8.18 -2.89 -63.96
N VAL A 394 9.10 -1.94 -63.71
CA VAL A 394 9.48 -1.54 -62.35
C VAL A 394 9.75 -0.01 -62.20
N SER A 395 9.29 0.57 -61.05
CA SER A 395 9.50 1.97 -60.69
C SER A 395 10.38 2.02 -59.46
N GLU A 396 11.69 2.27 -59.68
CA GLU A 396 12.69 2.32 -58.61
C GLU A 396 12.36 3.34 -57.53
N ALA A 397 11.91 4.55 -57.92
CA ALA A 397 11.55 5.63 -56.99
C ALA A 397 10.39 5.30 -56.04
N HIS A 398 9.56 4.31 -56.40
CA HIS A 398 8.40 3.87 -55.60
C HIS A 398 8.63 2.56 -54.84
N LEU A 399 9.77 1.89 -55.07
CA LEU A 399 10.15 0.65 -54.40
C LEU A 399 10.37 0.90 -52.88
N PRO A 400 10.03 -0.07 -51.99
CA PRO A 400 10.26 0.16 -50.54
C PRO A 400 11.73 0.07 -50.13
N LYS A 401 12.19 0.99 -49.25
CA LYS A 401 13.60 1.06 -48.80
C LYS A 401 13.73 1.27 -47.30
N VAL A 402 14.61 0.48 -46.64
CA VAL A 402 14.91 0.59 -45.20
C VAL A 402 16.39 1.00 -45.03
N ALA A 403 16.62 2.20 -44.49
CA ALA A 403 17.97 2.70 -44.23
C ALA A 403 18.72 1.79 -43.24
N PRO A 404 20.05 1.56 -43.39
CA PRO A 404 20.77 0.71 -42.41
C PRO A 404 20.66 1.24 -40.97
N ILE A 405 20.56 0.30 -40.03
CA ILE A 405 20.40 0.55 -38.60
C ILE A 405 21.72 0.40 -37.86
N THR A 406 22.04 1.34 -36.96
CA THR A 406 23.21 1.21 -36.09
C THR A 406 22.80 0.52 -34.78
N LEU A 407 23.34 -0.68 -34.56
CA LEU A 407 23.11 -1.48 -33.36
C LEU A 407 24.31 -1.37 -32.45
N ARG A 408 24.08 -1.01 -31.17
CA ARG A 408 25.12 -0.86 -30.13
C ARG A 408 25.03 -1.98 -29.11
N ALA A 409 26.15 -2.68 -28.87
CA ALA A 409 26.24 -3.79 -27.90
C ALA A 409 25.82 -3.40 -26.46
N GLU A 410 26.11 -2.13 -26.05
CA GLU A 410 25.79 -1.59 -24.73
C GLU A 410 24.29 -1.59 -24.49
N ARG A 411 23.53 -1.26 -25.58
CA ARG A 411 22.07 -1.21 -25.58
C ARG A 411 21.48 -2.60 -25.47
N VAL A 412 22.14 -3.62 -26.08
CA VAL A 412 21.68 -5.02 -26.00
C VAL A 412 21.80 -5.49 -24.56
N THR A 413 22.99 -5.26 -23.94
CA THR A 413 23.29 -5.60 -22.54
C THR A 413 22.27 -4.93 -21.61
N GLN A 414 22.07 -3.60 -21.76
CA GLN A 414 21.14 -2.80 -20.99
C GLN A 414 19.74 -3.40 -20.97
N MET A 415 19.14 -3.56 -22.14
CA MET A 415 17.80 -4.07 -22.40
C MET A 415 17.59 -5.52 -21.92
N LEU A 416 18.55 -6.41 -22.18
CA LEU A 416 18.47 -7.84 -21.84
C LEU A 416 18.89 -8.16 -20.41
N GLY A 417 19.61 -7.25 -19.78
CA GLY A 417 20.10 -7.45 -18.43
C GLY A 417 21.30 -8.38 -18.38
N MET A 418 21.87 -8.67 -19.56
CA MET A 418 23.04 -9.54 -19.73
C MET A 418 23.77 -9.26 -21.05
N PRO A 419 25.11 -9.36 -21.07
CA PRO A 419 25.82 -9.12 -22.33
C PRO A 419 25.88 -10.35 -23.23
N LEU A 420 25.73 -10.12 -24.55
CA LEU A 420 25.86 -11.14 -25.57
C LEU A 420 27.17 -10.91 -26.34
N ASP A 421 27.88 -12.02 -26.68
CA ASP A 421 29.16 -11.93 -27.41
C ASP A 421 28.92 -11.43 -28.84
N ALA A 422 29.89 -10.66 -29.37
CA ALA A 422 29.82 -10.10 -30.72
C ALA A 422 29.57 -11.19 -31.77
N ALA A 423 30.20 -12.38 -31.61
CA ALA A 423 30.07 -13.54 -32.50
C ALA A 423 28.65 -14.08 -32.43
N GLU A 424 28.04 -14.09 -31.23
CA GLU A 424 26.67 -14.55 -31.03
C GLU A 424 25.71 -13.57 -31.70
N ILE A 425 25.88 -12.25 -31.46
CA ILE A 425 25.08 -11.19 -32.05
C ILE A 425 25.11 -11.31 -33.60
N VAL A 426 26.32 -11.37 -34.17
CA VAL A 426 26.52 -11.51 -35.60
C VAL A 426 25.88 -12.80 -36.10
N ARG A 427 26.23 -13.98 -35.52
CA ARG A 427 25.68 -15.25 -36.00
C ARG A 427 24.19 -15.27 -36.07
N LEU A 428 23.54 -14.81 -34.96
CA LEU A 428 22.09 -14.75 -34.85
C LEU A 428 21.47 -13.86 -35.91
N LEU A 429 21.89 -12.57 -36.01
CA LEU A 429 21.35 -11.65 -37.01
C LEU A 429 21.59 -12.09 -38.49
N GLN A 430 22.76 -12.68 -38.78
CA GLN A 430 23.07 -13.15 -40.14
C GLN A 430 22.10 -14.27 -40.59
N ALA A 431 21.66 -15.11 -39.64
CA ALA A 431 20.74 -16.23 -39.86
C ALA A 431 19.36 -15.74 -40.27
N LEU A 432 19.00 -14.51 -39.87
CA LEU A 432 17.77 -13.83 -40.21
C LEU A 432 17.95 -13.06 -41.52
N GLU A 433 19.14 -13.21 -42.16
CA GLU A 433 19.57 -12.62 -43.43
C GLU A 433 19.82 -11.10 -43.32
N LEU A 434 20.19 -10.67 -42.12
CA LEU A 434 20.52 -9.27 -41.89
C LEU A 434 22.00 -9.08 -42.27
N THR A 435 22.30 -7.88 -42.80
CA THR A 435 23.64 -7.52 -43.24
C THR A 435 24.34 -6.77 -42.13
N VAL A 436 25.04 -7.55 -41.28
CA VAL A 436 25.81 -7.09 -40.12
C VAL A 436 27.24 -6.77 -40.57
N VAL A 437 27.67 -5.55 -40.27
CA VAL A 437 29.03 -5.08 -40.58
C VAL A 437 29.49 -4.19 -39.44
N ALA A 438 30.70 -4.46 -38.89
CA ALA A 438 31.27 -3.71 -37.79
C ALA A 438 31.40 -2.22 -38.12
N ASP A 439 31.06 -1.37 -37.14
CA ASP A 439 31.06 0.09 -37.23
C ASP A 439 31.78 0.65 -35.98
N GLY A 440 33.03 0.21 -35.82
CA GLY A 440 33.87 0.57 -34.68
C GLY A 440 33.71 -0.44 -33.55
N GLU A 441 34.10 -0.03 -32.34
CA GLU A 441 34.02 -0.88 -31.14
C GLU A 441 32.63 -0.91 -30.54
N GLY A 442 32.11 -2.14 -30.39
CA GLY A 442 30.82 -2.46 -29.82
C GLY A 442 29.65 -1.76 -30.47
N GLN A 443 29.66 -1.71 -31.82
CA GLN A 443 28.66 -1.07 -32.69
C GLN A 443 28.74 -1.71 -34.08
N TRP A 444 27.60 -1.86 -34.75
CA TRP A 444 27.48 -2.42 -36.11
C TRP A 444 26.51 -1.62 -36.94
N SER A 445 26.58 -1.78 -38.27
CA SER A 445 25.60 -1.26 -39.21
C SER A 445 24.89 -2.47 -39.80
N VAL A 446 23.57 -2.55 -39.60
CA VAL A 446 22.80 -3.69 -40.06
C VAL A 446 21.78 -3.27 -41.11
N GLY A 447 21.78 -4.03 -42.22
CA GLY A 447 20.88 -3.87 -43.37
C GLY A 447 19.78 -4.89 -43.33
N VAL A 448 18.56 -4.43 -43.66
CA VAL A 448 17.34 -5.22 -43.60
C VAL A 448 17.05 -6.00 -44.89
N PRO A 449 16.88 -7.34 -44.80
CA PRO A 449 16.49 -8.10 -46.00
C PRO A 449 15.06 -7.74 -46.48
N SER A 450 14.84 -7.82 -47.80
CA SER A 450 13.62 -7.41 -48.52
C SER A 450 12.30 -8.07 -48.08
N HIS A 451 12.37 -9.20 -47.33
CA HIS A 451 11.18 -9.93 -46.85
C HIS A 451 10.68 -9.43 -45.47
N ARG A 452 11.53 -8.69 -44.74
CA ARG A 452 11.16 -8.14 -43.46
C ARG A 452 10.63 -6.72 -43.61
N PHE A 453 9.36 -6.52 -43.22
CA PHE A 453 8.65 -5.24 -43.24
C PHE A 453 8.53 -4.64 -41.81
N ASP A 454 8.95 -5.41 -40.78
CA ASP A 454 8.84 -5.08 -39.35
C ASP A 454 10.11 -4.54 -38.70
N ILE A 455 11.28 -4.71 -39.35
CA ILE A 455 12.59 -4.27 -38.84
C ILE A 455 12.99 -2.93 -39.49
N SER A 456 13.31 -1.92 -38.68
CA SER A 456 13.73 -0.59 -39.18
C SER A 456 14.52 0.18 -38.13
N LEU A 457 14.34 -0.20 -36.82
CA LEU A 457 14.96 0.42 -35.63
C LEU A 457 15.86 -0.53 -34.86
N GLU A 458 16.74 0.04 -34.01
CA GLU A 458 17.67 -0.69 -33.13
C GLU A 458 16.94 -1.62 -32.17
N VAL A 459 15.82 -1.14 -31.61
CA VAL A 459 14.99 -1.92 -30.68
C VAL A 459 14.46 -3.22 -31.34
N ASP A 460 14.09 -3.15 -32.65
CA ASP A 460 13.60 -4.28 -33.46
C ASP A 460 14.68 -5.35 -33.56
N LEU A 461 15.96 -4.93 -33.64
CA LEU A 461 17.12 -5.81 -33.69
C LEU A 461 17.37 -6.48 -32.34
N ILE A 462 17.29 -5.70 -31.25
CA ILE A 462 17.42 -6.19 -29.87
C ILE A 462 16.29 -7.22 -29.57
N GLU A 463 15.05 -6.93 -30.08
CA GLU A 463 13.89 -7.82 -29.97
C GLU A 463 14.24 -9.18 -30.59
N GLU A 464 14.79 -9.16 -31.83
CA GLU A 464 15.18 -10.36 -32.56
C GLU A 464 16.23 -11.16 -31.80
N LEU A 465 17.22 -10.47 -31.20
CA LEU A 465 18.28 -11.10 -30.42
C LEU A 465 17.70 -11.78 -29.20
N ALA A 466 16.79 -11.07 -28.47
CA ALA A 466 16.10 -11.58 -27.27
C ALA A 466 15.32 -12.84 -27.61
N ARG A 467 14.48 -12.73 -28.66
CA ARG A 467 13.62 -13.75 -29.24
C ARG A 467 14.38 -15.04 -29.54
N LEU A 468 15.48 -14.93 -30.30
CA LEU A 468 16.29 -16.07 -30.71
C LEU A 468 17.13 -16.64 -29.60
N TYR A 469 17.67 -15.81 -28.70
CA TYR A 469 18.44 -16.28 -27.55
C TYR A 469 17.52 -17.13 -26.63
N GLY A 470 16.31 -16.62 -26.36
CA GLY A 470 15.30 -17.27 -25.53
C GLY A 470 14.81 -16.37 -24.41
N TYR A 471 13.51 -15.98 -24.45
CA TYR A 471 12.88 -15.09 -23.45
C TYR A 471 13.01 -15.61 -22.02
N ASN A 472 12.78 -16.92 -21.82
CA ASN A 472 12.84 -17.59 -20.54
C ASN A 472 14.27 -17.88 -20.11
N ARG A 473 15.23 -17.79 -21.03
CA ARG A 473 16.66 -17.98 -20.75
C ARG A 473 17.24 -16.70 -20.15
N LEU A 474 16.62 -15.54 -20.47
CA LEU A 474 17.03 -14.21 -20.02
C LEU A 474 16.94 -14.02 -18.51
N PRO A 475 17.73 -13.09 -17.91
CA PRO A 475 17.66 -12.88 -16.45
C PRO A 475 16.34 -12.28 -15.92
N VAL A 476 16.20 -12.26 -14.58
CA VAL A 476 15.05 -11.75 -13.81
C VAL A 476 15.61 -10.90 -12.67
N ARG A 477 15.14 -9.65 -12.63
CA ARG A 477 15.57 -8.62 -11.70
C ARG A 477 14.32 -7.89 -11.23
N TYR A 478 14.39 -7.20 -10.08
CA TYR A 478 13.29 -6.40 -9.52
C TYR A 478 13.75 -4.96 -9.56
N PRO A 479 13.00 -4.04 -10.19
CA PRO A 479 13.51 -2.65 -10.31
C PRO A 479 13.78 -1.92 -9.00
N GLN A 480 14.85 -1.12 -9.01
CA GLN A 480 15.30 -0.27 -7.90
C GLN A 480 14.41 0.97 -7.81
N ALA A 481 14.08 1.41 -6.57
CA ALA A 481 13.23 2.57 -6.36
C ALA A 481 13.60 3.36 -5.11
N ARG A 482 13.94 4.65 -5.31
CA ARG A 482 14.25 5.61 -4.25
C ARG A 482 12.87 6.16 -3.88
N LEU A 483 12.20 5.48 -2.92
CA LEU A 483 10.85 5.84 -2.49
C LEU A 483 10.79 6.61 -1.19
N ALA A 484 9.84 7.57 -1.13
CA ALA A 484 9.61 8.44 0.02
C ALA A 484 8.22 8.25 0.62
N PRO A 485 8.06 8.33 1.97
CA PRO A 485 6.71 8.22 2.54
C PRO A 485 5.76 9.29 1.99
N ASN A 486 4.50 8.91 1.79
CA ASN A 486 3.46 9.76 1.23
C ASN A 486 2.11 9.20 1.57
N ASN A 487 1.09 10.07 1.56
CA ASN A 487 -0.29 9.68 1.81
C ASN A 487 -1.22 10.80 1.37
N LYS A 488 -2.43 10.41 0.97
CA LYS A 488 -3.52 11.29 0.56
C LYS A 488 -4.11 11.96 1.82
N PRO A 489 -4.77 13.16 1.73
CA PRO A 489 -5.36 13.76 2.94
C PRO A 489 -6.30 12.85 3.73
N GLU A 490 -6.31 13.03 5.07
CA GLU A 490 -7.09 12.25 6.02
C GLU A 490 -8.59 12.42 5.84
N ALA A 491 -9.07 13.69 5.76
CA ALA A 491 -10.49 14.04 5.64
C ALA A 491 -11.03 13.98 4.22
N ARG A 492 -11.10 12.76 3.69
CA ARG A 492 -11.61 12.52 2.35
C ARG A 492 -12.33 11.16 2.26
N ALA A 493 -13.51 11.18 1.62
CA ALA A 493 -14.35 10.02 1.39
C ALA A 493 -14.06 9.53 -0.04
N ALA A 494 -13.14 8.56 -0.15
CA ALA A 494 -12.78 7.96 -1.44
C ALA A 494 -13.83 6.93 -1.83
N LEU A 495 -13.94 6.63 -3.16
CA LEU A 495 -14.93 5.68 -3.66
C LEU A 495 -14.79 4.26 -3.05
N PRO A 496 -13.56 3.67 -2.88
CA PRO A 496 -13.50 2.33 -2.25
C PRO A 496 -14.15 2.26 -0.87
N LEU A 497 -14.04 3.34 -0.12
CA LEU A 497 -14.59 3.52 1.23
C LEU A 497 -16.14 3.56 1.18
N LEU A 498 -16.68 4.38 0.27
CA LEU A 498 -18.11 4.57 0.04
C LEU A 498 -18.81 3.30 -0.41
N ARG A 499 -18.11 2.47 -1.20
CA ARG A 499 -18.62 1.17 -1.70
C ARG A 499 -18.83 0.21 -0.54
N ARG A 500 -17.81 0.11 0.33
CA ARG A 500 -17.79 -0.77 1.49
C ARG A 500 -18.84 -0.39 2.48
N LEU A 501 -19.13 0.93 2.57
CA LEU A 501 -20.18 1.45 3.44
C LEU A 501 -21.51 0.92 2.97
N LEU A 502 -21.81 1.07 1.67
CA LEU A 502 -23.04 0.62 1.06
C LEU A 502 -23.22 -0.90 1.15
N VAL A 503 -22.11 -1.65 1.04
CA VAL A 503 -22.11 -3.11 1.22
C VAL A 503 -22.59 -3.39 2.66
N ALA A 504 -21.95 -2.76 3.66
CA ALA A 504 -22.34 -2.91 5.08
C ALA A 504 -23.78 -2.49 5.34
N ARG A 505 -24.28 -1.54 4.54
CA ARG A 505 -25.62 -0.97 4.63
C ARG A 505 -26.65 -1.75 3.79
N GLY A 506 -26.28 -2.97 3.39
CA GLY A 506 -27.12 -3.92 2.65
C GLY A 506 -27.30 -3.77 1.15
N TYR A 507 -26.28 -3.27 0.44
CA TYR A 507 -26.34 -3.09 -1.02
C TYR A 507 -25.47 -4.04 -1.81
N GLN A 508 -25.92 -4.34 -3.02
CA GLN A 508 -25.24 -5.20 -3.97
C GLN A 508 -24.72 -4.30 -5.09
N GLU A 509 -23.44 -4.45 -5.42
CA GLU A 509 -22.83 -3.65 -6.47
C GLU A 509 -23.15 -4.18 -7.86
N ALA A 510 -23.52 -3.25 -8.76
CA ALA A 510 -23.83 -3.52 -10.17
C ALA A 510 -22.85 -2.80 -11.11
N ILE A 511 -22.60 -3.38 -12.27
CA ILE A 511 -21.81 -2.79 -13.35
C ILE A 511 -22.67 -2.92 -14.62
N THR A 512 -23.12 -1.77 -15.17
CA THR A 512 -23.97 -1.69 -16.36
C THR A 512 -23.19 -1.07 -17.55
N PHE A 513 -23.62 -1.34 -18.81
CA PHE A 513 -23.01 -0.75 -20.01
C PHE A 513 -23.20 0.78 -20.03
N SER A 514 -22.13 1.51 -20.38
CA SER A 514 -22.13 2.98 -20.45
C SER A 514 -23.01 3.49 -21.59
N PHE A 515 -23.14 2.68 -22.66
CA PHE A 515 -24.00 2.98 -23.80
C PHE A 515 -25.35 2.30 -23.62
N ILE A 516 -26.38 3.11 -23.66
CA ILE A 516 -27.75 2.71 -23.46
C ILE A 516 -28.64 3.06 -24.68
N ASP A 517 -29.88 2.57 -24.69
CA ASP A 517 -30.86 2.81 -25.75
C ASP A 517 -31.29 4.30 -25.74
N PRO A 518 -31.30 4.96 -26.91
CA PRO A 518 -31.68 6.40 -26.94
C PRO A 518 -33.07 6.71 -26.40
N ALA A 519 -34.03 5.78 -26.58
CA ALA A 519 -35.39 5.88 -26.06
C ALA A 519 -35.34 5.87 -24.54
N LEU A 520 -34.52 4.98 -23.93
CA LEU A 520 -34.34 4.88 -22.47
C LEU A 520 -33.72 6.18 -21.91
N PHE A 521 -32.66 6.69 -22.56
CA PHE A 521 -31.97 7.94 -22.26
C PHE A 521 -33.00 9.07 -22.13
N GLU A 522 -33.83 9.23 -23.18
CA GLU A 522 -34.87 10.25 -23.31
C GLU A 522 -35.90 10.22 -22.18
N LEU A 523 -36.19 9.03 -21.62
CA LEU A 523 -37.14 8.84 -20.52
C LEU A 523 -36.65 9.51 -19.24
N PHE A 524 -35.36 9.32 -18.90
CA PHE A 524 -34.73 9.85 -17.69
C PHE A 524 -34.12 11.24 -17.91
N ASP A 525 -33.80 11.56 -19.17
CA ASP A 525 -33.21 12.82 -19.59
C ASP A 525 -33.94 13.39 -20.82
N PRO A 526 -35.16 13.93 -20.60
CA PRO A 526 -35.92 14.49 -21.73
C PRO A 526 -35.35 15.82 -22.22
N GLY A 527 -35.42 16.04 -23.52
CA GLY A 527 -34.93 17.29 -24.12
C GLY A 527 -33.43 17.38 -24.28
N THR A 528 -32.71 16.42 -23.70
CA THR A 528 -31.25 16.35 -23.75
C THR A 528 -30.82 15.51 -24.94
N GLN A 529 -29.87 16.04 -25.74
CA GLN A 529 -29.34 15.32 -26.87
C GLN A 529 -28.21 14.41 -26.38
N PRO A 530 -28.34 13.06 -26.50
CA PRO A 530 -27.24 12.19 -26.04
C PRO A 530 -26.04 12.25 -26.97
N LEU A 531 -24.87 11.86 -26.43
CA LEU A 531 -23.68 11.74 -27.22
C LEU A 531 -23.87 10.37 -27.93
N THR A 532 -24.23 10.42 -29.24
CA THR A 532 -24.52 9.22 -30.02
C THR A 532 -23.31 8.72 -30.79
N LEU A 533 -23.15 7.38 -30.80
CA LEU A 533 -22.11 6.63 -31.53
C LEU A 533 -22.43 6.58 -33.02
N ALA A 534 -21.38 6.65 -33.85
CA ALA A 534 -21.49 6.54 -35.30
C ALA A 534 -21.69 5.06 -35.66
N ASN A 535 -20.94 4.16 -35.01
CA ASN A 535 -21.00 2.72 -35.27
C ASN A 535 -21.39 1.89 -34.04
N PRO A 536 -22.61 2.07 -33.44
CA PRO A 536 -22.98 1.24 -32.28
C PRO A 536 -23.06 -0.25 -32.61
N ILE A 537 -22.88 -1.12 -31.60
CA ILE A 537 -22.92 -2.58 -31.75
C ILE A 537 -24.33 -3.01 -32.16
N SER A 538 -25.35 -2.34 -31.57
CA SER A 538 -26.78 -2.49 -31.85
C SER A 538 -27.39 -1.10 -31.60
N ALA A 539 -28.68 -0.90 -31.96
CA ALA A 539 -29.38 0.37 -31.78
C ALA A 539 -29.67 0.69 -30.31
N ASP A 540 -29.91 -0.34 -29.49
CA ASP A 540 -30.21 -0.21 -28.06
C ASP A 540 -28.95 0.07 -27.20
N MET A 541 -27.81 0.33 -27.87
CA MET A 541 -26.51 0.63 -27.26
C MET A 541 -25.81 1.77 -28.04
N ALA A 542 -26.58 2.82 -28.39
CA ALA A 542 -26.14 3.96 -29.21
C ALA A 542 -25.92 5.29 -28.48
N ALA A 543 -26.47 5.44 -27.26
CA ALA A 543 -26.36 6.67 -26.47
C ALA A 543 -25.46 6.54 -25.25
N MET A 544 -24.51 7.49 -25.09
CA MET A 544 -23.66 7.51 -23.90
C MET A 544 -24.55 8.02 -22.77
N ARG A 545 -24.56 7.29 -21.65
CA ARG A 545 -25.35 7.62 -20.46
C ARG A 545 -25.00 8.98 -19.82
N SER A 546 -26.03 9.72 -19.41
CA SER A 546 -25.94 11.01 -18.72
C SER A 546 -26.29 10.79 -17.23
N SER A 547 -26.69 9.55 -16.89
CA SER A 547 -27.09 9.07 -15.58
C SER A 547 -26.92 7.54 -15.53
N LEU A 548 -26.63 7.00 -14.33
CA LEU A 548 -26.47 5.56 -14.10
C LEU A 548 -27.83 4.93 -13.76
N TRP A 549 -28.85 5.77 -13.54
CA TRP A 549 -30.20 5.36 -13.19
C TRP A 549 -30.85 4.46 -14.22
N PRO A 550 -30.86 4.80 -15.56
CA PRO A 550 -31.49 3.90 -16.55
C PRO A 550 -30.94 2.48 -16.48
N GLY A 551 -29.62 2.35 -16.46
CA GLY A 551 -28.93 1.08 -16.33
C GLY A 551 -29.23 0.35 -15.03
N LEU A 552 -29.36 1.10 -13.91
CA LEU A 552 -29.69 0.50 -12.62
C LEU A 552 -31.13 0.03 -12.56
N VAL A 553 -32.08 0.88 -13.00
CA VAL A 553 -33.51 0.57 -13.08
C VAL A 553 -33.67 -0.72 -13.90
N LYS A 554 -32.94 -0.81 -15.04
CA LYS A 554 -32.96 -1.96 -15.92
C LYS A 554 -32.50 -3.24 -15.22
N ALA A 555 -31.37 -3.18 -14.46
CA ALA A 555 -30.83 -4.30 -13.69
C ALA A 555 -31.81 -4.69 -12.58
N LEU A 556 -32.51 -3.70 -12.03
CA LEU A 556 -33.50 -3.90 -11.00
C LEU A 556 -34.67 -4.66 -11.56
N GLN A 557 -35.17 -4.27 -12.75
CA GLN A 557 -36.29 -4.98 -13.34
C GLN A 557 -35.87 -6.33 -13.92
N HIS A 558 -34.58 -6.48 -14.32
CA HIS A 558 -34.04 -7.77 -14.79
C HIS A 558 -34.20 -8.84 -13.68
N ASN A 559 -33.94 -8.42 -12.45
CA ASN A 559 -34.06 -9.24 -11.25
C ASN A 559 -35.51 -9.45 -10.83
N LEU A 560 -36.31 -8.39 -10.86
CA LEU A 560 -37.73 -8.41 -10.52
C LEU A 560 -38.47 -9.42 -11.39
N ASN A 561 -38.07 -9.48 -12.68
CA ASN A 561 -38.61 -10.40 -13.68
C ASN A 561 -38.00 -11.80 -13.52
N ARG A 562 -37.12 -11.99 -12.51
CA ARG A 562 -36.44 -13.25 -12.23
C ARG A 562 -36.69 -13.72 -10.80
N GLN A 563 -37.95 -13.56 -10.31
CA GLN A 563 -38.41 -13.98 -8.98
C GLN A 563 -37.66 -13.30 -7.79
N GLN A 564 -37.23 -12.04 -7.97
CA GLN A 564 -36.59 -11.26 -6.89
C GLN A 564 -37.58 -10.18 -6.49
N SER A 565 -37.78 -9.98 -5.19
CA SER A 565 -38.72 -8.98 -4.69
C SER A 565 -38.02 -7.81 -3.99
N ARG A 566 -36.84 -8.07 -3.37
CA ARG A 566 -36.04 -7.07 -2.67
C ARG A 566 -34.73 -6.86 -3.44
N VAL A 567 -34.67 -5.77 -4.22
CA VAL A 567 -33.49 -5.45 -5.02
C VAL A 567 -32.85 -4.14 -4.51
N ARG A 568 -31.59 -4.25 -4.06
CA ARG A 568 -30.81 -3.14 -3.52
C ARG A 568 -29.50 -3.10 -4.27
N LEU A 569 -29.34 -2.12 -5.17
CA LEU A 569 -28.16 -2.00 -6.04
C LEU A 569 -27.47 -0.64 -6.03
N PHE A 570 -26.18 -0.65 -6.35
CA PHE A 570 -25.40 0.56 -6.47
C PHE A 570 -24.36 0.39 -7.54
N GLU A 571 -24.02 1.50 -8.20
CA GLU A 571 -23.02 1.53 -9.26
C GLU A 571 -22.28 2.87 -9.18
N SER A 572 -21.03 2.83 -9.60
CA SER A 572 -20.17 4.00 -9.72
C SER A 572 -19.66 3.99 -11.15
N GLY A 573 -19.56 5.17 -11.75
CA GLY A 573 -19.07 5.29 -13.11
C GLY A 573 -19.23 6.68 -13.66
N LEU A 574 -18.80 6.87 -14.90
CA LEU A 574 -18.89 8.15 -15.58
C LEU A 574 -20.26 8.40 -16.21
N ARG A 575 -20.66 9.68 -16.20
CA ARG A 575 -21.81 10.18 -16.92
C ARG A 575 -21.16 11.03 -18.04
N PHE A 576 -21.84 11.15 -19.17
CA PHE A 576 -21.34 11.87 -20.31
C PHE A 576 -22.34 12.96 -20.62
N VAL A 577 -21.97 14.22 -20.33
CA VAL A 577 -22.85 15.40 -20.50
C VAL A 577 -22.39 16.37 -21.60
N GLY A 578 -23.27 16.59 -22.56
CA GLY A 578 -23.08 17.50 -23.69
C GLY A 578 -22.56 16.82 -24.94
N GLN A 579 -22.25 17.63 -25.96
CA GLN A 579 -21.68 17.08 -27.20
C GLN A 579 -20.17 17.20 -27.11
N LEU A 580 -19.40 16.61 -28.06
CA LEU A 580 -17.93 16.59 -28.04
C LEU A 580 -17.31 17.94 -27.67
N GLU A 581 -17.79 19.02 -28.33
CA GLU A 581 -17.36 20.37 -27.98
C GLU A 581 -17.99 20.77 -26.64
N GLY A 582 -17.22 20.56 -25.56
CA GLY A 582 -17.65 20.86 -24.19
C GLY A 582 -18.09 19.69 -23.32
N LEU A 583 -17.90 18.44 -23.83
CA LEU A 583 -18.23 17.18 -23.15
C LEU A 583 -17.67 17.08 -21.73
N LYS A 584 -18.54 16.75 -20.77
CA LYS A 584 -18.16 16.55 -19.37
C LYS A 584 -18.26 15.05 -19.05
N GLN A 585 -17.17 14.47 -18.56
CA GLN A 585 -17.10 13.06 -18.14
C GLN A 585 -16.89 13.05 -16.63
N GLU A 586 -18.02 12.97 -15.87
CA GLU A 586 -18.04 13.07 -14.42
C GLU A 586 -18.38 11.74 -13.75
N ALA A 587 -17.59 11.39 -12.70
CA ALA A 587 -17.74 10.17 -11.92
C ALA A 587 -18.87 10.34 -10.94
N MET A 588 -19.84 9.42 -11.03
CA MET A 588 -21.08 9.37 -10.27
C MET A 588 -21.15 8.12 -9.43
N LEU A 589 -21.89 8.21 -8.32
CA LEU A 589 -22.27 7.14 -7.41
C LEU A 589 -23.78 7.14 -7.42
N ALA A 590 -24.36 6.04 -7.85
CA ALA A 590 -25.82 5.92 -7.91
C ALA A 590 -26.27 4.65 -7.21
N GLY A 591 -27.51 4.67 -6.72
CA GLY A 591 -28.12 3.56 -6.02
C GLY A 591 -29.60 3.48 -6.32
N ALA A 592 -30.13 2.26 -6.32
CA ALA A 592 -31.55 1.96 -6.62
C ALA A 592 -32.06 0.86 -5.70
N ILE A 593 -33.21 1.11 -5.04
CA ILE A 593 -33.77 0.16 -4.08
C ILE A 593 -35.28 0.01 -4.23
N CYS A 594 -35.76 -1.23 -3.99
CA CYS A 594 -37.18 -1.62 -4.04
C CYS A 594 -37.40 -2.86 -3.16
N GLY A 595 -38.68 -3.16 -2.89
CA GLY A 595 -39.10 -4.27 -2.05
C GLY A 595 -39.18 -3.93 -0.57
N LYS A 596 -39.28 -4.96 0.28
CA LYS A 596 -39.37 -4.75 1.72
C LYS A 596 -38.13 -4.02 2.28
N ARG A 597 -38.33 -3.21 3.33
CA ARG A 597 -37.29 -2.44 4.01
C ARG A 597 -36.21 -3.38 4.50
N LEU A 598 -36.63 -4.48 5.15
CA LEU A 598 -35.75 -5.47 5.72
C LEU A 598 -35.88 -6.81 5.01
N PRO A 599 -34.87 -7.72 5.11
CA PRO A 599 -35.03 -9.05 4.50
C PRO A 599 -36.06 -9.88 5.27
N GLU A 600 -36.57 -10.98 4.66
CA GLU A 600 -37.53 -11.86 5.33
C GLU A 600 -36.89 -12.58 6.53
N GLY A 601 -37.39 -12.28 7.73
CA GLY A 601 -36.93 -12.85 8.98
C GLY A 601 -37.96 -12.81 10.08
N TRP A 602 -37.75 -13.64 11.12
CA TRP A 602 -38.67 -13.77 12.26
C TRP A 602 -38.78 -12.51 13.11
N ALA A 603 -37.66 -11.76 13.22
CA ALA A 603 -37.48 -10.56 14.04
C ALA A 603 -37.68 -9.23 13.28
N ASN A 604 -37.87 -9.32 11.95
CA ASN A 604 -37.99 -8.19 11.05
C ASN A 604 -39.42 -7.81 10.62
N GLY A 605 -39.68 -6.51 10.62
CA GLY A 605 -40.94 -5.93 10.18
C GLY A 605 -41.13 -6.13 8.69
N ARG A 606 -42.39 -6.47 8.30
CA ARG A 606 -42.76 -6.75 6.92
C ARG A 606 -43.09 -5.49 6.09
N ASP A 607 -42.71 -4.29 6.59
CA ASP A 607 -42.89 -2.99 5.93
C ASP A 607 -42.00 -2.87 4.68
N GLY A 608 -42.52 -2.21 3.66
CA GLY A 608 -41.79 -1.96 2.43
C GLY A 608 -40.88 -0.76 2.53
N VAL A 609 -39.84 -0.72 1.69
CA VAL A 609 -38.90 0.39 1.63
C VAL A 609 -39.62 1.69 1.24
N ASP A 610 -39.17 2.81 1.78
CA ASP A 610 -39.71 4.12 1.47
C ASP A 610 -38.58 5.15 1.25
N PHE A 611 -38.94 6.40 0.92
CA PHE A 611 -38.02 7.50 0.66
C PHE A 611 -36.97 7.69 1.74
N PHE A 612 -37.39 7.58 3.01
CA PHE A 612 -36.54 7.83 4.17
C PHE A 612 -35.52 6.72 4.46
N ASP A 613 -35.69 5.55 3.84
CA ASP A 613 -34.74 4.44 3.96
C ASP A 613 -33.53 4.71 3.07
N ALA A 614 -33.81 5.22 1.87
CA ALA A 614 -32.81 5.64 0.89
C ALA A 614 -32.12 6.90 1.43
N LYS A 615 -32.89 7.85 2.02
CA LYS A 615 -32.32 9.06 2.62
C LYS A 615 -31.22 8.75 3.64
N ALA A 616 -31.43 7.72 4.48
CA ALA A 616 -30.44 7.32 5.49
C ALA A 616 -29.14 6.80 4.87
N ASP A 617 -29.26 6.06 3.74
CA ASP A 617 -28.14 5.51 2.97
C ASP A 617 -27.34 6.66 2.40
N VAL A 618 -28.03 7.68 1.86
CA VAL A 618 -27.42 8.91 1.33
C VAL A 618 -26.73 9.69 2.48
N GLU A 619 -27.47 9.92 3.59
CA GLU A 619 -26.98 10.61 4.79
C GLU A 619 -25.66 10.01 5.28
N ALA A 620 -25.59 8.66 5.35
CA ALA A 620 -24.42 7.87 5.77
C ALA A 620 -23.20 8.11 4.84
N VAL A 621 -23.44 8.20 3.51
CA VAL A 621 -22.44 8.46 2.48
C VAL A 621 -21.95 9.90 2.62
N LEU A 622 -22.86 10.86 2.77
CA LEU A 622 -22.53 12.28 2.91
C LEU A 622 -21.82 12.59 4.23
N ALA A 623 -21.92 11.69 5.24
CA ALA A 623 -21.29 11.85 6.56
C ALA A 623 -19.89 11.22 6.66
N SER A 624 -19.50 10.41 5.65
CA SER A 624 -18.27 9.62 5.52
C SER A 624 -16.95 10.34 5.77
N ALA A 625 -16.88 11.65 5.49
CA ALA A 625 -15.63 12.39 5.72
C ALA A 625 -15.84 13.58 6.67
N GLY A 626 -16.73 13.38 7.65
CA GLY A 626 -17.10 14.35 8.67
C GLY A 626 -17.58 15.72 8.16
N ALA A 627 -18.34 15.74 7.04
CA ALA A 627 -18.84 17.00 6.46
C ALA A 627 -20.33 16.95 6.12
N LEU A 628 -21.12 16.13 6.85
CA LEU A 628 -22.57 16.00 6.67
C LEU A 628 -23.32 17.35 6.77
N GLY A 629 -22.82 18.26 7.60
CA GLY A 629 -23.39 19.58 7.80
C GLY A 629 -23.35 20.49 6.59
N ASP A 630 -22.37 20.28 5.69
CA ASP A 630 -22.16 21.02 4.44
C ASP A 630 -23.23 20.70 3.38
N PHE A 631 -23.98 19.61 3.60
CA PHE A 631 -25.03 19.13 2.71
C PHE A 631 -26.43 19.50 3.20
N SER A 632 -27.31 19.78 2.23
CA SER A 632 -28.70 20.10 2.50
C SER A 632 -29.59 19.50 1.43
N PHE A 633 -30.64 18.84 1.89
CA PHE A 633 -31.66 18.23 1.06
C PHE A 633 -32.76 19.29 0.96
N VAL A 634 -32.99 19.80 -0.26
CA VAL A 634 -34.01 20.83 -0.48
C VAL A 634 -35.10 20.30 -1.40
N PRO A 635 -36.40 20.56 -1.08
CA PRO A 635 -37.48 20.10 -1.97
C PRO A 635 -37.21 20.45 -3.43
N GLY A 636 -37.22 19.44 -4.28
CA GLY A 636 -36.95 19.60 -5.70
C GLY A 636 -37.85 18.82 -6.62
N GLU A 637 -37.51 18.86 -7.92
CA GLU A 637 -38.18 18.17 -9.01
C GLU A 637 -37.18 17.70 -10.05
N HIS A 638 -37.39 16.49 -10.54
CA HIS A 638 -36.56 15.86 -11.55
C HIS A 638 -37.50 15.15 -12.53
N PRO A 639 -37.26 15.24 -13.86
CA PRO A 639 -38.18 14.58 -14.81
C PRO A 639 -38.33 13.07 -14.62
N ALA A 640 -37.31 12.40 -14.04
CA ALA A 640 -37.37 10.96 -13.82
C ALA A 640 -37.94 10.58 -12.45
N LEU A 641 -38.12 11.57 -11.56
CA LEU A 641 -38.60 11.33 -10.19
C LEU A 641 -39.98 11.90 -9.86
N HIS A 642 -40.64 11.32 -8.85
CA HIS A 642 -41.95 11.69 -8.31
C HIS A 642 -41.86 13.14 -7.75
N PRO A 643 -42.59 14.14 -8.31
CA PRO A 643 -42.47 15.54 -7.83
C PRO A 643 -42.84 15.82 -6.37
N GLY A 644 -43.56 14.89 -5.75
CA GLY A 644 -43.95 14.99 -4.34
C GLY A 644 -42.96 14.36 -3.40
N GLN A 645 -42.09 13.50 -3.93
CA GLN A 645 -41.07 12.79 -3.16
C GLN A 645 -39.68 12.95 -3.79
N THR A 646 -39.26 14.20 -4.09
CA THR A 646 -37.94 14.48 -4.68
C THR A 646 -37.15 15.49 -3.86
N ALA A 647 -35.87 15.16 -3.55
CA ALA A 647 -34.92 16.01 -2.87
C ALA A 647 -33.71 16.33 -3.75
N ARG A 648 -33.39 17.63 -3.86
CA ARG A 648 -32.21 18.17 -4.55
C ARG A 648 -31.12 18.30 -3.47
N ILE A 649 -30.02 17.57 -3.62
CA ILE A 649 -28.89 17.60 -2.67
C ILE A 649 -27.89 18.69 -3.07
N GLU A 650 -27.59 19.61 -2.14
CA GLU A 650 -26.68 20.71 -2.42
C GLU A 650 -25.57 20.92 -1.40
N ARG A 651 -24.41 21.44 -1.87
CA ARG A 651 -23.23 21.78 -1.06
C ARG A 651 -22.78 23.17 -1.49
N GLU A 652 -22.88 24.17 -0.59
CA GLU A 652 -22.55 25.59 -0.88
C GLU A 652 -23.26 26.11 -2.14
N GLY A 653 -24.53 25.73 -2.30
CA GLY A 653 -25.36 26.12 -3.44
C GLY A 653 -25.14 25.30 -4.70
N ARG A 654 -24.05 24.53 -4.75
CA ARG A 654 -23.67 23.69 -5.89
C ARG A 654 -24.47 22.39 -5.86
N LEU A 655 -24.88 21.91 -7.05
CA LEU A 655 -25.63 20.66 -7.13
C LEU A 655 -24.75 19.41 -6.93
N VAL A 656 -25.11 18.59 -5.94
CA VAL A 656 -24.45 17.31 -5.64
C VAL A 656 -25.15 16.21 -6.45
N GLY A 657 -26.48 16.20 -6.37
CA GLY A 657 -27.32 15.24 -7.07
C GLY A 657 -28.76 15.25 -6.62
N TYR A 658 -29.45 14.13 -6.86
CA TYR A 658 -30.86 13.94 -6.58
C TYR A 658 -31.14 12.64 -5.86
N LEU A 659 -32.18 12.67 -5.01
CA LEU A 659 -32.69 11.54 -4.25
C LEU A 659 -34.20 11.62 -4.31
N GLY A 660 -34.82 10.58 -4.79
CA GLY A 660 -36.27 10.53 -4.90
C GLY A 660 -36.82 9.19 -5.32
N ALA A 661 -38.14 9.09 -5.29
CA ALA A 661 -38.85 7.91 -5.75
C ALA A 661 -38.95 8.02 -7.26
N LEU A 662 -38.77 6.89 -7.97
CA LEU A 662 -38.90 6.85 -9.41
C LEU A 662 -40.32 7.29 -9.74
N HIS A 663 -40.47 8.20 -10.72
CA HIS A 663 -41.76 8.73 -11.16
C HIS A 663 -42.71 7.60 -11.56
N PRO A 664 -43.95 7.63 -11.01
CA PRO A 664 -44.94 6.59 -11.36
C PRO A 664 -45.21 6.43 -12.86
N GLU A 665 -45.16 7.53 -13.63
CA GLU A 665 -45.36 7.49 -15.09
C GLU A 665 -44.26 6.72 -15.77
N LEU A 666 -43.02 6.86 -15.26
CA LEU A 666 -41.85 6.15 -15.78
C LEU A 666 -41.96 4.65 -15.49
N ALA A 667 -42.42 4.30 -14.26
CA ALA A 667 -42.65 2.92 -13.83
C ALA A 667 -43.66 2.27 -14.75
N LYS A 668 -44.77 2.98 -15.05
CA LYS A 668 -45.82 2.52 -15.96
C LYS A 668 -45.19 2.10 -17.29
N LYS A 669 -44.43 3.03 -17.92
CA LYS A 669 -43.70 2.86 -19.20
C LYS A 669 -42.72 1.70 -19.22
N LEU A 670 -42.08 1.42 -18.06
CA LEU A 670 -41.09 0.36 -17.91
C LEU A 670 -41.71 -0.93 -17.37
N ASP A 671 -43.05 -0.93 -17.17
CA ASP A 671 -43.82 -2.03 -16.61
C ASP A 671 -43.26 -2.48 -15.25
N LEU A 672 -43.28 -1.53 -14.31
CA LEU A 672 -42.84 -1.72 -12.94
C LEU A 672 -44.02 -1.43 -12.03
N GLU A 673 -44.46 -2.48 -11.30
CA GLU A 673 -45.58 -2.43 -10.37
C GLU A 673 -45.17 -2.10 -8.94
N GLN A 674 -43.87 -1.85 -8.74
CA GLN A 674 -43.33 -1.56 -7.41
C GLN A 674 -42.75 -0.15 -7.24
N PRO A 675 -42.85 0.45 -6.03
CA PRO A 675 -42.14 1.73 -5.81
C PRO A 675 -40.63 1.47 -5.76
N VAL A 676 -39.86 2.34 -6.45
CA VAL A 676 -38.39 2.26 -6.54
C VAL A 676 -37.78 3.60 -6.14
N PHE A 677 -36.73 3.57 -5.30
CA PHE A 677 -36.06 4.78 -4.81
C PHE A 677 -34.65 4.88 -5.34
N LEU A 678 -34.36 6.04 -5.94
CA LEU A 678 -33.09 6.31 -6.59
C LEU A 678 -32.33 7.43 -5.94
N PHE A 679 -31.02 7.44 -6.15
CA PHE A 679 -30.09 8.48 -5.74
C PHE A 679 -28.88 8.45 -6.66
N GLU A 680 -28.36 9.63 -6.99
CA GLU A 680 -27.18 9.82 -7.84
C GLU A 680 -26.41 11.00 -7.26
N LEU A 681 -25.09 10.83 -7.10
CA LEU A 681 -24.24 11.85 -6.51
C LEU A 681 -22.99 12.08 -7.33
N LEU A 682 -22.62 13.36 -7.48
CA LEU A 682 -21.37 13.80 -8.11
C LEU A 682 -20.28 13.51 -7.05
N LEU A 683 -19.44 12.48 -7.28
CA LEU A 683 -18.37 12.07 -6.37
C LEU A 683 -17.37 13.18 -6.02
N ALA A 684 -17.13 14.09 -6.98
CA ALA A 684 -16.24 15.24 -6.84
C ALA A 684 -16.68 16.16 -5.70
N GLU A 685 -18.01 16.22 -5.46
CA GLU A 685 -18.68 17.02 -4.44
C GLU A 685 -18.85 16.30 -3.10
N VAL A 686 -18.54 15.00 -3.07
CA VAL A 686 -18.72 14.17 -1.89
C VAL A 686 -17.36 13.88 -1.19
N VAL A 687 -16.25 13.72 -1.96
CA VAL A 687 -14.93 13.36 -1.45
C VAL A 687 -14.37 14.28 -0.34
N ASP A 688 -14.39 15.62 -0.51
CA ASP A 688 -13.80 16.50 0.50
C ASP A 688 -14.64 16.63 1.76
N GLY A 689 -13.98 16.41 2.89
CA GLY A 689 -14.58 16.53 4.21
C GLY A 689 -13.77 17.44 5.12
N HIS A 690 -13.96 17.31 6.43
CA HIS A 690 -13.16 18.12 7.36
C HIS A 690 -12.48 17.26 8.42
N LEU A 691 -11.29 17.70 8.81
CA LEU A 691 -10.48 17.04 9.84
C LEU A 691 -11.02 17.46 11.22
N PRO A 692 -11.15 16.44 12.14
CA PRO A 692 -11.59 16.75 13.51
C PRO A 692 -10.75 17.80 14.21
N LYS A 693 -11.44 18.84 14.74
CA LYS A 693 -10.87 19.93 15.56
C LYS A 693 -11.56 19.77 16.90
N PHE A 694 -10.82 19.34 17.92
CA PHE A 694 -11.34 19.14 19.26
C PHE A 694 -11.88 20.42 19.93
N ARG A 695 -13.11 20.33 20.44
CA ARG A 695 -13.83 21.35 21.18
C ARG A 695 -14.00 20.84 22.63
N GLU A 696 -13.50 21.61 23.61
CA GLU A 696 -13.51 21.29 25.04
C GLU A 696 -14.89 20.92 25.62
N LEU A 697 -14.92 19.85 26.44
CA LEU A 697 -16.11 19.33 27.10
C LEU A 697 -16.42 20.11 28.40
N SER A 698 -17.71 20.38 28.67
CA SER A 698 -18.19 21.06 29.87
C SER A 698 -18.22 20.04 31.03
N ARG A 699 -17.98 20.50 32.27
CA ARG A 699 -18.01 19.64 33.48
C ARG A 699 -19.42 19.67 34.07
N PHE A 700 -20.36 20.32 33.37
CA PHE A 700 -21.70 20.54 33.87
C PHE A 700 -22.77 19.80 33.11
N PRO A 701 -23.87 19.44 33.82
CA PRO A 701 -24.96 18.71 33.15
C PRO A 701 -25.66 19.52 32.07
N GLU A 702 -26.28 18.78 31.14
CA GLU A 702 -27.08 19.34 30.06
C GLU A 702 -28.53 19.36 30.48
N VAL A 703 -29.29 20.33 29.95
CA VAL A 703 -30.71 20.53 30.23
C VAL A 703 -31.49 20.26 28.94
N ARG A 704 -32.57 19.48 29.03
CA ARG A 704 -33.43 19.17 27.91
C ARG A 704 -34.86 19.60 28.17
N ARG A 705 -35.48 20.19 27.13
CA ARG A 705 -36.89 20.63 27.10
C ARG A 705 -37.49 20.16 25.79
N ASP A 706 -38.73 19.64 25.83
CA ASP A 706 -39.43 19.17 24.64
C ASP A 706 -40.49 20.19 24.23
N LEU A 707 -40.66 20.39 22.92
CA LEU A 707 -41.68 21.29 22.37
C LEU A 707 -42.54 20.60 21.32
N ALA A 708 -43.87 20.53 21.55
CA ALA A 708 -44.84 19.98 20.58
C ALA A 708 -45.36 21.18 19.77
N LEU A 709 -45.14 21.19 18.46
CA LEU A 709 -45.46 22.35 17.60
C LEU A 709 -46.42 22.09 16.43
N LEU A 710 -47.55 22.81 16.43
CA LEU A 710 -48.58 22.74 15.38
C LEU A 710 -48.26 23.76 14.30
N VAL A 711 -48.06 23.31 13.06
CA VAL A 711 -47.71 24.15 11.92
C VAL A 711 -48.39 23.67 10.65
N ASP A 712 -48.38 24.49 9.58
CA ASP A 712 -48.98 24.17 8.28
C ASP A 712 -48.40 22.84 7.78
N GLN A 713 -49.25 21.93 7.30
CA GLN A 713 -48.83 20.61 6.83
C GLN A 713 -47.72 20.68 5.74
N ASP A 714 -47.73 21.76 4.92
CA ASP A 714 -46.80 21.99 3.82
C ASP A 714 -45.48 22.69 4.21
N VAL A 715 -45.37 23.28 5.43
CA VAL A 715 -44.12 23.93 5.84
C VAL A 715 -43.03 22.87 6.12
N PRO A 716 -41.82 22.98 5.49
CA PRO A 716 -40.80 21.94 5.67
C PRO A 716 -40.16 21.93 7.05
N ALA A 717 -40.11 20.73 7.66
CA ALA A 717 -39.55 20.48 8.99
C ALA A 717 -38.17 21.10 9.19
N GLN A 718 -37.35 21.16 8.14
CA GLN A 718 -36.01 21.75 8.18
C GLN A 718 -36.05 23.26 8.40
N ASP A 719 -37.04 23.96 7.83
CA ASP A 719 -37.18 25.40 7.98
C ASP A 719 -37.47 25.73 9.44
N ILE A 720 -38.31 24.91 10.09
CA ILE A 720 -38.66 25.07 11.50
C ILE A 720 -37.43 24.87 12.38
N LEU A 721 -36.70 23.74 12.18
CA LEU A 721 -35.49 23.41 12.93
C LEU A 721 -34.42 24.48 12.79
N THR A 722 -34.26 25.04 11.57
CA THR A 722 -33.32 26.12 11.25
C THR A 722 -33.69 27.39 12.06
N GLN A 723 -34.99 27.70 12.16
CA GLN A 723 -35.48 28.83 12.93
C GLN A 723 -35.32 28.62 14.43
N ILE A 724 -35.35 27.35 14.88
CA ILE A 724 -35.15 26.98 16.28
C ILE A 724 -33.70 27.27 16.64
N ARG A 725 -32.71 26.77 15.85
CA ARG A 725 -31.27 27.03 16.08
C ARG A 725 -30.97 28.53 16.15
N ALA A 726 -31.64 29.31 15.29
CA ALA A 726 -31.55 30.76 15.18
C ALA A 726 -31.96 31.47 16.47
N ALA A 727 -32.94 30.91 17.21
CA ALA A 727 -33.48 31.46 18.46
C ALA A 727 -33.01 30.77 19.75
N ALA A 728 -32.46 29.54 19.65
CA ALA A 728 -32.03 28.67 20.78
C ALA A 728 -30.88 29.19 21.65
N GLY A 729 -30.17 30.19 21.16
CA GLY A 729 -29.03 30.72 21.89
C GLY A 729 -27.78 29.91 21.63
N GLU A 730 -26.69 30.38 22.22
CA GLU A 730 -25.34 29.86 22.09
C GLU A 730 -25.09 28.54 22.84
N TRP A 731 -26.01 28.13 23.76
CA TRP A 731 -25.77 26.93 24.55
C TRP A 731 -26.43 25.63 24.00
N LEU A 732 -27.19 25.71 22.88
CA LEU A 732 -27.85 24.53 22.33
C LEU A 732 -26.84 23.49 21.83
N THR A 733 -26.80 22.32 22.52
CA THR A 733 -25.84 21.25 22.19
C THR A 733 -26.42 20.18 21.31
N ASP A 734 -27.76 20.08 21.23
CA ASP A 734 -28.50 19.10 20.41
C ASP A 734 -29.96 19.51 20.18
N LEU A 735 -30.49 19.18 18.99
CA LEU A 735 -31.88 19.42 18.56
C LEU A 735 -32.35 18.22 17.72
N ARG A 736 -33.27 17.43 18.27
CA ARG A 736 -33.79 16.21 17.67
C ARG A 736 -35.29 16.30 17.39
N LEU A 737 -35.71 15.81 16.22
CA LEU A 737 -37.11 15.70 15.84
C LEU A 737 -37.46 14.23 16.06
N PHE A 738 -38.23 13.96 17.14
CA PHE A 738 -38.56 12.61 17.54
C PHE A 738 -39.96 12.12 17.18
N ASP A 739 -40.83 13.01 16.62
CA ASP A 739 -42.20 12.65 16.21
C ASP A 739 -42.87 13.68 15.31
N VAL A 740 -43.61 13.18 14.30
CA VAL A 740 -44.41 13.96 13.35
C VAL A 740 -45.86 13.41 13.38
N TYR A 741 -46.83 14.27 13.71
CA TYR A 741 -48.23 13.87 13.79
C TYR A 741 -49.11 14.60 12.80
N HIS A 742 -49.96 13.84 12.09
CA HIS A 742 -50.93 14.34 11.11
C HIS A 742 -52.13 13.40 11.15
N GLY A 743 -52.98 13.57 12.15
CA GLY A 743 -54.16 12.71 12.35
C GLY A 743 -55.40 13.40 12.85
N LYS A 744 -56.26 12.60 13.50
CA LYS A 744 -57.56 13.02 14.06
C LYS A 744 -57.45 14.00 15.24
N GLY A 745 -56.38 13.90 16.02
CA GLY A 745 -56.15 14.73 17.20
C GLY A 745 -56.02 16.23 16.96
N ILE A 746 -55.68 16.62 15.70
CA ILE A 746 -55.48 18.02 15.29
C ILE A 746 -56.10 18.33 13.91
N ASP A 747 -56.12 19.63 13.53
CA ASP A 747 -56.66 20.13 12.25
C ASP A 747 -56.03 19.41 11.03
N PRO A 748 -56.83 19.01 10.02
CA PRO A 748 -56.26 18.26 8.87
C PRO A 748 -55.26 19.01 7.98
N HIS A 749 -55.21 20.36 8.07
CA HIS A 749 -54.27 21.20 7.31
C HIS A 749 -53.04 21.53 8.15
N ARG A 750 -52.95 20.90 9.35
CA ARG A 750 -51.85 21.10 10.28
C ARG A 750 -51.11 19.80 10.62
N LYS A 751 -49.95 19.92 11.28
CA LYS A 751 -49.10 18.82 11.72
C LYS A 751 -48.36 19.18 13.02
N SER A 752 -48.23 18.20 13.94
CA SER A 752 -47.52 18.42 15.20
C SER A 752 -46.11 17.85 15.15
N LEU A 753 -45.10 18.71 15.34
CA LEU A 753 -43.70 18.33 15.35
C LEU A 753 -43.17 18.31 16.78
N ALA A 754 -42.79 17.12 17.26
CA ALA A 754 -42.24 16.93 18.60
C ALA A 754 -40.70 17.04 18.53
N VAL A 755 -40.18 18.15 19.08
CA VAL A 755 -38.74 18.42 19.07
C VAL A 755 -38.17 18.42 20.50
N GLY A 756 -36.98 17.86 20.62
CA GLY A 756 -36.24 17.80 21.87
C GLY A 756 -35.07 18.75 21.79
N LEU A 757 -35.00 19.69 22.74
CA LEU A 757 -33.96 20.72 22.78
C LEU A 757 -33.02 20.50 23.92
N THR A 758 -31.73 20.31 23.63
CA THR A 758 -30.68 20.07 24.64
C THR A 758 -29.73 21.25 24.69
N TRP A 759 -29.37 21.68 25.92
CA TRP A 759 -28.45 22.79 26.20
C TRP A 759 -27.37 22.42 27.23
N GLN A 760 -26.16 22.92 27.06
CA GLN A 760 -25.08 22.74 28.03
C GLN A 760 -24.23 24.01 28.08
N HIS A 761 -24.03 24.56 29.28
CA HIS A 761 -23.21 25.75 29.47
C HIS A 761 -21.78 25.23 29.71
N PRO A 762 -20.76 25.83 29.07
CA PRO A 762 -19.40 25.30 29.24
C PRO A 762 -18.73 25.53 30.60
N SER A 763 -19.24 26.48 31.42
CA SER A 763 -18.60 26.84 32.69
C SER A 763 -19.47 26.77 33.95
N ARG A 764 -20.75 26.40 33.82
CA ARG A 764 -21.65 26.32 34.98
C ARG A 764 -22.91 25.50 34.68
N THR A 765 -23.81 25.39 35.66
CA THR A 765 -25.10 24.69 35.53
C THR A 765 -26.12 25.70 34.97
N LEU A 766 -27.20 25.20 34.34
CA LEU A 766 -28.23 26.08 33.80
C LEU A 766 -29.44 26.11 34.71
N ASN A 767 -29.95 27.32 34.99
CA ASN A 767 -31.14 27.50 35.83
C ASN A 767 -32.41 27.37 34.99
N ASP A 768 -33.54 27.04 35.63
CA ASP A 768 -34.81 26.88 34.93
C ASP A 768 -35.35 28.16 34.32
N ASP A 769 -35.17 29.31 35.01
CA ASP A 769 -35.67 30.62 34.56
C ASP A 769 -35.12 31.02 33.19
N GLU A 770 -33.79 30.89 33.00
CA GLU A 770 -33.12 31.24 31.74
C GLU A 770 -33.49 30.29 30.60
N VAL A 771 -33.57 28.98 30.95
CA VAL A 771 -33.92 27.89 30.03
C VAL A 771 -35.39 28.05 29.56
N ASN A 772 -36.30 28.44 30.48
CA ASN A 772 -37.70 28.69 30.16
C ASN A 772 -37.85 30.01 29.38
N SER A 773 -36.95 30.99 29.64
CA SER A 773 -36.90 32.27 28.95
C SER A 773 -36.51 32.04 27.48
N THR A 774 -35.50 31.16 27.26
CA THR A 774 -35.01 30.78 25.92
C THR A 774 -36.11 30.02 25.15
N THR A 775 -36.74 29.03 25.81
CA THR A 775 -37.80 28.20 25.26
C THR A 775 -38.94 29.09 24.74
N GLN A 776 -39.35 30.08 25.56
CA GLN A 776 -40.42 31.02 25.21
C GLN A 776 -40.06 31.92 24.03
N ASN A 777 -38.80 32.41 23.96
CA ASN A 777 -38.43 33.24 22.82
C ASN A 777 -38.38 32.41 21.52
N ILE A 778 -38.01 31.10 21.60
CA ILE A 778 -38.01 30.15 20.47
C ILE A 778 -39.44 30.06 19.97
N VAL A 779 -40.39 29.84 20.90
CA VAL A 779 -41.81 29.74 20.64
C VAL A 779 -42.32 31.01 19.95
N THR A 780 -42.08 32.20 20.55
CA THR A 780 -42.52 33.51 20.02
C THR A 780 -42.05 33.72 18.58
N SER A 781 -40.80 33.31 18.28
CA SER A 781 -40.17 33.39 16.95
C SER A 781 -40.93 32.52 15.94
N LEU A 782 -41.33 31.30 16.36
CA LEU A 782 -42.09 30.36 15.53
C LEU A 782 -43.53 30.82 15.32
N GLU A 783 -44.10 31.53 16.33
CA GLU A 783 -45.46 32.08 16.28
C GLU A 783 -45.49 33.19 15.21
N GLU A 784 -44.41 33.96 15.10
CA GLU A 784 -44.32 35.07 14.15
C GLU A 784 -43.86 34.67 12.75
N ARG A 785 -43.09 33.58 12.60
CA ARG A 785 -42.60 33.14 11.28
C ARG A 785 -43.51 32.14 10.56
N PHE A 786 -44.02 31.13 11.26
CA PHE A 786 -44.84 30.05 10.71
C PHE A 786 -46.24 29.93 11.33
N ASN A 787 -46.59 30.85 12.25
CA ASN A 787 -47.86 30.85 12.99
C ASN A 787 -48.05 29.48 13.68
N ALA A 788 -47.03 29.13 14.48
CA ALA A 788 -46.92 27.91 15.26
C ALA A 788 -47.71 28.03 16.56
N THR A 789 -48.21 26.91 17.07
CA THR A 789 -48.99 26.80 18.29
C THR A 789 -48.46 25.60 19.07
N LEU A 790 -48.67 25.59 20.39
CA LEU A 790 -48.25 24.48 21.24
C LEU A 790 -49.43 23.53 21.46
N ARG A 791 -49.15 22.21 21.39
CA ARG A 791 -50.15 21.16 21.60
C ARG A 791 -50.53 21.04 23.09
N MET B 1 23.35 19.89 34.15
CA MET B 1 24.52 20.74 34.32
C MET B 1 24.19 22.24 34.05
N LYS B 2 24.23 23.05 35.13
CA LYS B 2 23.97 24.49 35.06
C LYS B 2 25.30 25.22 35.21
N PHE B 3 25.43 26.41 34.62
CA PHE B 3 26.69 27.19 34.69
C PHE B 3 26.51 28.67 34.34
N SER B 4 27.50 29.48 34.72
CA SER B 4 27.61 30.90 34.44
C SER B 4 28.23 31.02 33.06
N GLU B 5 27.58 31.81 32.18
CA GLU B 5 28.09 32.02 30.82
C GLU B 5 29.41 32.79 30.88
N LYS B 6 29.48 33.82 31.73
CA LYS B 6 30.68 34.63 31.92
C LYS B 6 31.88 33.75 32.25
N TRP B 7 31.69 32.75 33.16
CA TRP B 7 32.72 31.79 33.59
C TRP B 7 33.15 30.92 32.40
N LEU B 8 32.20 30.37 31.65
CA LEU B 8 32.54 29.58 30.45
C LEU B 8 33.33 30.41 29.39
N ARG B 9 32.89 31.65 29.14
CA ARG B 9 33.49 32.59 28.19
C ARG B 9 34.88 33.00 28.59
N SER B 10 35.19 32.93 29.92
CA SER B 10 36.53 33.24 30.44
C SER B 10 37.53 32.15 29.99
N TRP B 11 37.02 30.94 29.62
CA TRP B 11 37.80 29.80 29.13
C TRP B 11 37.75 29.76 27.60
N ALA B 12 36.53 29.76 27.01
CA ALA B 12 36.33 29.72 25.56
C ALA B 12 35.18 30.68 25.19
N ASN B 13 35.54 31.82 24.59
CA ASN B 13 34.59 32.84 24.20
C ASN B 13 34.25 32.64 22.71
N PRO B 14 32.99 32.21 22.41
CA PRO B 14 32.62 31.94 21.00
C PRO B 14 32.48 33.19 20.13
N GLN B 15 32.46 34.39 20.74
CA GLN B 15 32.33 35.70 20.08
C GLN B 15 31.00 35.83 19.32
N VAL B 16 29.91 35.30 19.90
CA VAL B 16 28.54 35.34 19.36
C VAL B 16 27.63 35.82 20.50
N SER B 17 26.36 36.15 20.26
CA SER B 17 25.49 36.59 21.37
C SER B 17 25.06 35.41 22.28
N HIS B 18 24.34 35.71 23.37
CA HIS B 18 23.84 34.68 24.30
C HIS B 18 22.85 33.78 23.55
N ASP B 19 21.91 34.42 22.82
CA ASP B 19 20.86 33.76 22.04
C ASP B 19 21.44 32.84 20.97
N GLU B 20 22.54 33.26 20.33
CA GLU B 20 23.25 32.49 19.30
C GLU B 20 23.90 31.26 19.90
N LEU B 21 24.55 31.44 21.09
CA LEU B 21 25.22 30.37 21.82
C LEU B 21 24.21 29.34 22.31
N VAL B 22 23.09 29.79 22.95
CA VAL B 22 22.02 28.90 23.45
C VAL B 22 21.38 28.12 22.30
N ALA B 23 21.32 28.71 21.10
CA ALA B 23 20.76 28.10 19.90
C ALA B 23 21.63 26.96 19.38
N ARG B 24 22.93 27.26 19.14
CA ARG B 24 23.94 26.34 18.63
C ARG B 24 24.15 25.11 19.50
N LEU B 25 24.08 25.29 20.84
CA LEU B 25 24.26 24.23 21.81
C LEU B 25 23.27 23.09 21.63
N SER B 26 21.97 23.41 21.54
CA SER B 26 20.92 22.41 21.36
C SER B 26 21.07 21.74 20.00
N MET B 27 21.56 22.53 19.01
CA MET B 27 21.79 22.10 17.64
C MET B 27 23.01 21.15 17.50
N VAL B 28 23.82 21.01 18.58
CA VAL B 28 25.00 20.13 18.57
C VAL B 28 24.89 18.97 19.59
N GLY B 29 23.76 18.85 20.26
CA GLY B 29 23.55 17.76 21.22
C GLY B 29 23.70 18.11 22.69
N LEU B 30 23.70 19.43 22.99
CA LEU B 30 23.78 19.92 24.38
C LEU B 30 22.53 20.78 24.53
N GLU B 31 21.38 20.12 24.72
CA GLU B 31 20.11 20.82 24.77
C GLU B 31 19.96 21.66 26.03
N VAL B 32 19.84 22.97 25.78
CA VAL B 32 19.62 24.01 26.77
C VAL B 32 18.17 23.81 27.22
N ASP B 33 17.97 23.67 28.54
CA ASP B 33 16.67 23.47 29.13
C ASP B 33 16.21 24.77 29.76
N ALA B 34 17.19 25.65 30.13
CA ALA B 34 16.95 26.95 30.77
C ALA B 34 18.10 27.95 30.55
N ASP B 35 17.77 29.22 30.31
CA ASP B 35 18.72 30.33 30.13
C ASP B 35 18.15 31.59 30.79
N LEU B 36 18.55 31.83 32.05
CA LEU B 36 18.03 32.92 32.87
C LEU B 36 19.08 33.95 33.26
N PRO B 37 18.72 35.27 33.31
CA PRO B 37 19.70 36.28 33.75
C PRO B 37 19.97 36.13 35.23
N VAL B 38 21.14 36.55 35.72
CA VAL B 38 21.48 36.31 37.13
C VAL B 38 20.78 37.38 38.07
N ALA B 39 20.50 38.61 37.58
CA ALA B 39 19.90 39.66 38.39
C ALA B 39 19.09 40.67 37.57
N GLY B 40 18.37 41.53 38.29
CA GLY B 40 17.58 42.61 37.72
C GLY B 40 18.46 43.78 37.33
N ALA B 41 17.99 44.59 36.37
CA ALA B 41 18.70 45.76 35.89
C ALA B 41 18.66 46.95 36.85
N PHE B 42 19.74 47.75 36.86
CA PHE B 42 19.92 48.98 37.66
C PHE B 42 21.22 49.69 37.27
N SER B 43 21.28 51.01 37.53
CA SER B 43 22.43 51.86 37.22
C SER B 43 22.69 52.80 38.37
N GLY B 44 23.92 53.27 38.50
CA GLY B 44 24.34 54.23 39.53
C GLY B 44 24.73 53.69 40.89
N VAL B 45 24.65 52.36 41.04
CA VAL B 45 25.00 51.68 42.29
C VAL B 45 26.47 51.29 42.26
N VAL B 46 27.23 51.72 43.28
CA VAL B 46 28.68 51.47 43.38
C VAL B 46 29.05 50.86 44.73
N VAL B 47 30.30 50.41 44.88
CA VAL B 47 30.77 49.90 46.15
C VAL B 47 31.09 51.13 47.02
N GLY B 48 30.45 51.20 48.19
CA GLY B 48 30.66 52.27 49.17
C GLY B 48 31.20 51.74 50.49
N GLU B 49 31.95 52.58 51.23
CA GLU B 49 32.47 52.22 52.53
C GLU B 49 31.87 53.09 53.61
N VAL B 50 31.34 52.46 54.68
CA VAL B 50 30.81 53.19 55.83
C VAL B 50 32.00 53.63 56.69
N LEU B 51 32.15 54.95 56.86
CA LEU B 51 33.24 55.51 57.64
C LEU B 51 32.85 55.63 59.12
N SER B 52 31.65 56.12 59.39
CA SER B 52 31.12 56.27 60.74
C SER B 52 29.60 56.19 60.71
N THR B 53 28.99 55.93 61.89
CA THR B 53 27.55 55.88 62.12
C THR B 53 27.27 56.59 63.44
N GLU B 54 26.27 57.46 63.46
CA GLU B 54 25.82 58.16 64.66
C GLU B 54 24.34 57.83 64.85
N GLN B 55 23.83 57.90 66.09
CA GLN B 55 22.40 57.63 66.35
C GLN B 55 21.65 58.89 65.89
N HIS B 56 20.62 58.69 65.04
CA HIS B 56 19.78 59.77 64.54
C HIS B 56 19.19 60.53 65.75
N PRO B 57 19.41 61.87 65.84
CA PRO B 57 18.93 62.62 67.01
C PRO B 57 17.40 62.69 67.22
N ASP B 58 16.58 62.34 66.20
CA ASP B 58 15.13 62.42 66.35
C ASP B 58 14.38 61.16 65.89
N ALA B 59 15.06 59.98 65.87
CA ALA B 59 14.49 58.68 65.47
C ALA B 59 15.41 57.56 65.86
N ASP B 60 15.04 56.81 66.91
CA ASP B 60 15.81 55.70 67.47
C ASP B 60 16.07 54.55 66.49
N LYS B 61 15.12 54.27 65.59
CA LYS B 61 15.26 53.19 64.60
C LYS B 61 16.18 53.55 63.40
N LEU B 62 16.71 54.80 63.36
CA LEU B 62 17.56 55.31 62.30
C LEU B 62 18.98 55.66 62.73
N ARG B 63 19.90 55.64 61.75
CA ARG B 63 21.33 55.93 61.92
C ARG B 63 21.77 56.96 60.92
N VAL B 64 22.69 57.85 61.29
CA VAL B 64 23.23 58.86 60.36
C VAL B 64 24.70 58.48 60.03
N CYS B 65 24.88 58.01 58.78
CA CYS B 65 26.14 57.48 58.25
C CYS B 65 26.93 58.45 57.40
N GLN B 66 28.25 58.30 57.44
CA GLN B 66 29.22 59.01 56.61
C GLN B 66 29.79 57.92 55.70
N VAL B 67 29.44 57.95 54.41
CA VAL B 67 29.80 56.92 53.44
C VAL B 67 30.67 57.47 52.30
N SER B 68 31.81 56.81 52.00
CA SER B 68 32.70 57.18 50.90
C SER B 68 32.47 56.29 49.67
N ASN B 69 32.59 56.88 48.46
CA ASN B 69 32.49 56.12 47.19
C ASN B 69 33.87 56.08 46.48
N GLY B 70 34.93 56.33 47.26
CA GLY B 70 36.31 56.39 46.79
C GLY B 70 36.69 57.72 46.15
N SER B 71 35.72 58.64 45.98
CA SER B 71 35.91 59.95 45.37
C SER B 71 35.41 61.07 46.28
N GLU B 72 34.38 60.78 47.11
CA GLU B 72 33.74 61.74 47.98
C GLU B 72 32.97 61.05 49.12
N THR B 73 32.84 61.74 50.27
CA THR B 73 32.03 61.29 51.41
C THR B 73 30.67 61.98 51.39
N PHE B 74 29.60 61.20 51.57
CA PHE B 74 28.23 61.67 51.55
C PHE B 74 27.54 61.26 52.82
N GLN B 75 26.68 62.15 53.34
CA GLN B 75 25.85 61.81 54.50
C GLN B 75 24.63 61.03 54.00
N VAL B 76 24.40 59.85 54.55
CA VAL B 76 23.28 58.99 54.17
C VAL B 76 22.61 58.44 55.44
N VAL B 77 21.31 58.70 55.58
CA VAL B 77 20.50 58.26 56.72
C VAL B 77 20.12 56.79 56.42
N CYS B 78 20.26 55.89 57.41
CA CYS B 78 19.97 54.48 57.19
C CYS B 78 19.33 53.75 58.38
N GLY B 79 18.21 53.07 58.12
CA GLY B 79 17.49 52.31 59.15
C GLY B 79 17.81 50.82 59.26
N ALA B 80 18.81 50.33 58.51
CA ALA B 80 19.20 48.91 58.51
C ALA B 80 19.83 48.46 59.83
N PRO B 81 19.42 47.28 60.38
CA PRO B 81 19.98 46.81 61.66
C PRO B 81 21.48 46.50 61.64
N ASN B 82 22.02 46.15 60.46
CA ASN B 82 23.43 45.79 60.30
C ASN B 82 24.34 46.96 59.93
N VAL B 83 23.79 48.19 59.67
CA VAL B 83 24.61 49.34 59.31
C VAL B 83 25.56 49.72 60.46
N ARG B 84 26.87 49.76 60.16
CA ARG B 84 27.97 50.05 61.10
C ARG B 84 29.22 50.47 60.32
N ALA B 85 30.16 51.17 60.98
CA ALA B 85 31.42 51.60 60.37
C ALA B 85 32.27 50.42 59.88
N GLY B 86 32.98 50.67 58.77
CA GLY B 86 33.87 49.72 58.12
C GLY B 86 33.18 48.76 57.17
N LEU B 87 31.92 49.00 56.88
CA LEU B 87 31.15 48.14 56.01
C LEU B 87 31.23 48.52 54.55
N LYS B 88 31.51 47.54 53.68
CA LYS B 88 31.58 47.68 52.21
C LYS B 88 30.21 47.19 51.72
N ILE B 89 29.42 48.12 51.16
CA ILE B 89 28.01 47.87 50.82
C ILE B 89 27.57 48.53 49.47
N PRO B 90 26.45 48.14 48.84
CA PRO B 90 26.04 48.83 47.60
C PRO B 90 25.45 50.22 47.89
N PHE B 91 26.17 51.27 47.49
CA PHE B 91 25.76 52.65 47.65
C PHE B 91 25.12 53.22 46.38
N ALA B 92 23.79 53.38 46.43
CA ALA B 92 22.96 53.96 45.39
C ALA B 92 23.00 55.50 45.53
N MET B 93 23.71 56.15 44.62
CA MET B 93 23.91 57.60 44.55
C MET B 93 22.62 58.31 44.16
N ILE B 94 22.53 59.64 44.38
CA ILE B 94 21.35 60.40 43.90
C ILE B 94 21.46 60.39 42.36
N GLY B 95 20.38 59.98 41.70
CA GLY B 95 20.32 59.84 40.25
C GLY B 95 20.13 58.41 39.83
N ALA B 96 20.67 57.46 40.65
CA ALA B 96 20.64 55.99 40.45
C ALA B 96 19.27 55.42 40.19
N GLU B 97 19.14 54.64 39.11
CA GLU B 97 17.90 53.97 38.72
C GLU B 97 17.94 52.51 39.21
N LEU B 98 17.15 52.18 40.25
CA LEU B 98 17.05 50.86 40.87
C LEU B 98 15.90 50.03 40.26
N PRO B 99 15.82 48.69 40.49
CA PRO B 99 14.74 47.89 39.86
C PRO B 99 13.31 48.39 40.08
N ASP B 100 12.45 48.12 39.08
CA ASP B 100 11.04 48.49 38.97
C ASP B 100 10.84 50.02 39.05
N ASP B 101 11.57 50.72 38.14
CA ASP B 101 11.60 52.18 37.90
C ASP B 101 11.75 53.03 39.18
N PHE B 102 12.62 52.59 40.12
CA PHE B 102 12.86 53.32 41.36
C PHE B 102 14.04 54.27 41.27
N LYS B 103 13.75 55.58 41.17
CA LYS B 103 14.78 56.63 41.08
C LYS B 103 15.14 57.19 42.46
N ILE B 104 16.45 57.23 42.76
CA ILE B 104 17.02 57.73 44.02
C ILE B 104 17.11 59.26 43.93
N LYS B 105 16.49 59.94 44.90
CA LYS B 105 16.45 61.40 44.98
C LYS B 105 17.04 61.84 46.34
N LYS B 106 17.26 63.17 46.50
CA LYS B 106 17.76 63.71 47.76
C LYS B 106 16.62 63.65 48.78
N ALA B 107 16.93 63.21 50.01
CA ALA B 107 15.95 63.09 51.10
C ALA B 107 16.40 63.81 52.38
N LYS B 108 15.43 64.30 53.17
CA LYS B 108 15.64 64.95 54.47
C LYS B 108 14.82 64.18 55.50
N LEU B 109 15.33 62.99 55.83
CA LEU B 109 14.72 62.07 56.78
C LEU B 109 14.79 62.56 58.25
N ARG B 110 13.61 62.95 58.80
CA ARG B 110 13.39 63.47 60.16
C ARG B 110 14.36 64.61 60.51
N GLY B 111 14.43 65.59 59.62
CA GLY B 111 15.25 66.77 59.77
C GLY B 111 16.72 66.61 59.44
N VAL B 112 17.13 65.39 59.01
CA VAL B 112 18.52 65.08 58.66
C VAL B 112 18.63 64.75 57.16
N GLU B 113 19.57 65.42 56.45
CA GLU B 113 19.81 65.22 55.02
C GLU B 113 20.53 63.91 54.72
N SER B 114 20.15 63.29 53.58
CA SER B 114 20.67 62.01 53.07
C SER B 114 20.90 62.14 51.56
N PHE B 115 22.14 61.86 51.10
CA PHE B 115 22.57 61.97 49.71
C PHE B 115 22.83 60.61 49.03
N GLY B 116 21.82 59.76 49.10
CA GLY B 116 21.90 58.44 48.53
C GLY B 116 21.20 57.41 49.38
N MET B 117 21.45 56.13 49.08
CA MET B 117 20.82 55.00 49.75
C MET B 117 21.77 53.83 49.77
N LEU B 118 21.72 53.03 50.85
CA LEU B 118 22.52 51.80 50.99
C LEU B 118 21.56 50.65 50.73
N CYS B 119 22.00 49.64 49.97
CA CYS B 119 21.09 48.59 49.53
C CYS B 119 21.31 47.19 50.11
N SER B 120 20.21 46.44 50.07
CA SER B 120 20.08 45.03 50.41
C SER B 120 20.03 44.34 49.06
N ALA B 121 20.22 43.02 49.04
CA ALA B 121 20.16 42.24 47.81
C ALA B 121 18.78 42.31 47.13
N LYS B 122 17.69 42.29 47.93
CA LYS B 122 16.30 42.36 47.43
C LYS B 122 16.00 43.65 46.66
N GLU B 123 16.39 44.82 47.23
CA GLU B 123 16.23 46.16 46.64
C GLU B 123 16.93 46.26 45.30
N LEU B 124 18.01 45.47 45.10
CA LEU B 124 18.79 45.42 43.86
C LEU B 124 18.40 44.22 42.98
N GLN B 125 17.52 43.34 43.48
CA GLN B 125 17.02 42.12 42.82
C GLN B 125 18.14 41.10 42.59
N ILE B 126 19.17 41.15 43.46
CA ILE B 126 20.32 40.24 43.44
C ILE B 126 19.90 38.91 44.08
N SER B 127 19.33 38.98 45.29
CA SER B 127 18.81 37.82 46.01
C SER B 127 17.49 38.21 46.72
N GLU B 128 16.91 37.32 47.53
CA GLU B 128 15.68 37.61 48.24
C GLU B 128 15.97 38.17 49.66
N GLU B 129 17.27 38.28 50.02
CA GLU B 129 17.75 38.79 51.31
C GLU B 129 17.45 40.30 51.51
N ASN B 130 16.43 40.59 52.34
CA ASN B 130 16.01 41.95 52.69
C ASN B 130 16.17 42.24 54.18
N ALA B 131 16.66 41.24 54.97
CA ALA B 131 16.92 41.34 56.43
C ALA B 131 17.68 42.62 56.78
N GLY B 132 18.68 42.95 55.94
CA GLY B 132 19.51 44.13 56.04
C GLY B 132 20.31 44.34 54.77
N LEU B 133 21.26 45.29 54.83
CA LEU B 133 22.15 45.64 53.72
C LEU B 133 23.03 44.47 53.27
N LEU B 134 23.36 44.46 51.96
CA LEU B 134 24.21 43.45 51.33
C LEU B 134 25.66 43.68 51.73
N GLU B 135 26.10 43.04 52.82
CA GLU B 135 27.48 43.15 53.31
C GLU B 135 28.43 42.55 52.27
N LEU B 136 29.17 43.43 51.56
CA LEU B 136 30.14 43.04 50.53
C LEU B 136 31.48 42.70 51.21
N PRO B 137 32.39 41.93 50.54
CA PRO B 137 33.69 41.60 51.17
C PRO B 137 34.46 42.78 51.73
N ALA B 138 35.33 42.52 52.71
CA ALA B 138 36.16 43.56 53.33
C ALA B 138 37.11 44.21 52.31
N ASP B 139 37.53 43.43 51.29
CA ASP B 139 38.44 43.79 50.22
C ASP B 139 37.70 44.27 48.93
N ALA B 140 36.42 44.65 49.02
CA ALA B 140 35.69 45.13 47.84
C ALA B 140 36.25 46.52 47.33
N PRO B 141 36.26 46.79 45.99
CA PRO B 141 36.82 48.07 45.50
C PRO B 141 35.88 49.27 45.56
N VAL B 142 36.11 50.23 46.51
CA VAL B 142 35.24 51.42 46.66
C VAL B 142 35.26 52.28 45.39
N GLY B 143 34.06 52.51 44.86
CA GLY B 143 33.82 53.28 43.65
C GLY B 143 33.36 52.48 42.46
N GLN B 144 33.71 51.17 42.45
CA GLN B 144 33.39 50.23 41.36
C GLN B 144 31.89 49.95 41.25
N ASP B 145 31.36 49.93 40.03
CA ASP B 145 29.97 49.60 39.79
C ASP B 145 29.72 48.19 40.37
N VAL B 146 28.66 48.08 41.17
CA VAL B 146 28.21 46.85 41.82
C VAL B 146 27.92 45.74 40.77
N ARG B 147 27.41 46.13 39.57
CA ARG B 147 27.13 45.19 38.47
C ARG B 147 28.42 44.59 37.93
N THR B 148 29.48 45.44 37.85
CA THR B 148 30.83 45.07 37.40
C THR B 148 31.45 44.14 38.44
N TYR B 149 31.41 44.55 39.71
CA TYR B 149 31.99 43.79 40.82
C TYR B 149 31.33 42.42 41.03
N LEU B 150 30.00 42.42 41.11
CA LEU B 150 29.25 41.20 41.34
C LEU B 150 28.97 40.40 40.07
N GLU B 151 29.50 40.89 38.93
CA GLU B 151 29.37 40.27 37.61
C GLU B 151 27.93 39.85 37.33
N LEU B 152 27.02 40.83 37.43
CA LEU B 152 25.58 40.69 37.27
C LEU B 152 25.12 40.67 35.81
N ALA B 153 26.03 41.06 34.90
CA ALA B 153 25.81 41.04 33.46
C ALA B 153 26.26 39.65 33.09
N ASP B 154 25.31 38.70 33.28
CA ASP B 154 25.53 37.28 33.09
C ASP B 154 24.19 36.53 33.05
N TYR B 155 24.25 35.32 32.51
CA TYR B 155 23.15 34.40 32.42
C TYR B 155 23.61 33.08 32.99
N THR B 156 22.66 32.29 33.46
CA THR B 156 22.92 30.91 33.90
C THR B 156 22.32 29.99 32.80
N ILE B 157 23.11 29.03 32.31
CA ILE B 157 22.65 28.10 31.26
C ILE B 157 22.57 26.67 31.83
N GLU B 158 21.41 26.02 31.63
CA GLU B 158 21.17 24.65 32.11
C GLU B 158 21.11 23.74 30.90
N VAL B 159 21.97 22.76 30.89
CA VAL B 159 22.09 21.78 29.81
C VAL B 159 21.62 20.41 30.33
N GLY B 160 20.72 19.79 29.58
CA GLY B 160 20.23 18.45 29.86
C GLY B 160 21.09 17.49 29.06
N LEU B 161 22.18 17.00 29.69
CA LEU B 161 23.16 16.12 29.08
C LEU B 161 22.71 14.68 28.87
N THR B 162 23.17 14.11 27.74
CA THR B 162 22.96 12.72 27.34
C THR B 162 23.97 11.87 28.16
N PRO B 163 23.69 10.58 28.48
CA PRO B 163 24.64 9.80 29.34
C PRO B 163 26.01 9.51 28.74
N ASN B 164 26.18 9.79 27.45
CA ASN B 164 27.45 9.60 26.79
C ASN B 164 28.39 10.83 26.92
N ARG B 165 27.88 11.94 27.49
CA ARG B 165 28.69 13.16 27.61
C ARG B 165 28.99 13.55 29.04
N GLY B 166 29.52 12.56 29.79
CA GLY B 166 29.96 12.70 31.17
C GLY B 166 31.09 13.68 31.33
N ASP B 167 31.79 13.94 30.23
CA ASP B 167 32.91 14.87 30.13
C ASP B 167 32.45 16.34 30.22
N CYS B 168 31.18 16.62 29.90
CA CYS B 168 30.61 17.97 29.96
C CYS B 168 30.03 18.30 31.33
N LEU B 169 30.24 17.43 32.34
CA LEU B 169 29.73 17.64 33.70
C LEU B 169 30.66 18.58 34.52
N SER B 170 31.27 19.55 33.82
CA SER B 170 32.21 20.53 34.35
C SER B 170 32.30 21.70 33.42
N LEU B 171 32.86 22.81 33.91
CA LEU B 171 33.10 23.96 33.05
C LEU B 171 34.26 23.64 32.09
N ALA B 172 35.19 22.77 32.51
CA ALA B 172 36.32 22.34 31.68
C ALA B 172 35.86 21.59 30.43
N GLY B 173 34.89 20.68 30.61
CA GLY B 173 34.32 19.89 29.54
C GLY B 173 33.49 20.69 28.57
N LEU B 174 32.64 21.57 29.14
CA LEU B 174 31.79 22.48 28.37
C LEU B 174 32.58 23.51 27.56
N ALA B 175 33.65 24.07 28.13
CA ALA B 175 34.49 25.04 27.44
C ALA B 175 35.24 24.38 26.28
N ARG B 176 35.63 23.10 26.45
CA ARG B 176 36.32 22.33 25.43
C ARG B 176 35.41 22.14 24.21
N GLU B 177 34.10 21.97 24.46
CA GLU B 177 33.09 21.84 23.43
C GLU B 177 32.94 23.11 22.66
N VAL B 178 32.78 24.26 23.35
CA VAL B 178 32.62 25.57 22.73
C VAL B 178 33.81 25.87 21.82
N SER B 179 35.04 25.58 22.31
CA SER B 179 36.27 25.74 21.53
C SER B 179 36.23 24.87 20.24
N ALA B 180 35.65 23.65 20.33
CA ALA B 180 35.49 22.70 19.21
C ALA B 180 34.46 23.20 18.21
N ILE B 181 33.23 23.53 18.69
CA ILE B 181 32.09 24.04 17.93
C ILE B 181 32.47 25.28 17.11
N TYR B 182 33.05 26.27 17.79
CA TYR B 182 33.35 27.56 17.20
C TYR B 182 34.76 27.76 16.66
N ASP B 183 35.64 26.74 16.78
CA ASP B 183 37.06 26.81 16.35
C ASP B 183 37.72 28.04 16.99
N VAL B 184 37.56 28.17 18.30
CA VAL B 184 38.07 29.30 19.07
C VAL B 184 39.16 28.83 20.07
N PRO B 185 40.19 29.66 20.40
CA PRO B 185 41.22 29.22 21.37
C PRO B 185 40.67 28.93 22.76
N LEU B 186 41.14 27.82 23.36
CA LEU B 186 40.72 27.38 24.69
C LEU B 186 41.79 27.83 25.70
N ALA B 187 41.39 28.68 26.65
CA ALA B 187 42.25 29.22 27.72
C ALA B 187 41.90 28.55 29.07
N PRO B 188 42.42 27.33 29.38
CA PRO B 188 42.05 26.69 30.66
C PRO B 188 42.75 27.35 31.83
N VAL B 189 42.23 27.10 33.05
CA VAL B 189 42.81 27.63 34.30
C VAL B 189 44.22 27.05 34.41
N ALA B 190 45.25 27.90 34.63
CA ALA B 190 46.61 27.37 34.78
C ALA B 190 46.76 26.95 36.23
N VAL B 191 46.89 25.64 36.46
CA VAL B 191 46.99 25.02 37.78
C VAL B 191 48.43 24.67 38.07
N ASP B 192 49.10 25.55 38.84
CA ASP B 192 50.50 25.38 39.24
C ASP B 192 50.52 24.44 40.43
N ALA B 193 51.59 23.64 40.54
CA ALA B 193 51.79 22.75 41.69
C ALA B 193 51.99 23.57 42.97
N VAL B 194 51.48 23.07 44.09
CA VAL B 194 51.64 23.69 45.40
C VAL B 194 52.80 22.93 46.07
N ALA B 195 53.89 23.63 46.38
CA ALA B 195 55.06 23.03 47.03
C ALA B 195 54.75 22.62 48.48
N ALA B 196 55.21 21.40 48.86
CA ALA B 196 55.05 20.86 50.20
C ALA B 196 55.81 21.72 51.23
N GLN B 197 55.10 22.11 52.28
CA GLN B 197 55.65 22.92 53.36
C GLN B 197 56.24 21.99 54.42
N HIS B 198 55.84 20.69 54.38
CA HIS B 198 56.31 19.65 55.30
C HIS B 198 56.34 18.30 54.60
N ASP B 199 56.71 17.22 55.32
CA ASP B 199 56.83 15.89 54.71
C ASP B 199 55.86 14.85 55.27
N GLU B 200 54.88 15.29 56.09
CA GLU B 200 53.84 14.43 56.65
C GLU B 200 52.92 13.91 55.55
N THR B 201 52.77 12.58 55.50
CA THR B 201 51.94 11.83 54.53
C THR B 201 51.19 10.72 55.27
N ARG B 202 50.25 10.07 54.56
CA ARG B 202 49.54 8.90 55.05
C ARG B 202 49.67 7.82 53.98
N PRO B 203 49.97 6.56 54.37
CA PRO B 203 50.10 5.48 53.37
C PRO B 203 48.77 5.18 52.69
N VAL B 204 48.81 4.84 51.40
CA VAL B 204 47.64 4.52 50.58
C VAL B 204 47.80 3.09 50.00
N GLU B 205 46.76 2.25 50.10
CA GLU B 205 46.82 0.89 49.56
C GLU B 205 45.70 0.68 48.53
N LEU B 206 46.04 0.19 47.33
CA LEU B 206 45.06 -0.14 46.29
C LEU B 206 44.83 -1.64 46.34
N ALA B 207 43.92 -2.07 47.22
CA ALA B 207 43.56 -3.47 47.43
C ALA B 207 42.62 -3.98 46.32
N ALA B 208 41.93 -3.06 45.60
CA ALA B 208 41.05 -3.34 44.47
C ALA B 208 41.48 -2.38 43.33
N PRO B 209 42.63 -2.70 42.67
CA PRO B 209 43.16 -1.79 41.64
C PRO B 209 42.34 -1.75 40.37
N ALA B 210 41.50 -2.78 40.13
CA ALA B 210 40.63 -2.87 38.97
C ALA B 210 39.54 -1.79 39.08
N ALA B 211 38.95 -1.62 40.31
CA ALA B 211 37.91 -0.61 40.61
C ALA B 211 38.49 0.82 40.78
N CYS B 212 39.72 0.90 41.31
CA CYS B 212 40.42 2.15 41.50
C CYS B 212 41.88 2.04 41.06
N PRO B 213 42.18 2.35 39.79
CA PRO B 213 43.58 2.25 39.31
C PRO B 213 44.46 3.46 39.64
N ARG B 214 43.87 4.52 40.22
CA ARG B 214 44.63 5.72 40.64
C ARG B 214 43.94 6.40 41.78
N TYR B 215 44.71 6.68 42.84
CA TYR B 215 44.25 7.37 44.06
C TYR B 215 45.34 8.31 44.57
N LEU B 216 44.98 9.59 44.77
CA LEU B 216 45.87 10.64 45.28
C LEU B 216 45.40 11.11 46.66
N GLY B 217 46.36 11.20 47.58
CA GLY B 217 46.10 11.61 48.96
C GLY B 217 47.11 12.62 49.45
N ARG B 218 46.61 13.65 50.18
CA ARG B 218 47.47 14.74 50.66
C ARG B 218 47.02 15.21 52.03
N VAL B 219 48.00 15.39 52.94
CA VAL B 219 47.83 15.88 54.30
C VAL B 219 47.95 17.41 54.27
N ILE B 220 46.92 18.10 54.80
CA ILE B 220 46.91 19.57 54.94
C ILE B 220 46.71 19.91 56.43
N ARG B 221 47.76 20.41 57.07
CA ARG B 221 47.73 20.67 58.50
C ARG B 221 47.37 22.08 58.90
N ASN B 222 46.73 22.18 60.09
CA ASN B 222 46.34 23.38 60.82
C ASN B 222 45.54 24.39 59.97
N VAL B 223 44.28 23.99 59.70
CA VAL B 223 43.27 24.72 58.94
C VAL B 223 42.29 25.41 59.89
N ASP B 224 41.95 26.67 59.58
CA ASP B 224 40.98 27.48 60.35
C ASP B 224 39.62 27.39 59.65
N LEU B 225 38.79 26.45 60.12
CA LEU B 225 37.48 26.18 59.53
C LEU B 225 36.40 27.21 59.87
N SER B 226 36.73 28.16 60.78
CA SER B 226 35.87 29.26 61.17
C SER B 226 35.83 30.29 60.02
N ARG B 227 36.92 30.34 59.21
CA ARG B 227 37.09 31.24 58.07
C ARG B 227 35.99 31.03 57.00
N PRO B 228 35.50 32.10 56.29
CA PRO B 228 34.39 31.90 55.34
C PRO B 228 34.75 31.59 53.89
N THR B 229 33.81 30.98 53.16
CA THR B 229 33.98 30.73 51.73
C THR B 229 33.89 32.10 51.01
N PRO B 230 34.86 32.45 50.14
CA PRO B 230 34.81 33.73 49.42
C PRO B 230 33.60 33.84 48.50
N LEU B 231 33.15 35.07 48.27
CA LEU B 231 32.01 35.42 47.43
C LEU B 231 32.11 34.91 45.99
N TRP B 232 33.31 34.99 45.36
CA TRP B 232 33.46 34.54 43.99
C TRP B 232 33.13 33.04 43.85
N MET B 233 33.55 32.24 44.87
CA MET B 233 33.30 30.80 44.87
C MET B 233 31.83 30.52 45.15
N VAL B 234 31.27 31.19 46.17
CA VAL B 234 29.84 31.08 46.53
C VAL B 234 28.97 31.36 45.31
N GLU B 235 29.25 32.48 44.57
CA GLU B 235 28.51 32.87 43.38
C GLU B 235 28.65 31.87 42.27
N ARG B 236 29.89 31.43 41.95
CA ARG B 236 30.16 30.41 40.93
C ARG B 236 29.41 29.10 41.21
N LEU B 237 29.37 28.64 42.50
CA LEU B 237 28.63 27.44 42.87
C LEU B 237 27.14 27.68 42.77
N ARG B 238 26.65 28.84 43.28
CA ARG B 238 25.22 29.25 43.27
C ARG B 238 24.68 29.27 41.82
N ARG B 239 25.51 29.75 40.87
CA ARG B 239 25.25 29.82 39.44
C ARG B 239 25.33 28.46 38.76
N SER B 240 25.59 27.38 39.51
CA SER B 240 25.63 26.00 39.02
C SER B 240 24.69 25.15 39.88
N ASP B 241 23.86 25.85 40.70
CA ASP B 241 22.86 25.31 41.64
C ASP B 241 23.48 24.53 42.77
N ILE B 242 24.64 24.99 43.26
CA ILE B 242 25.31 24.35 44.37
C ILE B 242 25.31 25.30 45.56
N ARG B 243 24.64 24.87 46.63
CA ARG B 243 24.49 25.59 47.88
C ARG B 243 25.79 25.58 48.66
N SER B 244 26.18 26.74 49.21
CA SER B 244 27.40 26.89 50.03
C SER B 244 27.10 26.27 51.40
N ILE B 245 27.93 25.29 51.85
CA ILE B 245 27.67 24.63 53.14
C ILE B 245 28.79 24.95 54.15
N ASP B 246 30.05 24.73 53.77
CA ASP B 246 31.25 24.99 54.58
C ASP B 246 32.46 25.12 53.64
N PRO B 247 33.52 25.89 54.00
CA PRO B 247 34.64 26.08 53.06
C PRO B 247 35.19 24.82 52.40
N VAL B 248 35.49 23.77 53.20
CA VAL B 248 36.08 22.52 52.71
C VAL B 248 35.19 21.79 51.69
N VAL B 249 33.87 21.66 51.95
CA VAL B 249 32.97 20.99 50.98
C VAL B 249 32.81 21.88 49.75
N ASP B 250 32.74 23.20 49.96
CA ASP B 250 32.63 24.20 48.91
C ASP B 250 33.80 24.14 47.93
N VAL B 251 35.03 23.90 48.43
CA VAL B 251 36.20 23.78 47.55
C VAL B 251 36.14 22.51 46.74
N THR B 252 35.90 21.35 47.40
CA THR B 252 35.87 20.04 46.71
C THR B 252 34.70 20.00 45.71
N ASN B 253 33.60 20.76 45.98
CA ASN B 253 32.49 20.91 45.03
C ASN B 253 32.92 21.83 43.90
N TYR B 254 33.53 22.99 44.23
CA TYR B 254 34.02 23.95 43.24
C TYR B 254 34.97 23.28 42.23
N VAL B 255 35.98 22.55 42.71
CA VAL B 255 36.95 21.83 41.86
C VAL B 255 36.22 20.81 40.95
N MET B 256 35.24 20.09 41.52
CA MET B 256 34.45 19.11 40.77
C MET B 256 33.62 19.77 39.64
N ILE B 257 33.06 20.95 39.91
CA ILE B 257 32.26 21.70 38.94
C ILE B 257 33.15 22.51 37.97
N GLU B 258 34.37 22.88 38.36
CA GLU B 258 35.29 23.59 37.48
C GLU B 258 36.05 22.63 36.55
N LEU B 259 36.65 21.56 37.11
CA LEU B 259 37.47 20.62 36.34
C LEU B 259 36.78 19.29 35.99
N GLY B 260 35.83 18.87 36.83
CA GLY B 260 35.09 17.63 36.64
C GLY B 260 35.58 16.47 37.48
N GLN B 261 36.46 16.77 38.47
CA GLN B 261 37.04 15.80 39.38
C GLN B 261 36.36 15.86 40.74
N PRO B 262 35.49 14.88 41.08
CA PRO B 262 34.89 14.87 42.41
C PRO B 262 36.01 14.61 43.41
N MET B 263 36.02 15.41 44.49
CA MET B 263 37.04 15.32 45.53
C MET B 263 36.42 15.26 46.89
N HIS B 264 37.19 14.77 47.86
CA HIS B 264 36.75 14.61 49.24
C HIS B 264 37.85 14.95 50.25
N ALA B 265 37.46 15.51 51.40
CA ALA B 265 38.36 15.78 52.52
C ALA B 265 37.86 15.03 53.77
N PHE B 266 38.77 14.35 54.45
CA PHE B 266 38.54 13.63 55.70
C PHE B 266 39.23 14.39 56.80
N ASP B 267 38.77 14.25 58.05
CA ASP B 267 39.43 14.81 59.23
C ASP B 267 40.60 13.84 59.43
N LEU B 268 41.84 14.34 59.28
CA LEU B 268 43.05 13.51 59.37
C LEU B 268 43.05 12.60 60.60
N ALA B 269 42.50 13.13 61.72
CA ALA B 269 42.37 12.48 63.02
C ALA B 269 41.53 11.18 62.94
N GLU B 270 40.63 11.13 61.96
CA GLU B 270 39.71 10.00 61.74
C GLU B 270 40.32 8.89 60.91
N ILE B 271 41.53 9.11 60.35
CA ILE B 271 42.24 8.12 59.54
C ILE B 271 43.20 7.36 60.42
N ASN B 272 42.86 6.08 60.66
CA ASN B 272 43.64 5.16 61.47
C ASN B 272 44.54 4.31 60.59
N GLY B 273 45.82 4.67 60.59
CA GLY B 273 46.90 4.01 59.88
C GLY B 273 46.85 4.04 58.37
N GLY B 274 46.55 5.19 57.79
CA GLY B 274 46.51 5.29 56.33
C GLY B 274 45.30 4.66 55.64
N VAL B 275 45.09 5.07 54.38
CA VAL B 275 43.99 4.69 53.47
C VAL B 275 44.16 3.31 52.83
N ARG B 276 43.08 2.52 52.83
CA ARG B 276 43.01 1.19 52.23
C ARG B 276 41.78 1.24 51.30
N VAL B 277 42.03 1.26 49.98
CA VAL B 277 40.99 1.31 48.94
C VAL B 277 40.70 -0.17 48.58
N ARG B 278 39.58 -0.69 49.11
CA ARG B 278 39.21 -2.10 49.03
C ARG B 278 37.72 -2.32 48.84
N MET B 279 37.34 -3.55 48.47
CA MET B 279 35.93 -3.93 48.38
C MET B 279 35.43 -4.13 49.81
N ALA B 280 34.16 -3.79 50.02
CA ALA B 280 33.48 -3.95 51.30
C ALA B 280 33.28 -5.45 51.60
N GLU B 281 33.19 -5.80 52.88
CA GLU B 281 32.92 -7.18 53.28
C GLU B 281 31.40 -7.32 53.35
N ASP B 282 30.85 -8.53 53.07
CA ASP B 282 29.39 -8.76 53.10
C ASP B 282 28.84 -8.52 54.52
N GLY B 283 27.90 -7.58 54.61
CA GLY B 283 27.28 -7.17 55.86
C GLY B 283 28.08 -6.10 56.61
N GLU B 284 29.00 -5.42 55.91
CA GLU B 284 29.78 -4.34 56.54
C GLU B 284 28.84 -3.16 56.66
N LYS B 285 28.76 -2.57 57.86
CA LYS B 285 27.85 -1.45 58.08
C LYS B 285 28.58 -0.12 58.12
N LEU B 286 28.03 0.88 57.44
CA LEU B 286 28.57 2.23 57.43
C LEU B 286 27.46 3.28 57.57
N VAL B 287 27.67 4.28 58.41
CA VAL B 287 26.72 5.37 58.59
C VAL B 287 27.25 6.49 57.72
N LEU B 288 26.44 6.98 56.80
CA LEU B 288 26.87 8.06 55.90
C LEU B 288 26.84 9.42 56.57
N LEU B 289 27.36 10.47 55.90
CA LEU B 289 27.41 11.81 56.49
C LEU B 289 25.97 12.38 56.72
N ASP B 290 25.00 11.85 55.95
CA ASP B 290 23.59 12.21 56.06
C ASP B 290 22.84 11.42 57.19
N GLY B 291 23.52 10.44 57.79
CA GLY B 291 22.97 9.62 58.86
C GLY B 291 22.42 8.27 58.45
N GLN B 292 22.30 8.00 57.15
CA GLN B 292 21.78 6.73 56.64
C GLN B 292 22.72 5.56 57.00
N GLU B 293 22.16 4.48 57.60
CA GLU B 293 22.99 3.32 57.96
C GLU B 293 22.91 2.25 56.89
N ILE B 294 23.93 2.22 56.03
CA ILE B 294 23.99 1.29 54.91
C ILE B 294 24.66 -0.04 55.28
N THR B 295 24.06 -1.16 54.82
CA THR B 295 24.58 -2.51 55.00
C THR B 295 25.08 -2.94 53.62
N LEU B 296 26.42 -3.01 53.51
CA LEU B 296 27.18 -3.24 52.28
C LEU B 296 27.30 -4.69 51.78
N ARG B 297 27.46 -4.79 50.45
CA ARG B 297 27.68 -5.98 49.65
C ARG B 297 29.15 -5.99 49.20
N ALA B 298 29.72 -7.20 48.97
CA ALA B 298 31.11 -7.42 48.54
C ALA B 298 31.47 -6.79 47.19
N ASP B 299 30.47 -6.47 46.36
CA ASP B 299 30.65 -5.86 45.03
C ASP B 299 30.85 -4.34 45.08
N THR B 300 30.86 -3.75 46.29
CA THR B 300 30.95 -2.31 46.48
C THR B 300 32.33 -1.90 46.93
N LEU B 301 32.90 -0.92 46.22
CA LEU B 301 34.20 -0.38 46.57
C LEU B 301 34.03 0.70 47.64
N VAL B 302 34.82 0.56 48.69
CA VAL B 302 34.84 1.46 49.82
C VAL B 302 36.24 2.04 50.03
N ILE B 303 36.27 3.25 50.59
CA ILE B 303 37.49 3.87 51.02
C ILE B 303 37.45 3.60 52.51
N ALA B 304 38.44 2.84 52.99
CA ALA B 304 38.57 2.41 54.37
C ALA B 304 39.94 2.81 54.91
N ASP B 305 40.14 2.62 56.23
CA ASP B 305 41.43 2.82 56.88
C ASP B 305 41.87 1.43 57.38
N HIS B 306 42.74 1.35 58.37
CA HIS B 306 43.20 0.05 58.87
C HIS B 306 42.23 -0.59 59.87
N GLN B 307 41.26 0.21 60.37
CA GLN B 307 40.27 -0.18 61.37
C GLN B 307 38.85 -0.39 60.82
N ARG B 308 38.38 0.47 59.87
CA ARG B 308 37.00 0.44 59.35
C ARG B 308 36.80 1.15 58.00
N ALA B 309 35.61 0.95 57.37
CA ALA B 309 35.20 1.63 56.13
C ALA B 309 34.90 3.10 56.47
N LEU B 310 35.44 4.02 55.69
CA LEU B 310 35.30 5.46 55.91
C LEU B 310 34.25 6.10 55.02
N ALA B 311 34.04 5.55 53.81
CA ALA B 311 33.12 6.09 52.80
C ALA B 311 32.83 5.06 51.72
N ILE B 312 31.74 5.26 50.97
CA ILE B 312 31.42 4.43 49.83
C ILE B 312 32.06 5.14 48.65
N ALA B 313 33.18 4.55 48.14
CA ALA B 313 34.04 5.06 47.08
C ALA B 313 33.31 5.65 45.89
N GLY B 314 33.59 6.94 45.68
CA GLY B 314 33.03 7.74 44.60
C GLY B 314 31.60 8.23 44.75
N VAL B 315 30.89 7.84 45.80
CA VAL B 315 29.48 8.22 45.95
C VAL B 315 29.29 9.09 47.20
N MET B 316 29.58 8.55 48.42
CA MET B 316 29.38 9.34 49.63
C MET B 316 30.27 8.98 50.80
N GLY B 317 30.63 10.01 51.55
CA GLY B 317 31.45 9.91 52.73
C GLY B 317 30.67 9.50 53.96
N GLY B 318 31.37 8.90 54.91
CA GLY B 318 30.83 8.47 56.19
C GLY B 318 30.80 9.63 57.17
N GLU B 319 29.98 9.50 58.23
CA GLU B 319 29.75 10.48 59.30
C GLU B 319 31.02 10.68 60.12
N HIS B 320 31.56 9.58 60.64
CA HIS B 320 32.73 9.50 61.49
C HIS B 320 33.95 10.15 60.83
N SER B 321 34.27 9.76 59.57
CA SER B 321 35.44 10.20 58.81
C SER B 321 35.44 11.67 58.34
N GLY B 322 34.28 12.28 58.13
CA GLY B 322 34.13 13.65 57.64
C GLY B 322 34.57 14.74 58.59
N VAL B 323 34.64 15.96 58.06
CA VAL B 323 35.04 17.19 58.75
C VAL B 323 33.96 17.63 59.79
N SER B 324 34.41 18.13 60.96
CA SER B 324 33.58 18.60 62.08
C SER B 324 34.07 19.97 62.64
N ASP B 325 33.57 20.38 63.83
CA ASP B 325 33.98 21.63 64.49
C ASP B 325 35.38 21.47 65.09
N SER B 326 35.69 20.25 65.59
CA SER B 326 36.96 19.86 66.16
C SER B 326 38.14 19.79 65.14
N THR B 327 37.85 19.54 63.83
CA THR B 327 38.82 19.39 62.73
C THR B 327 39.87 20.52 62.66
N ARG B 328 41.14 20.12 62.70
CA ARG B 328 42.31 21.00 62.62
C ARG B 328 43.16 20.62 61.41
N ASP B 329 43.13 19.32 61.04
CA ASP B 329 43.93 18.78 59.94
C ASP B 329 43.08 18.00 58.93
N LEU B 330 43.41 18.14 57.66
CA LEU B 330 42.68 17.46 56.58
C LEU B 330 43.53 16.43 55.85
N PHE B 331 42.85 15.55 55.13
CA PHE B 331 43.43 14.56 54.26
C PHE B 331 42.57 14.60 53.01
N LEU B 332 43.09 15.21 51.96
CA LEU B 332 42.40 15.33 50.69
C LEU B 332 42.51 14.05 49.88
N GLU B 333 41.47 13.80 49.08
CA GLU B 333 41.35 12.66 48.17
C GLU B 333 40.85 13.09 46.78
N ALA B 334 41.57 12.62 45.76
CA ALA B 334 41.26 12.77 44.34
C ALA B 334 41.64 11.41 43.73
N ALA B 335 40.66 10.70 43.13
CA ALA B 335 40.88 9.37 42.57
C ALA B 335 40.12 9.08 41.27
N PHE B 336 40.57 8.03 40.55
CA PHE B 336 39.87 7.53 39.39
C PHE B 336 39.29 6.20 39.80
N PHE B 337 37.97 6.11 39.63
CA PHE B 337 37.15 4.95 39.88
C PHE B 337 36.61 4.49 38.52
N ASP B 338 36.74 3.17 38.25
CA ASP B 338 36.30 2.54 37.01
C ASP B 338 34.77 2.67 36.88
N THR B 339 34.29 3.15 35.72
CA THR B 339 32.87 3.35 35.40
C THR B 339 32.04 2.07 35.53
N ILE B 340 32.61 0.91 35.11
CA ILE B 340 31.98 -0.41 35.13
C ILE B 340 31.76 -0.87 36.56
N ALA B 341 32.78 -0.70 37.39
CA ALA B 341 32.79 -1.09 38.81
C ALA B 341 31.77 -0.30 39.63
N LEU B 342 31.46 0.94 39.21
CA LEU B 342 30.56 1.84 39.92
C LEU B 342 29.15 1.84 39.41
N ALA B 343 28.97 1.43 38.14
CA ALA B 343 27.70 1.38 37.43
C ALA B 343 26.55 0.79 38.27
N GLY B 344 25.59 1.66 38.61
CA GLY B 344 24.39 1.33 39.36
C GLY B 344 24.56 1.08 40.85
N LYS B 345 25.80 1.17 41.37
CA LYS B 345 26.06 0.90 42.79
C LYS B 345 25.43 1.93 43.73
N ALA B 346 25.45 3.22 43.37
CA ALA B 346 24.84 4.25 44.23
C ALA B 346 23.31 4.01 44.32
N ARG B 347 22.66 3.77 43.15
CA ARG B 347 21.24 3.50 43.03
C ARG B 347 20.83 2.25 43.83
N SER B 348 21.69 1.21 43.86
CA SER B 348 21.41 -0.04 44.55
C SER B 348 21.29 0.12 46.07
N TYR B 349 21.80 1.25 46.63
CA TYR B 349 21.68 1.59 48.06
C TYR B 349 20.70 2.77 48.23
N GLY B 350 20.04 3.14 47.14
CA GLY B 350 19.09 4.25 47.08
C GLY B 350 19.75 5.61 47.21
N LEU B 351 20.95 5.77 46.62
CA LEU B 351 21.73 7.01 46.65
C LEU B 351 22.06 7.56 45.23
N HIS B 352 22.25 8.88 45.14
CA HIS B 352 22.61 9.61 43.93
C HIS B 352 23.23 10.93 44.36
N THR B 353 24.51 11.12 43.98
CA THR B 353 25.32 12.31 44.32
C THR B 353 25.99 12.86 43.07
N ASP B 354 26.55 14.09 43.15
CA ASP B 354 27.26 14.72 42.03
C ASP B 354 28.53 13.95 41.74
N SER B 355 29.06 13.30 42.78
CA SER B 355 30.27 12.49 42.68
C SER B 355 29.90 11.19 42.00
N SER B 356 28.88 10.47 42.53
CA SER B 356 28.43 9.18 41.98
C SER B 356 28.11 9.29 40.48
N HIS B 357 27.37 10.35 40.11
CA HIS B 357 26.97 10.62 38.74
C HIS B 357 28.15 10.76 37.82
N ARG B 358 29.10 11.62 38.16
CA ARG B 358 30.30 11.89 37.38
C ARG B 358 31.19 10.67 37.19
N PHE B 359 31.45 9.90 38.27
CA PHE B 359 32.28 8.69 38.18
C PHE B 359 31.62 7.59 37.34
N GLU B 360 30.28 7.44 37.43
CA GLU B 360 29.53 6.45 36.68
C GLU B 360 29.54 6.76 35.20
N ARG B 361 29.39 8.07 34.89
CA ARG B 361 29.37 8.65 33.55
C ARG B 361 30.81 8.80 32.98
N GLY B 362 31.82 8.71 33.85
CA GLY B 362 33.23 8.77 33.49
C GLY B 362 33.94 10.05 33.87
N VAL B 363 35.00 9.94 34.71
CA VAL B 363 35.85 11.05 35.12
C VAL B 363 37.21 10.83 34.48
N ASP B 364 37.77 11.88 33.82
CA ASP B 364 39.09 11.85 33.16
C ASP B 364 40.12 11.17 34.09
N SER B 365 40.62 10.00 33.68
CA SER B 365 41.57 9.17 34.43
C SER B 365 42.94 9.82 34.68
N GLN B 366 43.23 10.97 34.06
CA GLN B 366 44.52 11.66 34.24
C GLN B 366 44.42 12.94 35.07
N LEU B 367 43.18 13.37 35.32
CA LEU B 367 42.81 14.63 35.96
C LEU B 367 43.17 14.76 37.46
N ALA B 368 43.13 13.66 38.24
CA ALA B 368 43.36 13.64 39.70
C ALA B 368 44.45 14.57 40.22
N ARG B 369 45.61 14.63 39.53
CA ARG B 369 46.76 15.46 39.95
C ARG B 369 46.49 16.98 39.88
N LYS B 370 45.97 17.44 38.72
CA LYS B 370 45.63 18.84 38.46
C LYS B 370 44.60 19.30 39.49
N ALA B 371 43.58 18.47 39.75
CA ALA B 371 42.52 18.75 40.72
C ALA B 371 43.07 18.85 42.16
N MET B 372 43.96 17.91 42.54
CA MET B 372 44.60 17.89 43.85
C MET B 372 45.38 19.18 44.10
N GLU B 373 46.14 19.66 43.10
CA GLU B 373 46.91 20.91 43.20
C GLU B 373 45.98 22.12 43.28
N ARG B 374 44.90 22.11 42.48
CA ARG B 374 43.89 23.16 42.46
C ARG B 374 43.18 23.28 43.81
N ALA B 375 42.75 22.14 44.39
CA ALA B 375 42.07 22.13 45.67
C ALA B 375 43.00 22.58 46.80
N THR B 376 44.29 22.20 46.71
CA THR B 376 45.28 22.57 47.72
C THR B 376 45.41 24.09 47.78
N ARG B 377 45.60 24.77 46.60
CA ARG B 377 45.74 26.23 46.55
C ARG B 377 44.53 26.93 47.19
N LEU B 378 43.33 26.49 46.80
CA LEU B 378 42.07 27.05 47.27
C LEU B 378 41.89 26.83 48.75
N ILE B 379 42.18 25.61 49.25
CA ILE B 379 42.09 25.34 50.68
C ILE B 379 43.01 26.29 51.47
N LEU B 380 44.27 26.43 51.04
CA LEU B 380 45.25 27.31 51.70
C LEU B 380 44.85 28.78 51.66
N ASP B 381 44.25 29.21 50.54
CA ASP B 381 43.79 30.56 50.38
C ASP B 381 42.52 30.83 51.19
N ILE B 382 41.67 29.80 51.42
CA ILE B 382 40.41 29.97 52.14
C ILE B 382 40.52 29.71 53.67
N VAL B 383 41.16 28.61 54.08
CA VAL B 383 41.24 28.19 55.48
C VAL B 383 42.70 28.11 56.01
N GLY B 384 43.66 28.41 55.14
CA GLY B 384 45.07 28.36 55.48
C GLY B 384 45.57 26.94 55.63
N GLY B 385 46.67 26.78 56.34
CA GLY B 385 47.26 25.48 56.57
C GLY B 385 48.57 25.25 55.85
N GLU B 386 49.18 24.10 56.13
CA GLU B 386 50.47 23.69 55.56
C GLU B 386 50.32 22.42 54.74
N PRO B 387 50.60 22.48 53.43
CA PRO B 387 50.46 21.28 52.61
C PRO B 387 51.62 20.31 52.75
N GLY B 388 51.30 19.02 52.75
CA GLY B 388 52.30 17.97 52.78
C GLY B 388 52.52 17.54 51.34
N PRO B 389 53.37 16.52 51.08
CA PRO B 389 53.53 16.06 49.68
C PRO B 389 52.35 15.20 49.23
N ILE B 390 52.09 15.17 47.91
CA ILE B 390 51.03 14.31 47.38
C ILE B 390 51.53 12.84 47.38
N VAL B 391 50.65 11.92 47.78
CA VAL B 391 50.86 10.47 47.74
C VAL B 391 50.00 9.94 46.58
N GLU B 392 50.66 9.51 45.49
CA GLU B 392 50.00 8.96 44.32
C GLU B 392 50.24 7.46 44.27
N GLN B 393 49.16 6.70 44.38
CA GLN B 393 49.17 5.26 44.25
C GLN B 393 48.47 4.97 42.93
N VAL B 394 49.14 4.28 41.99
CA VAL B 394 48.61 4.02 40.65
C VAL B 394 48.98 2.60 40.13
N SER B 395 48.00 1.93 39.47
CA SER B 395 48.16 0.63 38.84
C SER B 395 48.03 0.82 37.33
N GLU B 396 49.18 0.89 36.64
CA GLU B 396 49.24 1.10 35.18
C GLU B 396 48.47 0.04 34.40
N ALA B 397 48.61 -1.25 34.79
CA ALA B 397 47.94 -2.37 34.13
C ALA B 397 46.41 -2.31 34.17
N HIS B 398 45.83 -1.56 35.15
CA HIS B 398 44.39 -1.40 35.34
C HIS B 398 43.83 -0.09 34.86
N LEU B 399 44.70 0.85 34.44
CA LEU B 399 44.31 2.16 33.91
C LEU B 399 43.50 1.99 32.61
N PRO B 400 42.47 2.82 32.34
CA PRO B 400 41.68 2.65 31.11
C PRO B 400 42.44 3.02 29.84
N LYS B 401 42.35 2.15 28.82
CA LYS B 401 43.00 2.29 27.52
C LYS B 401 42.03 1.94 26.41
N VAL B 402 41.90 2.85 25.45
CA VAL B 402 41.02 2.68 24.27
C VAL B 402 41.94 2.49 23.06
N ALA B 403 41.89 1.28 22.45
CA ALA B 403 42.72 0.95 21.29
C ALA B 403 42.48 1.94 20.16
N PRO B 404 43.53 2.41 19.43
CA PRO B 404 43.28 3.37 18.34
C PRO B 404 42.29 2.82 17.31
N ILE B 405 41.44 3.74 16.83
CA ILE B 405 40.37 3.46 15.87
C ILE B 405 40.81 3.79 14.47
N THR B 406 40.56 2.89 13.50
CA THR B 406 40.82 3.19 12.10
C THR B 406 39.56 3.80 11.50
N LEU B 407 39.65 5.08 11.10
CA LEU B 407 38.60 5.84 10.45
C LEU B 407 38.88 5.87 8.94
N ARG B 408 37.89 5.45 8.14
CA ARG B 408 37.99 5.41 6.67
C ARG B 408 37.09 6.49 6.09
N ALA B 409 37.66 7.34 5.20
CA ALA B 409 36.94 8.44 4.54
C ALA B 409 35.69 7.97 3.78
N GLU B 410 35.77 6.76 3.16
CA GLU B 410 34.68 6.15 2.38
C GLU B 410 33.43 5.93 3.24
N ARG B 411 33.66 5.53 4.49
CA ARG B 411 32.62 5.27 5.47
C ARG B 411 31.96 6.56 5.94
N VAL B 412 32.74 7.67 6.05
CA VAL B 412 32.19 8.98 6.41
C VAL B 412 31.26 9.45 5.30
N THR B 413 31.74 9.38 4.03
CA THR B 413 30.97 9.74 2.83
C THR B 413 29.66 8.93 2.78
N GLN B 414 29.76 7.59 2.92
CA GLN B 414 28.65 6.65 2.92
C GLN B 414 27.55 7.07 3.90
N MET B 415 27.91 7.19 5.17
CA MET B 415 27.03 7.52 6.29
C MET B 415 26.41 8.92 6.18
N LEU B 416 27.21 9.93 5.81
CA LEU B 416 26.77 11.32 5.71
C LEU B 416 26.07 11.67 4.38
N GLY B 417 26.26 10.84 3.36
CA GLY B 417 25.69 11.08 2.05
C GLY B 417 26.44 12.15 1.28
N MET B 418 27.61 12.54 1.80
CA MET B 418 28.50 13.56 1.23
C MET B 418 29.94 13.41 1.69
N PRO B 419 30.92 13.69 0.83
CA PRO B 419 32.32 13.58 1.27
C PRO B 419 32.81 14.84 1.98
N LEU B 420 33.61 14.64 3.04
CA LEU B 420 34.25 15.72 3.78
C LEU B 420 35.75 15.72 3.45
N ASP B 421 36.36 16.93 3.34
CA ASP B 421 37.79 17.08 3.04
C ASP B 421 38.63 16.54 4.20
N ALA B 422 39.77 15.92 3.87
CA ALA B 422 40.69 15.36 4.87
C ALA B 422 41.08 16.39 5.93
N ALA B 423 41.31 17.66 5.51
CA ALA B 423 41.66 18.80 6.38
C ALA B 423 40.51 19.12 7.33
N GLU B 424 39.26 19.04 6.84
CA GLU B 424 38.06 19.29 7.63
C GLU B 424 37.92 18.18 8.67
N ILE B 425 38.03 16.90 8.24
CA ILE B 425 37.96 15.71 9.11
C ILE B 425 38.99 15.85 10.26
N VAL B 426 40.26 16.10 9.88
CA VAL B 426 41.34 16.28 10.82
C VAL B 426 41.04 17.46 11.75
N ARG B 427 40.76 18.68 11.20
CA ARG B 427 40.54 19.85 12.04
C ARG B 427 39.48 19.64 13.10
N LEU B 428 38.33 19.09 12.67
CA LEU B 428 37.19 18.79 13.53
C LEU B 428 37.54 17.82 14.66
N LEU B 429 38.08 16.63 14.33
CA LEU B 429 38.47 15.65 15.34
C LEU B 429 39.58 16.14 16.31
N GLN B 430 40.57 16.91 15.80
CA GLN B 430 41.64 17.45 16.64
C GLN B 430 41.09 18.41 17.72
N ALA B 431 40.01 19.17 17.39
CA ALA B 431 39.33 20.13 18.29
C ALA B 431 38.69 19.43 19.51
N LEU B 432 38.32 18.15 19.31
CA LEU B 432 37.76 17.29 20.33
C LEU B 432 38.86 16.58 21.09
N GLU B 433 40.14 16.92 20.78
CA GLU B 433 41.40 16.42 21.36
C GLU B 433 41.70 14.97 20.95
N LEU B 434 41.21 14.57 19.77
CA LEU B 434 41.47 13.25 19.23
C LEU B 434 42.80 13.27 18.49
N THR B 435 43.53 12.15 18.53
CA THR B 435 44.84 12.00 17.92
C THR B 435 44.70 11.35 16.55
N VAL B 436 44.52 12.20 15.53
CA VAL B 436 44.38 11.82 14.12
C VAL B 436 45.77 11.75 13.45
N VAL B 437 46.06 10.61 12.85
CA VAL B 437 47.31 10.36 12.13
C VAL B 437 47.02 9.51 10.87
N ALA B 438 47.51 9.96 9.69
CA ALA B 438 47.29 9.25 8.42
C ALA B 438 47.77 7.81 8.45
N ASP B 439 46.98 6.91 7.88
CA ASP B 439 47.21 5.46 7.82
C ASP B 439 46.95 4.99 6.36
N GLY B 440 47.70 5.59 5.44
CA GLY B 440 47.57 5.31 4.02
C GLY B 440 46.59 6.27 3.37
N GLU B 441 46.10 5.91 2.16
CA GLU B 441 45.16 6.75 1.42
C GLU B 441 43.71 6.59 1.89
N GLY B 442 43.10 7.73 2.25
CA GLY B 442 41.72 7.84 2.72
C GLY B 442 41.39 6.97 3.93
N GLN B 443 42.32 6.96 4.91
CA GLN B 443 42.26 6.20 6.15
C GLN B 443 43.17 6.86 7.19
N TRP B 444 42.76 6.85 8.47
CA TRP B 444 43.53 7.40 9.59
C TRP B 444 43.47 6.49 10.79
N SER B 445 44.38 6.69 11.74
CA SER B 445 44.37 6.04 13.03
C SER B 445 44.10 7.13 14.07
N VAL B 446 42.99 7.00 14.79
CA VAL B 446 42.62 8.01 15.78
C VAL B 446 42.65 7.46 17.19
N GLY B 447 43.27 8.24 18.09
CA GLY B 447 43.41 7.95 19.52
C GLY B 447 42.46 8.81 20.35
N VAL B 448 41.89 8.20 21.36
CA VAL B 448 40.85 8.79 22.22
C VAL B 448 41.43 9.50 23.44
N PRO B 449 41.06 10.81 23.64
CA PRO B 449 41.51 11.52 24.85
C PRO B 449 40.88 10.96 26.14
N SER B 450 41.61 11.08 27.28
CA SER B 450 41.31 10.53 28.59
C SER B 450 39.98 10.92 29.20
N HIS B 451 39.33 12.00 28.73
CA HIS B 451 38.03 12.48 29.25
C HIS B 451 36.82 11.87 28.50
N ARG B 452 37.04 11.30 27.29
CA ARG B 452 35.98 10.67 26.52
C ARG B 452 35.90 9.20 26.79
N PHE B 453 34.74 8.75 27.33
CA PHE B 453 34.47 7.35 27.64
C PHE B 453 33.41 6.75 26.68
N ASP B 454 32.90 7.59 25.74
CA ASP B 454 31.88 7.22 24.74
C ASP B 454 32.41 6.90 23.35
N ILE B 455 33.67 7.23 23.06
CA ILE B 455 34.33 6.99 21.78
C ILE B 455 35.21 5.74 21.85
N SER B 456 35.01 4.78 20.95
CA SER B 456 35.79 3.54 20.90
C SER B 456 35.71 2.87 19.51
N LEU B 457 34.65 3.22 18.73
CA LEU B 457 34.36 2.71 17.39
C LEU B 457 34.37 3.79 16.32
N GLU B 458 34.50 3.36 15.06
CA GLU B 458 34.51 4.22 13.87
C GLU B 458 33.22 5.03 13.74
N VAL B 459 32.07 4.39 14.02
CA VAL B 459 30.75 5.03 13.98
C VAL B 459 30.66 6.24 14.97
N ASP B 460 31.30 6.13 16.15
CA ASP B 460 31.35 7.17 17.19
C ASP B 460 32.09 8.40 16.65
N LEU B 461 33.13 8.17 15.81
CA LEU B 461 33.93 9.22 15.18
C LEU B 461 33.11 9.92 14.09
N ILE B 462 32.41 9.12 13.25
CA ILE B 462 31.51 9.62 12.20
C ILE B 462 30.39 10.46 12.83
N GLU B 463 29.86 10.01 13.99
CA GLU B 463 28.83 10.70 14.78
C GLU B 463 29.33 12.11 15.13
N GLU B 464 30.56 12.19 15.67
CA GLU B 464 31.19 13.44 16.07
C GLU B 464 31.36 14.39 14.89
N LEU B 465 31.77 13.84 13.71
CA LEU B 465 31.94 14.60 12.47
C LEU B 465 30.62 15.18 12.02
N ALA B 466 29.55 14.34 12.03
CA ALA B 466 28.18 14.71 11.65
C ALA B 466 27.69 15.85 12.53
N ARG B 467 27.80 15.64 13.85
CA ARG B 467 27.43 16.53 14.94
C ARG B 467 28.03 17.93 14.78
N LEU B 468 29.35 17.98 14.58
CA LEU B 468 30.08 19.24 14.48
C LEU B 468 29.87 19.93 13.14
N TYR B 469 29.76 19.15 12.04
CA TYR B 469 29.50 19.71 10.71
C TYR B 469 28.11 20.39 10.71
N GLY B 470 27.13 19.70 11.26
CA GLY B 470 25.75 20.16 11.38
C GLY B 470 24.75 19.19 10.78
N TYR B 471 23.88 18.62 11.64
CA TYR B 471 22.84 17.64 11.25
C TYR B 471 21.93 18.14 10.13
N ASN B 472 21.45 19.38 10.25
CA ASN B 472 20.55 20.04 9.31
C ASN B 472 21.28 20.53 8.05
N ARG B 473 22.62 20.62 8.10
CA ARG B 473 23.45 21.02 6.97
C ARG B 473 23.64 19.84 6.02
N LEU B 474 23.54 18.59 6.56
CA LEU B 474 23.72 17.33 5.83
C LEU B 474 22.67 17.11 4.74
N PRO B 475 23.01 16.33 3.67
CA PRO B 475 22.03 16.10 2.58
C PRO B 475 20.81 15.26 2.95
N VAL B 476 19.85 15.17 2.00
CA VAL B 476 18.60 14.43 2.09
C VAL B 476 18.43 13.58 0.83
N ARG B 477 18.26 12.28 1.05
CA ARG B 477 18.13 11.25 0.04
C ARG B 477 17.00 10.32 0.50
N TYR B 478 16.42 9.55 -0.41
CA TYR B 478 15.35 8.60 -0.08
C TYR B 478 15.93 7.22 -0.37
N PRO B 479 15.87 6.26 0.59
CA PRO B 479 16.50 4.95 0.36
C PRO B 479 16.03 4.18 -0.85
N GLN B 480 16.98 3.50 -1.53
CA GLN B 480 16.75 2.65 -2.69
C GLN B 480 16.12 1.33 -2.26
N ALA B 481 15.19 0.79 -3.10
CA ALA B 481 14.47 -0.44 -2.81
C ALA B 481 14.18 -1.25 -4.06
N ARG B 482 14.68 -2.50 -4.08
CA ARG B 482 14.46 -3.50 -5.13
C ARG B 482 13.13 -4.15 -4.70
N LEU B 483 12.01 -3.56 -5.14
CA LEU B 483 10.68 -4.01 -4.78
C LEU B 483 9.98 -4.84 -5.84
N ALA B 484 9.26 -5.88 -5.38
CA ALA B 484 8.45 -6.79 -6.18
C ALA B 484 6.96 -6.72 -5.76
N PRO B 485 6.02 -6.85 -6.73
CA PRO B 485 4.60 -6.86 -6.35
C PRO B 485 4.28 -7.99 -5.35
N ASN B 486 3.38 -7.68 -4.41
CA ASN B 486 2.96 -8.59 -3.35
C ASN B 486 1.61 -8.19 -2.79
N ASN B 487 0.90 -9.16 -2.19
CA ASN B 487 -0.39 -8.93 -1.55
C ASN B 487 -0.74 -10.12 -0.67
N LYS B 488 -1.50 -9.83 0.41
CA LYS B 488 -2.02 -10.79 1.37
C LYS B 488 -3.18 -11.57 0.72
N PRO B 489 -3.52 -12.81 1.19
CA PRO B 489 -4.66 -13.54 0.57
C PRO B 489 -5.98 -12.76 0.53
N GLU B 490 -6.77 -13.01 -0.53
CA GLU B 490 -8.04 -12.33 -0.80
C GLU B 490 -9.11 -12.58 0.25
N ALA B 491 -9.35 -13.88 0.58
CA ALA B 491 -10.37 -14.33 1.51
C ALA B 491 -9.96 -14.26 2.98
N ARG B 492 -9.79 -13.03 3.48
CA ARG B 492 -9.41 -12.79 4.87
C ARG B 492 -10.04 -11.50 5.40
N ALA B 493 -10.59 -11.59 6.61
CA ALA B 493 -11.22 -10.51 7.35
C ALA B 493 -10.19 -9.95 8.32
N ALA B 494 -9.47 -8.89 7.89
CA ALA B 494 -8.46 -8.24 8.73
C ALA B 494 -9.17 -7.31 9.73
N LEU B 495 -8.49 -6.98 10.85
CA LEU B 495 -9.05 -6.10 11.87
C LEU B 495 -9.43 -4.70 11.33
N PRO B 496 -8.63 -4.01 10.48
CA PRO B 496 -9.07 -2.68 9.97
C PRO B 496 -10.42 -2.71 9.27
N LEU B 497 -10.68 -3.80 8.56
CA LEU B 497 -11.91 -4.07 7.82
C LEU B 497 -13.11 -4.24 8.79
N LEU B 498 -12.91 -5.09 9.81
CA LEU B 498 -13.89 -5.40 10.86
C LEU B 498 -14.29 -4.18 11.68
N ARG B 499 -13.34 -3.27 11.92
CA ARG B 499 -13.57 -2.02 12.66
C ARG B 499 -14.53 -1.11 11.89
N ARG B 500 -14.25 -0.94 10.57
CA ARG B 500 -15.01 -0.11 9.67
C ARG B 500 -16.40 -0.62 9.48
N LEU B 501 -16.55 -1.96 9.56
CA LEU B 501 -17.85 -2.60 9.48
C LEU B 501 -18.70 -2.18 10.68
N LEU B 502 -18.13 -2.31 11.89
CA LEU B 502 -18.79 -1.96 13.13
C LEU B 502 -19.13 -0.47 13.21
N VAL B 503 -18.25 0.40 12.67
CA VAL B 503 -18.48 1.84 12.55
C VAL B 503 -19.75 2.03 11.71
N ALA B 504 -19.79 1.43 10.50
CA ALA B 504 -20.95 1.49 9.60
C ALA B 504 -22.22 0.94 10.25
N ARG B 505 -22.06 -0.03 11.16
CA ARG B 505 -23.13 -0.72 11.87
C ARG B 505 -23.52 0.00 13.18
N GLY B 506 -23.10 1.25 13.31
CA GLY B 506 -23.41 2.15 14.43
C GLY B 506 -22.64 2.04 15.74
N TYR B 507 -21.34 1.67 15.68
CA TYR B 507 -20.50 1.51 16.88
C TYR B 507 -19.42 2.57 17.02
N GLN B 508 -19.10 2.87 18.27
CA GLN B 508 -18.06 3.80 18.66
C GLN B 508 -16.90 3.00 19.23
N GLU B 509 -15.69 3.28 18.75
CA GLU B 509 -14.50 2.56 19.19
C GLU B 509 -13.98 3.09 20.50
N ALA B 510 -13.65 2.17 21.41
CA ALA B 510 -13.07 2.47 22.72
C ALA B 510 -11.67 1.87 22.87
N ILE B 511 -10.83 2.51 23.68
CA ILE B 511 -9.49 2.04 24.07
C ILE B 511 -9.42 2.12 25.61
N THR B 512 -9.33 0.93 26.27
CA THR B 512 -9.26 0.80 27.73
C THR B 512 -7.87 0.27 28.20
N PHE B 513 -7.48 0.52 29.49
CA PHE B 513 -6.22 0.01 30.05
C PHE B 513 -6.21 -1.52 30.11
N SER B 514 -5.08 -2.15 29.73
CA SER B 514 -4.90 -3.61 29.71
C SER B 514 -4.85 -4.16 31.14
N PHE B 515 -4.35 -3.34 32.09
CA PHE B 515 -4.31 -3.67 33.51
C PHE B 515 -5.52 -3.12 34.21
N ILE B 516 -6.26 -4.02 34.85
CA ILE B 516 -7.49 -3.74 35.56
C ILE B 516 -7.39 -4.14 37.03
N ASP B 517 -8.40 -3.75 37.81
CA ASP B 517 -8.51 -4.06 39.23
C ASP B 517 -8.77 -5.57 39.43
N PRO B 518 -8.01 -6.23 40.35
CA PRO B 518 -8.19 -7.69 40.56
C PRO B 518 -9.61 -8.10 40.97
N ALA B 519 -10.32 -7.22 41.71
CA ALA B 519 -11.70 -7.45 42.12
C ALA B 519 -12.61 -7.45 40.88
N LEU B 520 -12.38 -6.50 39.92
CA LEU B 520 -13.14 -6.43 38.65
C LEU B 520 -12.90 -7.69 37.80
N PHE B 521 -11.61 -8.12 37.69
CA PHE B 521 -11.16 -9.32 36.99
C PHE B 521 -11.96 -10.54 37.49
N GLU B 522 -11.99 -10.71 38.81
CA GLU B 522 -12.67 -11.78 39.51
C GLU B 522 -14.19 -11.87 39.23
N LEU B 523 -14.83 -10.72 38.99
CA LEU B 523 -16.26 -10.63 38.68
C LEU B 523 -16.60 -11.31 37.35
N PHE B 524 -15.77 -11.04 36.30
CA PHE B 524 -15.94 -11.56 34.94
C PHE B 524 -15.22 -12.89 34.72
N ASP B 525 -14.20 -13.15 35.54
CA ASP B 525 -13.37 -14.35 35.49
C ASP B 525 -13.16 -14.94 36.91
N PRO B 526 -14.22 -15.57 37.47
CA PRO B 526 -14.11 -16.14 38.81
C PRO B 526 -13.24 -17.39 38.86
N GLY B 527 -12.49 -17.53 39.95
CA GLY B 527 -11.59 -18.64 40.21
C GLY B 527 -10.33 -18.66 39.37
N THR B 528 -10.18 -17.70 38.45
CA THR B 528 -9.02 -17.58 37.57
C THR B 528 -8.02 -16.66 38.21
N GLN B 529 -6.75 -17.12 38.27
CA GLN B 529 -5.67 -16.32 38.82
C GLN B 529 -5.17 -15.36 37.72
N PRO B 530 -5.31 -14.02 37.91
CA PRO B 530 -4.80 -13.09 36.87
C PRO B 530 -3.28 -13.05 36.84
N LEU B 531 -2.73 -12.59 35.71
CA LEU B 531 -1.30 -12.37 35.61
C LEU B 531 -1.11 -11.02 36.32
N THR B 532 -0.57 -11.05 37.56
CA THR B 532 -0.38 -9.87 38.39
C THR B 532 1.01 -9.26 38.23
N LEU B 533 1.04 -7.91 38.18
CA LEU B 533 2.24 -7.08 38.14
C LEU B 533 2.93 -7.05 39.51
N ALA B 534 4.28 -7.02 39.49
CA ALA B 534 5.09 -6.95 40.70
C ALA B 534 5.06 -5.51 41.21
N ASN B 535 5.17 -4.53 40.29
CA ASN B 535 5.18 -3.11 40.62
C ASN B 535 4.04 -2.30 39.97
N PRO B 536 2.74 -2.60 40.27
CA PRO B 536 1.66 -1.81 39.64
C PRO B 536 1.69 -0.33 40.04
N ILE B 537 1.13 0.53 39.19
CA ILE B 537 1.08 1.99 39.40
C ILE B 537 0.20 2.29 40.61
N SER B 538 -0.89 1.51 40.76
CA SER B 538 -1.85 1.52 41.87
C SER B 538 -2.40 0.08 41.96
N ALA B 539 -3.16 -0.24 43.02
CA ALA B 539 -3.74 -1.57 43.23
C ALA B 539 -4.87 -1.90 42.24
N ASP B 540 -5.64 -0.88 41.81
CA ASP B 540 -6.76 -1.03 40.87
C ASP B 540 -6.28 -1.18 39.40
N MET B 541 -4.95 -1.35 39.19
CA MET B 541 -4.31 -1.54 37.90
C MET B 541 -3.19 -2.60 38.01
N ALA B 542 -3.49 -3.72 38.71
CA ALA B 542 -2.54 -4.80 39.00
C ALA B 542 -2.73 -6.09 38.22
N ALA B 543 -3.93 -6.32 37.64
CA ALA B 543 -4.25 -7.53 36.90
C ALA B 543 -4.31 -7.35 35.39
N MET B 544 -3.60 -8.21 34.64
CA MET B 544 -3.66 -8.19 33.18
C MET B 544 -4.99 -8.78 32.81
N ARG B 545 -5.74 -8.08 31.96
CA ARG B 545 -7.06 -8.50 31.49
C ARG B 545 -7.05 -9.84 30.74
N SER B 546 -8.05 -10.69 31.01
CA SER B 546 -8.30 -11.99 30.37
C SER B 546 -9.48 -11.83 29.39
N SER B 547 -10.10 -10.63 29.41
CA SER B 547 -11.26 -10.21 28.63
C SER B 547 -11.28 -8.67 28.53
N LEU B 548 -11.83 -8.14 27.42
CA LEU B 548 -11.94 -6.70 27.18
C LEU B 548 -13.27 -6.19 27.74
N TRP B 549 -14.15 -7.13 28.15
CA TRP B 549 -15.48 -6.87 28.72
C TRP B 549 -15.45 -5.99 29.96
N PRO B 550 -14.61 -6.27 31.02
CA PRO B 550 -14.60 -5.40 32.20
C PRO B 550 -14.36 -3.93 31.85
N GLY B 551 -13.32 -3.69 31.04
CA GLY B 551 -12.97 -2.36 30.56
C GLY B 551 -14.06 -1.71 29.73
N LEU B 552 -14.76 -2.50 28.89
CA LEU B 552 -15.85 -1.98 28.07
C LEU B 552 -17.08 -1.64 28.89
N VAL B 553 -17.48 -2.57 29.79
CA VAL B 553 -18.62 -2.38 30.71
C VAL B 553 -18.37 -1.08 31.50
N LYS B 554 -17.13 -0.88 31.96
CA LYS B 554 -16.73 0.30 32.71
C LYS B 554 -16.90 1.61 31.90
N ALA B 555 -16.46 1.61 30.64
CA ALA B 555 -16.59 2.75 29.73
C ALA B 555 -18.07 3.01 29.43
N LEU B 556 -18.86 1.93 29.38
CA LEU B 556 -20.29 2.00 29.14
C LEU B 556 -20.96 2.67 30.32
N GLN B 557 -20.59 2.30 31.55
CA GLN B 557 -21.21 2.92 32.72
C GLN B 557 -20.67 4.33 32.95
N HIS B 558 -19.42 4.62 32.49
CA HIS B 558 -18.84 5.97 32.59
C HIS B 558 -19.73 6.97 31.83
N ASN B 559 -20.22 6.53 30.66
CA ASN B 559 -21.11 7.28 29.79
C ASN B 559 -22.53 7.35 30.33
N LEU B 560 -23.05 6.21 30.81
CA LEU B 560 -24.39 6.09 31.38
C LEU B 560 -24.54 7.06 32.54
N ASN B 561 -23.47 7.22 33.34
CA ASN B 561 -23.37 8.13 34.47
C ASN B 561 -23.12 9.59 34.00
N ARG B 562 -23.06 9.80 32.68
CA ARG B 562 -22.80 11.11 32.07
C ARG B 562 -23.91 11.49 31.09
N GLN B 563 -25.18 11.21 31.45
CA GLN B 563 -26.39 11.52 30.67
C GLN B 563 -26.43 10.87 29.25
N GLN B 564 -25.87 9.66 29.12
CA GLN B 564 -25.93 8.89 27.88
C GLN B 564 -26.87 7.72 28.15
N SER B 565 -27.78 7.43 27.21
CA SER B 565 -28.73 6.33 27.36
C SER B 565 -28.46 5.20 26.36
N ARG B 566 -27.93 5.54 25.17
CA ARG B 566 -27.62 4.59 24.10
C ARG B 566 -26.11 4.54 23.93
N VAL B 567 -25.49 3.49 24.49
CA VAL B 567 -24.03 3.31 24.43
C VAL B 567 -23.71 2.06 23.59
N ARG B 568 -22.98 2.25 22.49
CA ARG B 568 -22.59 1.20 21.54
C ARG B 568 -21.08 1.31 21.35
N LEU B 569 -20.33 0.39 21.97
CA LEU B 569 -18.85 0.41 21.96
C LEU B 569 -18.18 -0.88 21.49
N PHE B 570 -16.97 -0.73 20.97
CA PHE B 570 -16.16 -1.86 20.56
C PHE B 570 -14.70 -1.56 20.81
N GLU B 571 -13.94 -2.60 21.10
CA GLU B 571 -12.50 -2.52 21.34
C GLU B 571 -11.83 -3.78 20.80
N SER B 572 -10.58 -3.61 20.38
CA SER B 572 -9.73 -4.69 19.93
C SER B 572 -8.46 -4.60 20.77
N GLY B 573 -7.93 -5.76 21.14
CA GLY B 573 -6.73 -5.81 21.94
C GLY B 573 -6.40 -7.20 22.41
N LEU B 574 -5.29 -7.32 23.13
CA LEU B 574 -4.84 -8.60 23.67
C LEU B 574 -5.53 -8.94 25.00
N ARG B 575 -5.73 -10.25 25.19
CA ARG B 575 -6.18 -10.84 26.44
C ARG B 575 -4.94 -11.61 26.91
N PHE B 576 -4.78 -11.75 28.21
CA PHE B 576 -3.62 -12.41 28.79
C PHE B 576 -4.14 -13.58 29.62
N VAL B 577 -3.93 -14.82 29.12
CA VAL B 577 -4.44 -16.06 29.73
C VAL B 577 -3.33 -16.95 30.30
N GLY B 578 -3.45 -17.24 31.59
CA GLY B 578 -2.55 -18.12 32.34
C GLY B 578 -1.43 -17.38 33.04
N GLN B 579 -0.50 -18.13 33.64
CA GLN B 579 0.66 -17.51 34.29
C GLN B 579 1.81 -17.50 33.28
N LEU B 580 2.95 -16.85 33.59
CA LEU B 580 4.10 -16.72 32.69
C LEU B 580 4.47 -18.03 31.97
N GLU B 581 4.58 -19.13 32.73
CA GLU B 581 4.79 -20.43 32.15
C GLU B 581 3.48 -20.92 31.49
N GLY B 582 3.39 -20.69 30.19
CA GLY B 582 2.23 -21.06 29.37
C GLY B 582 1.32 -19.92 28.95
N LEU B 583 1.71 -18.65 29.27
CA LEU B 583 0.95 -17.42 28.97
C LEU B 583 0.54 -17.30 27.51
N LYS B 584 -0.75 -17.04 27.28
CA LYS B 584 -1.31 -16.83 25.94
C LYS B 584 -1.69 -15.35 25.81
N GLN B 585 -1.16 -14.68 24.77
CA GLN B 585 -1.47 -13.28 24.46
C GLN B 585 -2.23 -13.29 23.14
N GLU B 586 -3.56 -13.30 23.22
CA GLU B 586 -4.45 -13.44 22.07
C GLU B 586 -5.23 -12.16 21.78
N ALA B 587 -5.24 -11.77 20.48
CA ALA B 587 -5.94 -10.58 19.99
C ALA B 587 -7.41 -10.87 19.88
N MET B 588 -8.19 -10.05 20.59
CA MET B 588 -9.65 -10.12 20.73
C MET B 588 -10.32 -8.89 20.13
N LEU B 589 -11.57 -9.10 19.68
CA LEU B 589 -12.50 -8.08 19.22
C LEU B 589 -13.71 -8.22 20.14
N ALA B 590 -13.99 -7.18 20.89
CA ALA B 590 -15.12 -7.19 21.81
C ALA B 590 -16.02 -5.98 21.55
N GLY B 591 -17.29 -6.13 21.92
CA GLY B 591 -18.30 -5.11 21.76
C GLY B 591 -19.30 -5.17 22.89
N ALA B 592 -19.85 -3.99 23.26
CA ALA B 592 -20.83 -3.82 24.33
C ALA B 592 -21.89 -2.81 23.93
N ILE B 593 -23.17 -3.17 24.09
CA ILE B 593 -24.29 -2.31 23.70
C ILE B 593 -25.38 -2.29 24.74
N CYS B 594 -26.05 -1.13 24.87
CA CYS B 594 -27.18 -0.86 25.75
C CYS B 594 -28.02 0.32 25.21
N GLY B 595 -29.23 0.46 25.74
CA GLY B 595 -30.17 1.51 25.36
C GLY B 595 -31.12 1.11 24.23
N LYS B 596 -31.80 2.09 23.64
CA LYS B 596 -32.71 1.82 22.53
C LYS B 596 -31.99 1.20 21.33
N ARG B 597 -32.70 0.35 20.57
CA ARG B 597 -32.21 -0.33 19.37
C ARG B 597 -31.73 0.71 18.36
N LEU B 598 -32.57 1.73 18.14
CA LEU B 598 -32.30 2.80 17.19
C LEU B 598 -32.12 4.14 17.89
N PRO B 599 -31.48 5.13 17.22
CA PRO B 599 -31.35 6.47 17.85
C PRO B 599 -32.72 7.17 17.90
N GLU B 600 -32.87 8.23 18.73
CA GLU B 600 -34.13 8.98 18.83
C GLU B 600 -34.44 9.72 17.51
N GLY B 601 -35.54 9.33 16.88
CA GLY B 601 -35.98 9.91 15.62
C GLY B 601 -37.46 9.72 15.36
N TRP B 602 -38.01 10.55 14.45
CA TRP B 602 -39.42 10.56 14.07
C TRP B 602 -39.89 9.27 13.39
N ALA B 603 -38.98 8.62 12.62
CA ALA B 603 -39.19 7.43 11.79
C ALA B 603 -38.76 6.12 12.46
N ASN B 604 -38.15 6.23 13.65
CA ASN B 604 -37.58 5.11 14.39
C ASN B 604 -38.43 4.60 15.56
N GLY B 605 -38.50 3.27 15.66
CA GLY B 605 -39.18 2.56 16.73
C GLY B 605 -38.48 2.78 18.05
N ARG B 606 -39.27 3.02 19.11
CA ARG B 606 -38.75 3.32 20.45
C ARG B 606 -38.38 2.05 21.27
N ASP B 607 -38.24 0.88 20.59
CA ASP B 607 -37.87 -0.40 21.20
C ASP B 607 -36.39 -0.38 21.65
N GLY B 608 -36.13 -1.05 22.78
CA GLY B 608 -34.79 -1.18 23.32
C GLY B 608 -34.02 -2.30 22.65
N VAL B 609 -32.66 -2.20 22.69
CA VAL B 609 -31.77 -3.21 22.14
C VAL B 609 -31.99 -4.56 22.86
N ASP B 610 -31.84 -5.65 22.13
CA ASP B 610 -31.97 -6.99 22.67
C ASP B 610 -30.85 -7.90 22.16
N PHE B 611 -30.84 -9.19 22.60
CA PHE B 611 -29.84 -10.20 22.24
C PHE B 611 -29.63 -10.31 20.74
N PHE B 612 -30.73 -10.28 19.97
CA PHE B 612 -30.73 -10.50 18.53
C PHE B 612 -30.20 -9.31 17.72
N ASP B 613 -30.09 -8.12 18.35
CA ASP B 613 -29.51 -6.94 17.71
C ASP B 613 -27.99 -7.06 17.71
N ALA B 614 -27.44 -7.55 18.83
CA ALA B 614 -26.02 -7.84 19.01
C ALA B 614 -25.66 -9.04 18.12
N LYS B 615 -26.54 -10.09 18.08
CA LYS B 615 -26.32 -11.26 17.24
C LYS B 615 -26.09 -10.89 15.78
N ALA B 616 -26.86 -9.90 15.24
CA ALA B 616 -26.72 -9.44 13.85
C ALA B 616 -25.36 -8.79 13.59
N ASP B 617 -24.85 -8.02 14.59
CA ASP B 617 -23.55 -7.35 14.54
C ASP B 617 -22.45 -8.39 14.49
N VAL B 618 -22.59 -9.47 15.30
CA VAL B 618 -21.68 -10.62 15.33
C VAL B 618 -21.76 -11.37 13.99
N GLU B 619 -22.98 -11.69 13.52
CA GLU B 619 -23.25 -12.37 12.24
C GLU B 619 -22.55 -11.65 11.08
N ALA B 620 -22.65 -10.30 11.01
CA ALA B 620 -22.04 -9.43 10.02
C ALA B 620 -20.50 -9.53 10.01
N VAL B 621 -19.90 -9.60 11.22
CA VAL B 621 -18.45 -9.73 11.43
C VAL B 621 -18.01 -11.14 10.99
N LEU B 622 -18.76 -12.18 11.39
CA LEU B 622 -18.46 -13.57 11.02
C LEU B 622 -18.65 -13.83 9.53
N ALA B 623 -19.42 -12.99 8.81
CA ALA B 623 -19.70 -13.13 7.38
C ALA B 623 -18.70 -12.37 6.47
N SER B 624 -17.84 -11.51 7.08
CA SER B 624 -16.86 -10.60 6.45
C SER B 624 -15.91 -11.21 5.43
N ALA B 625 -15.57 -12.50 5.56
CA ALA B 625 -14.65 -13.12 4.61
C ALA B 625 -15.28 -14.35 3.96
N GLY B 626 -16.59 -14.27 3.72
CA GLY B 626 -17.42 -15.30 3.11
C GLY B 626 -17.37 -16.68 3.75
N ALA B 627 -17.29 -16.74 5.09
CA ALA B 627 -17.22 -18.02 5.83
C ALA B 627 -18.22 -18.09 7.00
N LEU B 628 -19.36 -17.36 6.91
CA LEU B 628 -20.40 -17.37 7.93
C LEU B 628 -20.94 -18.78 8.26
N GLY B 629 -20.95 -19.66 7.26
CA GLY B 629 -21.41 -21.04 7.37
C GLY B 629 -20.59 -21.91 8.30
N ASP B 630 -19.28 -21.59 8.44
CA ASP B 630 -18.31 -22.27 9.30
C ASP B 630 -18.55 -22.01 10.79
N PHE B 631 -19.37 -21.01 11.10
CA PHE B 631 -19.71 -20.61 12.47
C PHE B 631 -21.07 -21.13 12.91
N SER B 632 -21.17 -21.46 14.21
CA SER B 632 -22.39 -21.92 14.84
C SER B 632 -22.51 -21.38 16.25
N PHE B 633 -23.69 -20.84 16.54
CA PHE B 633 -24.04 -20.30 17.84
C PHE B 633 -24.76 -21.45 18.56
N VAL B 634 -24.16 -21.94 19.65
CA VAL B 634 -24.73 -23.04 20.41
C VAL B 634 -25.08 -22.57 21.82
N PRO B 635 -26.26 -22.98 22.36
CA PRO B 635 -26.62 -22.58 23.74
C PRO B 635 -25.48 -22.85 24.72
N GLY B 636 -25.07 -21.80 25.43
CA GLY B 636 -23.98 -21.88 26.38
C GLY B 636 -24.21 -21.17 27.70
N GLU B 637 -23.14 -21.12 28.50
CA GLU B 637 -23.08 -20.48 29.81
C GLU B 637 -21.72 -19.85 30.05
N HIS B 638 -21.72 -18.65 30.61
CA HIS B 638 -20.53 -17.90 30.93
C HIS B 638 -20.76 -17.23 32.30
N PRO B 639 -19.77 -17.25 33.22
CA PRO B 639 -19.98 -16.66 34.55
C PRO B 639 -20.35 -15.16 34.53
N ALA B 640 -19.95 -14.42 33.47
CA ALA B 640 -20.25 -12.99 33.35
C ALA B 640 -21.57 -12.72 32.60
N LEU B 641 -22.17 -13.76 31.98
CA LEU B 641 -23.39 -13.61 31.19
C LEU B 641 -24.63 -14.33 31.74
N HIS B 642 -25.82 -13.85 31.35
CA HIS B 642 -27.14 -14.37 31.69
C HIS B 642 -27.26 -15.83 31.16
N PRO B 643 -27.39 -16.86 32.03
CA PRO B 643 -27.44 -18.27 31.54
C PRO B 643 -28.59 -18.64 30.59
N GLY B 644 -29.62 -17.81 30.55
CA GLY B 644 -30.76 -18.01 29.65
C GLY B 644 -30.59 -17.34 28.31
N GLN B 645 -29.69 -16.36 28.23
CA GLN B 645 -29.42 -15.60 27.02
C GLN B 645 -27.91 -15.58 26.69
N THR B 646 -27.27 -16.78 26.66
CA THR B 646 -25.85 -16.92 26.31
C THR B 646 -25.62 -17.88 25.15
N ALA B 647 -24.82 -17.45 24.16
CA ALA B 647 -24.43 -18.23 23.01
C ALA B 647 -22.91 -18.41 22.95
N ARG B 648 -22.48 -19.68 22.81
CA ARG B 648 -21.09 -20.09 22.64
C ARG B 648 -20.87 -20.17 21.13
N ILE B 649 -19.96 -19.33 20.59
CA ILE B 649 -19.66 -19.29 19.15
C ILE B 649 -18.53 -20.27 18.84
N GLU B 650 -18.77 -21.19 17.88
CA GLU B 650 -17.77 -22.19 17.51
C GLU B 650 -17.50 -22.31 16.01
N ARG B 651 -16.26 -22.72 15.66
CA ARG B 651 -15.77 -22.97 14.29
C ARG B 651 -15.02 -24.29 14.31
N GLU B 652 -15.56 -25.32 13.62
CA GLU B 652 -14.99 -26.68 13.61
C GLU B 652 -14.74 -27.25 15.03
N GLY B 653 -15.69 -26.98 15.94
CA GLY B 653 -15.64 -27.40 17.34
C GLY B 653 -14.76 -26.54 18.24
N ARG B 654 -13.94 -25.67 17.63
CA ARG B 654 -13.03 -24.76 18.33
C ARG B 654 -13.80 -23.55 18.85
N LEU B 655 -13.43 -23.06 20.05
CA LEU B 655 -14.10 -21.89 20.61
C LEU B 655 -13.65 -20.58 19.96
N VAL B 656 -14.61 -19.82 19.41
CA VAL B 656 -14.39 -18.50 18.83
C VAL B 656 -14.56 -17.43 19.92
N GLY B 657 -15.65 -17.55 20.67
CA GLY B 657 -15.96 -16.64 21.77
C GLY B 657 -17.37 -16.81 22.29
N TYR B 658 -17.86 -15.74 22.94
CA TYR B 658 -19.18 -15.68 23.57
C TYR B 658 -19.97 -14.43 23.20
N LEU B 659 -21.29 -14.57 23.15
CA LEU B 659 -22.24 -13.52 22.88
C LEU B 659 -23.40 -13.74 23.83
N GLY B 660 -23.72 -12.73 24.62
CA GLY B 660 -24.81 -12.82 25.56
C GLY B 660 -25.11 -11.52 26.27
N ALA B 661 -26.19 -11.54 27.05
CA ALA B 661 -26.60 -10.42 27.87
C ALA B 661 -25.75 -10.48 29.13
N LEU B 662 -25.28 -9.33 29.61
CA LEU B 662 -24.52 -9.23 30.85
C LEU B 662 -25.43 -9.78 31.95
N HIS B 663 -24.86 -10.65 32.81
CA HIS B 663 -25.56 -11.28 33.92
C HIS B 663 -26.20 -10.22 34.83
N PRO B 664 -27.51 -10.38 35.14
CA PRO B 664 -28.17 -9.40 36.02
C PRO B 664 -27.51 -9.19 37.39
N GLU B 665 -26.90 -10.26 37.96
CA GLU B 665 -26.21 -10.18 39.24
C GLU B 665 -24.99 -9.30 39.14
N LEU B 666 -24.29 -9.35 37.99
CA LEU B 666 -23.12 -8.53 37.71
C LEU B 666 -23.52 -7.07 37.56
N ALA B 667 -24.65 -6.80 36.87
CA ALA B 667 -25.20 -5.46 36.69
C ALA B 667 -25.52 -4.85 38.05
N LYS B 668 -26.17 -5.64 38.93
CA LYS B 668 -26.51 -5.23 40.29
C LYS B 668 -25.24 -4.70 40.98
N LYS B 669 -24.16 -5.53 41.02
CA LYS B 669 -22.83 -5.26 41.60
C LYS B 669 -22.15 -4.04 41.04
N LEU B 670 -22.37 -3.76 39.75
CA LEU B 670 -21.77 -2.61 39.05
C LEU B 670 -22.71 -1.41 39.01
N ASP B 671 -23.89 -1.52 39.65
CA ASP B 671 -24.93 -0.49 39.67
C ASP B 671 -25.35 -0.09 38.24
N LEU B 672 -25.83 -1.08 37.49
CA LEU B 672 -26.34 -0.91 36.14
C LEU B 672 -27.79 -1.35 36.12
N GLU B 673 -28.70 -0.39 35.84
CA GLU B 673 -30.15 -0.65 35.82
C GLU B 673 -30.66 -0.99 34.41
N GLN B 674 -29.76 -1.14 33.46
CA GLN B 674 -30.13 -1.39 32.07
C GLN B 674 -29.63 -2.73 31.55
N PRO B 675 -30.37 -3.38 30.62
CA PRO B 675 -29.81 -4.60 29.99
C PRO B 675 -28.63 -4.21 29.07
N VAL B 676 -27.53 -4.98 29.14
CA VAL B 676 -26.31 -4.73 28.35
C VAL B 676 -25.93 -6.03 27.64
N PHE B 677 -25.59 -5.93 26.33
CA PHE B 677 -25.24 -7.08 25.51
C PHE B 677 -23.79 -7.03 25.10
N LEU B 678 -23.08 -8.13 25.40
CA LEU B 678 -21.65 -8.27 25.14
C LEU B 678 -21.33 -9.34 24.14
N PHE B 679 -20.15 -9.23 23.51
CA PHE B 679 -19.58 -10.20 22.59
C PHE B 679 -18.07 -10.02 22.60
N GLU B 680 -17.34 -11.15 22.51
CA GLU B 680 -15.89 -11.20 22.46
C GLU B 680 -15.51 -12.33 21.51
N LEU B 681 -14.60 -12.04 20.57
CA LEU B 681 -14.20 -12.99 19.54
C LEU B 681 -12.69 -13.09 19.43
N LEU B 682 -12.19 -14.34 19.26
CA LEU B 682 -10.78 -14.64 19.01
C LEU B 682 -10.57 -14.28 17.54
N LEU B 683 -9.86 -13.18 17.26
CA LEU B 683 -9.60 -12.70 15.89
C LEU B 683 -8.93 -13.72 15.00
N ALA B 684 -8.06 -14.58 15.58
CA ALA B 684 -7.34 -15.66 14.89
C ALA B 684 -8.29 -16.64 14.22
N GLU B 685 -9.49 -16.81 14.82
CA GLU B 685 -10.55 -17.72 14.38
C GLU B 685 -11.56 -17.05 13.46
N VAL B 686 -11.44 -15.73 13.28
CA VAL B 686 -12.38 -14.94 12.47
C VAL B 686 -11.75 -14.54 11.11
N VAL B 687 -10.44 -14.25 11.07
CA VAL B 687 -9.70 -13.79 9.88
C VAL B 687 -9.85 -14.69 8.63
N ASP B 688 -9.64 -16.01 8.75
CA ASP B 688 -9.69 -16.89 7.58
C ASP B 688 -11.09 -17.13 7.05
N GLY B 689 -11.27 -16.89 5.76
CA GLY B 689 -12.53 -17.10 5.07
C GLY B 689 -12.35 -17.96 3.84
N HIS B 690 -13.32 -17.90 2.91
CA HIS B 690 -13.22 -18.64 1.66
C HIS B 690 -13.36 -17.78 0.44
N LEU B 691 -12.61 -18.15 -0.61
CA LEU B 691 -12.63 -17.49 -1.91
C LEU B 691 -13.85 -17.97 -2.70
N PRO B 692 -14.57 -17.01 -3.34
CA PRO B 692 -15.73 -17.38 -4.17
C PRO B 692 -15.45 -18.45 -5.22
N LYS B 693 -16.29 -19.49 -5.19
CA LYS B 693 -16.32 -20.63 -6.12
C LYS B 693 -17.67 -20.50 -6.84
N PHE B 694 -17.64 -20.14 -8.12
CA PHE B 694 -18.84 -19.91 -8.90
C PHE B 694 -19.65 -21.18 -9.15
N ARG B 695 -20.95 -21.10 -8.87
CA ARG B 695 -21.93 -22.16 -9.10
C ARG B 695 -22.92 -21.63 -10.17
N GLU B 696 -23.05 -22.37 -11.30
CA GLU B 696 -23.89 -22.02 -12.45
C GLU B 696 -25.35 -21.71 -12.12
N LEU B 697 -25.87 -20.62 -12.72
CA LEU B 697 -27.27 -20.18 -12.55
C LEU B 697 -28.22 -20.96 -13.50
N SER B 698 -29.39 -21.36 -12.97
CA SER B 698 -30.42 -22.09 -13.71
C SER B 698 -31.25 -21.12 -14.55
N ARG B 699 -31.75 -21.59 -15.71
CA ARG B 699 -32.62 -20.82 -16.61
C ARG B 699 -34.09 -21.09 -16.26
N PHE B 700 -34.31 -21.83 -15.17
CA PHE B 700 -35.63 -22.29 -14.78
C PHE B 700 -36.12 -21.66 -13.51
N PRO B 701 -37.46 -21.51 -13.39
CA PRO B 701 -38.02 -20.90 -12.17
C PRO B 701 -37.80 -21.72 -10.92
N GLU B 702 -37.83 -21.02 -9.78
CA GLU B 702 -37.71 -21.62 -8.45
C GLU B 702 -39.10 -21.86 -7.91
N VAL B 703 -39.24 -22.89 -7.08
CA VAL B 703 -40.51 -23.27 -6.45
C VAL B 703 -40.37 -23.05 -4.94
N ARG B 704 -41.37 -22.38 -4.35
CA ARG B 704 -41.41 -22.11 -2.91
C ARG B 704 -42.64 -22.73 -2.26
N ARG B 705 -42.43 -23.35 -1.09
CA ARG B 705 -43.46 -23.95 -0.26
C ARG B 705 -43.21 -23.49 1.18
N ASP B 706 -44.27 -23.14 1.91
CA ASP B 706 -44.16 -22.71 3.31
C ASP B 706 -44.62 -23.82 4.23
N LEU B 707 -43.95 -23.98 5.38
CA LEU B 707 -44.30 -24.98 6.38
C LEU B 707 -44.44 -24.34 7.76
N ALA B 708 -45.63 -24.44 8.39
CA ALA B 708 -45.89 -23.97 9.75
C ALA B 708 -45.68 -25.21 10.64
N LEU B 709 -44.68 -25.14 11.56
CA LEU B 709 -44.28 -26.29 12.39
C LEU B 709 -44.39 -26.10 13.90
N LEU B 710 -45.21 -26.95 14.55
CA LEU B 710 -45.40 -26.96 16.01
C LEU B 710 -44.38 -27.91 16.65
N VAL B 711 -43.53 -27.37 17.53
CA VAL B 711 -42.47 -28.12 18.20
C VAL B 711 -42.33 -27.67 19.66
N ASP B 712 -41.59 -28.45 20.47
CA ASP B 712 -41.33 -28.15 21.87
C ASP B 712 -40.72 -26.75 21.99
N GLN B 713 -41.22 -25.94 22.92
CA GLN B 713 -40.76 -24.56 23.12
C GLN B 713 -39.22 -24.46 23.33
N ASP B 714 -38.62 -25.51 23.96
CA ASP B 714 -37.20 -25.58 24.28
C ASP B 714 -36.30 -26.14 23.14
N VAL B 715 -36.87 -26.74 22.08
CA VAL B 715 -36.04 -27.25 20.97
C VAL B 715 -35.45 -26.07 20.14
N PRO B 716 -34.12 -26.02 19.91
CA PRO B 716 -33.54 -24.87 19.19
C PRO B 716 -33.87 -24.83 17.71
N ALA B 717 -34.33 -23.66 17.23
CA ALA B 717 -34.70 -23.39 15.85
C ALA B 717 -33.64 -23.82 14.83
N GLN B 718 -32.35 -23.74 15.21
CA GLN B 718 -31.25 -24.16 14.34
C GLN B 718 -31.21 -25.66 14.11
N ASP B 719 -31.58 -26.46 15.14
CA ASP B 719 -31.62 -27.92 15.03
C ASP B 719 -32.68 -28.33 14.01
N ILE B 720 -33.84 -27.65 14.03
CA ILE B 720 -34.93 -27.90 13.10
C ILE B 720 -34.50 -27.58 11.67
N LEU B 721 -33.94 -26.37 11.44
CA LEU B 721 -33.47 -25.92 10.13
C LEU B 721 -32.40 -26.85 9.55
N THR B 722 -31.49 -27.34 10.42
CA THR B 722 -30.41 -28.28 10.06
C THR B 722 -31.03 -29.61 9.57
N GLN B 723 -32.08 -30.08 10.26
CA GLN B 723 -32.79 -31.30 9.88
C GLN B 723 -33.59 -31.13 8.60
N ILE B 724 -34.04 -29.89 8.32
CA ILE B 724 -34.77 -29.55 7.09
C ILE B 724 -33.81 -29.68 5.91
N ARG B 725 -32.62 -29.03 5.97
CA ARG B 725 -31.59 -29.11 4.91
C ARG B 725 -31.20 -30.55 4.61
N ALA B 726 -31.12 -31.37 5.67
CA ALA B 726 -30.79 -32.80 5.64
C ALA B 726 -31.79 -33.61 4.81
N ALA B 727 -33.09 -33.22 4.84
CA ALA B 727 -34.19 -33.89 4.15
C ALA B 727 -34.69 -33.20 2.85
N ALA B 728 -34.36 -31.90 2.66
CA ALA B 728 -34.81 -31.05 1.55
C ALA B 728 -34.36 -31.45 0.12
N GLY B 729 -33.38 -32.34 0.03
CA GLY B 729 -32.86 -32.75 -1.26
C GLY B 729 -31.81 -31.79 -1.77
N GLU B 730 -31.22 -32.14 -2.90
CA GLU B 730 -30.13 -31.43 -3.58
C GLU B 730 -30.55 -30.13 -4.27
N TRP B 731 -31.87 -29.87 -4.44
CA TRP B 731 -32.32 -28.68 -5.17
C TRP B 731 -32.69 -27.48 -4.28
N LEU B 732 -32.63 -27.60 -2.94
CA LEU B 732 -32.97 -26.47 -2.05
C LEU B 732 -31.99 -25.29 -2.22
N THR B 733 -32.51 -24.17 -2.75
CA THR B 733 -31.70 -22.97 -3.03
C THR B 733 -31.75 -21.94 -1.91
N ASP B 734 -32.79 -22.01 -1.04
CA ASP B 734 -33.01 -21.10 0.09
C ASP B 734 -33.97 -21.66 1.13
N LEU B 735 -33.72 -21.35 2.42
CA LEU B 735 -34.52 -21.75 3.58
C LEU B 735 -34.52 -20.58 4.57
N ARG B 736 -35.67 -19.94 4.73
CA ARG B 736 -35.86 -18.77 5.58
C ARG B 736 -36.86 -19.03 6.71
N LEU B 737 -36.53 -18.55 7.91
CA LEU B 737 -37.43 -18.61 9.06
C LEU B 737 -38.02 -17.20 9.16
N PHE B 738 -39.30 -17.06 8.77
CA PHE B 738 -39.96 -15.77 8.70
C PHE B 738 -40.91 -15.43 9.87
N ASP B 739 -41.16 -16.40 10.79
CA ASP B 739 -42.04 -16.19 11.95
C ASP B 739 -41.92 -17.25 13.02
N VAL B 740 -41.97 -16.82 14.30
CA VAL B 740 -41.93 -17.67 15.50
C VAL B 740 -43.14 -17.31 16.35
N TYR B 741 -44.02 -18.29 16.64
CA TYR B 741 -45.23 -18.06 17.43
C TYR B 741 -45.26 -18.86 18.72
N HIS B 742 -45.59 -18.18 19.82
CA HIS B 742 -45.72 -18.75 21.17
C HIS B 742 -46.80 -17.95 21.89
N GLY B 743 -48.06 -18.25 21.58
CA GLY B 743 -49.21 -17.56 22.15
C GLY B 743 -50.41 -18.41 22.46
N LYS B 744 -51.59 -17.75 22.47
CA LYS B 744 -52.90 -18.32 22.79
C LYS B 744 -53.40 -19.34 21.76
N GLY B 745 -53.03 -19.14 20.50
CA GLY B 745 -53.44 -20.00 19.39
C GLY B 745 -53.02 -21.46 19.46
N ILE B 746 -51.96 -21.74 20.23
CA ILE B 746 -51.38 -23.09 20.39
C ILE B 746 -51.02 -23.41 21.86
N ASP B 747 -50.65 -24.69 22.14
CA ASP B 747 -50.27 -25.20 23.46
C ASP B 747 -49.12 -24.37 24.09
N PRO B 748 -49.19 -24.02 25.40
CA PRO B 748 -48.15 -23.17 26.01
C PRO B 748 -46.74 -23.77 26.07
N HIS B 749 -46.59 -25.10 25.93
CA HIS B 749 -45.29 -25.79 25.94
C HIS B 749 -44.79 -26.01 24.51
N ARG B 750 -45.49 -25.41 23.53
CA ARG B 750 -45.16 -25.52 22.12
C ARG B 750 -44.93 -24.15 21.47
N LYS B 751 -44.38 -24.17 20.24
CA LYS B 751 -44.09 -23.00 19.41
C LYS B 751 -44.24 -23.31 17.91
N SER B 752 -44.81 -22.37 17.14
CA SER B 752 -44.98 -22.55 15.70
C SER B 752 -43.89 -21.80 14.91
N LEU B 753 -43.11 -22.54 14.13
CA LEU B 753 -42.04 -21.98 13.31
C LEU B 753 -42.48 -21.95 11.85
N ALA B 754 -42.62 -20.75 11.29
CA ALA B 754 -43.00 -20.54 9.90
C ALA B 754 -41.73 -20.46 9.02
N VAL B 755 -41.50 -21.53 8.23
CA VAL B 755 -40.33 -21.64 7.36
C VAL B 755 -40.75 -21.62 5.89
N GLY B 756 -39.96 -20.93 5.08
CA GLY B 756 -40.13 -20.82 3.64
C GLY B 756 -39.06 -21.63 2.97
N LEU B 757 -39.46 -22.60 2.13
CA LEU B 757 -38.54 -23.49 1.43
C LEU B 757 -38.51 -23.22 -0.04
N THR B 758 -37.34 -22.84 -0.59
CA THR B 758 -37.15 -22.52 -2.00
C THR B 758 -36.28 -23.58 -2.66
N TRP B 759 -36.67 -24.01 -3.89
CA TRP B 759 -35.97 -25.01 -4.70
C TRP B 759 -35.80 -24.55 -6.15
N GLN B 760 -34.66 -24.88 -6.77
CA GLN B 760 -34.43 -24.60 -8.18
C GLN B 760 -33.62 -25.75 -8.79
N HIS B 761 -34.13 -26.34 -9.89
CA HIS B 761 -33.42 -27.41 -10.59
C HIS B 761 -32.53 -26.71 -11.63
N PRO B 762 -31.24 -27.13 -11.76
CA PRO B 762 -30.35 -26.43 -12.69
C PRO B 762 -30.62 -26.62 -14.19
N SER B 763 -31.37 -27.68 -14.58
CA SER B 763 -31.58 -28.00 -15.98
C SER B 763 -33.03 -28.14 -16.45
N ARG B 764 -34.01 -27.95 -15.56
CA ARG B 764 -35.43 -28.06 -15.93
C ARG B 764 -36.35 -27.41 -14.90
N THR B 765 -37.67 -27.48 -15.14
CA THR B 765 -38.70 -26.97 -14.24
C THR B 765 -39.03 -28.08 -13.22
N LEU B 766 -39.55 -27.69 -12.04
CA LEU B 766 -39.91 -28.65 -11.00
C LEU B 766 -41.41 -28.86 -11.00
N ASN B 767 -41.84 -30.14 -10.96
CA ASN B 767 -43.26 -30.50 -10.94
C ASN B 767 -43.79 -30.47 -9.51
N ASP B 768 -45.11 -30.30 -9.34
CA ASP B 768 -45.73 -30.25 -8.01
C ASP B 768 -45.64 -31.55 -7.23
N ASP B 769 -45.76 -32.71 -7.91
CA ASP B 769 -45.73 -34.05 -7.31
C ASP B 769 -44.43 -34.32 -6.55
N GLU B 770 -43.27 -34.03 -7.19
CA GLU B 770 -41.95 -34.23 -6.59
C GLU B 770 -41.68 -33.26 -5.43
N VAL B 771 -42.11 -31.99 -5.60
CA VAL B 771 -41.98 -30.91 -4.63
C VAL B 771 -42.83 -31.22 -3.39
N ASN B 772 -44.06 -31.75 -3.59
CA ASN B 772 -44.94 -32.17 -2.50
C ASN B 772 -44.43 -33.45 -1.84
N SER B 773 -43.76 -34.33 -2.63
CA SER B 773 -43.14 -35.57 -2.14
C SER B 773 -41.97 -35.22 -1.21
N THR B 774 -41.15 -34.22 -1.60
CA THR B 774 -40.00 -33.72 -0.83
C THR B 774 -40.48 -33.07 0.48
N THR B 775 -41.49 -32.19 0.38
CA THR B 775 -42.12 -31.48 1.48
C THR B 775 -42.58 -32.48 2.54
N GLN B 776 -43.28 -33.56 2.10
CA GLN B 776 -43.80 -34.61 2.98
C GLN B 776 -42.70 -35.42 3.66
N ASN B 777 -41.60 -35.74 2.95
CA ASN B 777 -40.51 -36.47 3.58
C ASN B 777 -39.78 -35.59 4.62
N ILE B 778 -39.72 -34.24 4.39
CA ILE B 778 -39.14 -33.26 5.33
C ILE B 778 -39.99 -33.32 6.60
N VAL B 779 -41.32 -33.26 6.43
CA VAL B 779 -42.29 -33.33 7.51
C VAL B 779 -42.13 -34.62 8.31
N THR B 780 -42.15 -35.79 7.62
CA THR B 780 -42.02 -37.13 8.26
C THR B 780 -40.76 -37.22 9.11
N SER B 781 -39.64 -36.64 8.61
CA SER B 781 -38.34 -36.57 9.30
C SER B 781 -38.45 -35.77 10.60
N LEU B 782 -39.18 -34.63 10.56
CA LEU B 782 -39.39 -33.75 11.72
C LEU B 782 -40.37 -34.37 12.72
N GLU B 783 -41.32 -35.19 12.23
CA GLU B 783 -42.28 -35.90 13.06
C GLU B 783 -41.54 -36.95 13.89
N GLU B 784 -40.52 -37.61 13.30
CA GLU B 784 -39.74 -38.64 13.97
C GLU B 784 -38.61 -38.11 14.84
N ARG B 785 -38.04 -36.93 14.53
CA ARG B 785 -36.91 -36.37 15.30
C ARG B 785 -37.34 -35.47 16.48
N PHE B 786 -38.29 -34.55 16.24
CA PHE B 786 -38.74 -33.57 17.24
C PHE B 786 -40.24 -33.65 17.56
N ASN B 787 -40.96 -34.65 17.00
CA ASN B 787 -42.41 -34.83 17.16
C ASN B 787 -43.13 -33.53 16.77
N ALA B 788 -42.84 -33.09 15.55
CA ALA B 788 -43.38 -31.90 14.90
C ALA B 788 -44.76 -32.17 14.33
N THR B 789 -45.60 -31.13 14.28
CA THR B 789 -46.97 -31.17 13.77
C THR B 789 -47.17 -29.94 12.89
N LEU B 790 -48.10 -30.02 11.93
CA LEU B 790 -48.39 -28.89 11.05
C LEU B 790 -49.58 -28.11 11.59
N ARG B 791 -49.49 -26.77 11.56
CA ARG B 791 -50.55 -25.87 12.04
C ARG B 791 -51.76 -25.86 11.06
N ALA C 88 -34.78 -17.70 39.02
CA ALA C 88 -36.15 -17.37 38.61
C ALA C 88 -36.16 -16.52 37.32
N ALA C 89 -34.95 -16.25 36.77
CA ALA C 89 -34.67 -15.48 35.55
C ALA C 89 -35.02 -16.31 34.30
N GLU C 90 -36.34 -16.46 34.12
CA GLU C 90 -36.89 -17.19 32.98
C GLU C 90 -37.22 -16.25 31.83
N ARG C 91 -36.16 -15.60 31.34
CA ARG C 91 -36.10 -14.67 30.22
C ARG C 91 -35.26 -15.37 29.13
N ILE C 92 -35.27 -16.72 29.16
CA ILE C 92 -34.58 -17.61 28.23
C ILE C 92 -35.04 -17.39 26.75
N ASP C 93 -34.16 -17.72 25.77
CA ASP C 93 -34.38 -17.59 24.33
C ASP C 93 -33.43 -18.53 23.53
N VAL C 94 -33.39 -18.41 22.15
CA VAL C 94 -32.71 -19.36 21.26
C VAL C 94 -31.47 -18.85 20.41
N THR C 95 -31.14 -19.66 19.36
CA THR C 95 -30.11 -19.72 18.31
C THR C 95 -30.71 -19.15 17.01
N LEU C 96 -31.78 -18.37 17.20
CA LEU C 96 -32.54 -17.69 16.16
C LEU C 96 -31.67 -16.68 15.40
N PRO C 97 -31.89 -16.51 14.08
CA PRO C 97 -31.09 -15.50 13.35
C PRO C 97 -31.26 -14.09 13.90
N GLY C 98 -30.22 -13.29 13.75
CA GLY C 98 -30.18 -11.91 14.20
C GLY C 98 -31.23 -11.04 13.52
N ARG C 99 -31.44 -9.85 14.08
CA ARG C 99 -32.40 -8.89 13.57
C ARG C 99 -31.79 -7.88 12.63
N GLY C 100 -32.54 -7.56 11.58
CA GLY C 100 -32.22 -6.55 10.60
C GLY C 100 -31.53 -7.02 9.35
N GLN C 101 -30.83 -6.06 8.76
CA GLN C 101 -30.09 -6.15 7.52
C GLN C 101 -28.64 -6.61 7.75
N LEU C 102 -28.16 -7.45 6.83
CA LEU C 102 -26.76 -7.89 6.85
C LEU C 102 -26.02 -7.20 5.68
N SER C 103 -24.77 -7.55 5.40
CA SER C 103 -24.07 -6.86 4.32
C SER C 103 -24.40 -7.44 2.97
N GLY C 104 -24.31 -6.61 1.93
CA GLY C 104 -24.50 -7.02 0.55
C GLY C 104 -23.16 -7.53 0.05
N GLY C 105 -22.68 -6.94 -1.03
CA GLY C 105 -21.38 -7.30 -1.57
C GLY C 105 -20.90 -6.43 -2.70
N LEU C 106 -19.68 -6.71 -3.17
CA LEU C 106 -19.08 -6.02 -4.29
C LEU C 106 -19.18 -6.89 -5.55
N HIS C 107 -19.03 -6.26 -6.71
CA HIS C 107 -19.04 -6.94 -7.98
C HIS C 107 -17.69 -7.70 -8.12
N PRO C 108 -17.67 -8.96 -8.67
CA PRO C 108 -16.41 -9.72 -8.80
C PRO C 108 -15.28 -8.98 -9.50
N VAL C 109 -15.61 -8.12 -10.50
CA VAL C 109 -14.68 -7.29 -11.27
C VAL C 109 -14.07 -6.23 -10.35
N THR C 110 -14.90 -5.61 -9.50
CA THR C 110 -14.44 -4.61 -8.52
C THR C 110 -13.41 -5.19 -7.53
N ARG C 111 -13.67 -6.43 -7.05
CA ARG C 111 -12.78 -7.19 -6.15
C ARG C 111 -11.43 -7.42 -6.83
N THR C 112 -11.48 -7.84 -8.12
CA THR C 112 -10.32 -8.12 -8.97
C THR C 112 -9.50 -6.85 -9.21
N LEU C 113 -10.15 -5.74 -9.69
CA LEU C 113 -9.49 -4.45 -9.91
C LEU C 113 -8.82 -3.99 -8.63
N GLU C 114 -9.55 -4.01 -7.49
CA GLU C 114 -9.02 -3.60 -6.20
C GLU C 114 -7.74 -4.39 -5.89
N ARG C 115 -7.82 -5.75 -5.90
CA ARG C 115 -6.72 -6.70 -5.65
C ARG C 115 -5.47 -6.43 -6.54
N ILE C 116 -5.65 -6.23 -7.87
CA ILE C 116 -4.53 -5.91 -8.78
C ILE C 116 -3.87 -4.62 -8.31
N GLU C 117 -4.64 -3.52 -8.16
CA GLU C 117 -4.16 -2.20 -7.72
C GLU C 117 -3.29 -2.31 -6.46
N GLN C 118 -3.71 -3.15 -5.48
CA GLN C 118 -3.03 -3.35 -4.21
C GLN C 118 -1.66 -3.98 -4.35
N CYS C 119 -1.47 -4.93 -5.30
CA CYS C 119 -0.18 -5.58 -5.55
C CYS C 119 0.90 -4.55 -5.92
N PHE C 120 0.51 -3.47 -6.61
CA PHE C 120 1.39 -2.41 -7.09
C PHE C 120 1.43 -1.19 -6.21
N SER C 121 0.27 -0.74 -5.68
CA SER C 121 0.20 0.44 -4.82
C SER C 121 1.03 0.32 -3.53
N ARG C 122 1.28 -0.93 -3.10
CA ARG C 122 2.12 -1.36 -1.97
C ARG C 122 3.61 -1.16 -2.27
N ILE C 123 3.98 -1.01 -3.57
CA ILE C 123 5.38 -0.89 -3.94
C ILE C 123 5.63 0.43 -4.76
N GLY C 124 4.87 1.47 -4.44
CA GLY C 124 5.08 2.79 -5.03
C GLY C 124 4.31 3.19 -6.26
N TYR C 125 3.34 2.36 -6.71
CA TYR C 125 2.55 2.69 -7.89
C TYR C 125 1.37 3.55 -7.52
N GLU C 126 1.08 4.55 -8.35
CA GLU C 126 -0.03 5.48 -8.19
C GLU C 126 -1.16 5.05 -9.12
N VAL C 127 -2.41 5.10 -8.64
CA VAL C 127 -3.56 4.74 -9.45
C VAL C 127 -3.89 5.96 -10.34
N ALA C 128 -3.85 5.75 -11.67
CA ALA C 128 -4.09 6.78 -12.66
C ALA C 128 -5.41 6.57 -13.40
N GLU C 129 -6.18 7.65 -13.54
CA GLU C 129 -7.46 7.62 -14.24
C GLU C 129 -7.56 8.71 -15.31
N GLY C 130 -8.36 8.43 -16.33
CA GLY C 130 -8.58 9.36 -17.43
C GLY C 130 -9.96 9.24 -18.02
N PRO C 131 -10.25 10.02 -19.09
CA PRO C 131 -11.59 9.95 -19.71
C PRO C 131 -11.84 8.66 -20.49
N GLU C 132 -13.12 8.25 -20.60
CA GLU C 132 -13.53 7.05 -21.37
C GLU C 132 -13.74 7.41 -22.84
N VAL C 133 -14.08 8.68 -23.11
CA VAL C 133 -14.23 9.24 -24.45
C VAL C 133 -12.93 9.99 -24.70
N GLU C 134 -12.12 9.41 -25.60
CA GLU C 134 -10.79 9.91 -25.98
C GLU C 134 -10.71 10.39 -27.44
N ASP C 135 -9.54 10.95 -27.80
CA ASP C 135 -9.19 11.41 -29.14
C ASP C 135 -8.20 10.38 -29.73
N ASP C 136 -8.14 10.32 -31.08
CA ASP C 136 -7.28 9.37 -31.81
C ASP C 136 -5.79 9.56 -31.55
N TYR C 137 -5.38 10.75 -31.07
CA TYR C 137 -3.99 10.97 -30.73
C TYR C 137 -3.62 10.16 -29.48
N HIS C 138 -4.26 10.46 -28.32
CA HIS C 138 -3.99 9.74 -27.07
C HIS C 138 -4.27 8.25 -27.17
N ASN C 139 -5.38 7.87 -27.87
CA ASN C 139 -5.76 6.47 -28.02
C ASN C 139 -4.91 5.69 -29.02
N PHE C 140 -4.46 6.33 -30.12
CA PHE C 140 -3.71 5.60 -31.14
C PHE C 140 -2.35 6.17 -31.52
N GLU C 141 -2.32 7.38 -32.12
CA GLU C 141 -1.12 8.02 -32.68
C GLU C 141 0.04 8.04 -31.72
N ALA C 142 -0.22 8.47 -30.48
CA ALA C 142 0.75 8.58 -29.40
C ALA C 142 1.21 7.22 -28.89
N LEU C 143 0.46 6.14 -29.22
CA LEU C 143 0.79 4.77 -28.82
C LEU C 143 1.35 3.95 -29.97
N ASN C 144 1.91 4.66 -30.97
CA ASN C 144 2.58 4.10 -32.15
C ASN C 144 1.65 3.27 -33.06
N ILE C 145 0.37 3.66 -33.11
CA ILE C 145 -0.62 3.05 -34.01
C ILE C 145 -0.86 4.05 -35.18
N PRO C 146 -0.30 3.78 -36.40
CA PRO C 146 -0.49 4.72 -37.53
C PRO C 146 -1.88 4.68 -38.15
N GLY C 147 -2.19 5.72 -38.95
CA GLY C 147 -3.47 5.91 -39.64
C GLY C 147 -4.10 4.70 -40.32
N HIS C 148 -3.29 4.00 -41.14
CA HIS C 148 -3.66 2.80 -41.92
C HIS C 148 -3.88 1.51 -41.10
N HIS C 149 -3.46 1.50 -39.82
CA HIS C 149 -3.56 0.36 -38.91
C HIS C 149 -5.00 -0.19 -38.74
N PRO C 150 -5.17 -1.54 -38.92
CA PRO C 150 -6.51 -2.17 -38.83
C PRO C 150 -7.28 -1.98 -37.52
N ALA C 151 -6.57 -1.69 -36.40
CA ALA C 151 -7.17 -1.47 -35.08
C ALA C 151 -7.97 -0.19 -35.08
N ARG C 152 -7.51 0.83 -35.84
CA ARG C 152 -8.16 2.13 -35.96
C ARG C 152 -9.52 2.07 -36.66
N ALA C 153 -9.73 1.10 -37.57
CA ALA C 153 -10.96 0.88 -38.31
C ALA C 153 -12.22 0.79 -37.45
N MET C 154 -13.36 1.15 -38.06
CA MET C 154 -14.69 1.12 -37.46
C MET C 154 -15.17 -0.30 -37.13
N HIS C 155 -14.48 -1.33 -37.67
CA HIS C 155 -14.81 -2.71 -37.39
C HIS C 155 -14.33 -3.14 -36.00
N ASP C 156 -13.37 -2.37 -35.38
CA ASP C 156 -12.80 -2.65 -34.06
C ASP C 156 -12.98 -1.53 -33.04
N THR C 157 -13.13 -0.28 -33.50
CA THR C 157 -13.24 0.90 -32.62
C THR C 157 -14.56 1.64 -32.78
N PHE C 158 -15.21 2.00 -31.66
CA PHE C 158 -16.44 2.79 -31.59
C PHE C 158 -16.08 4.27 -31.74
N TYR C 159 -16.71 4.98 -32.66
CA TYR C 159 -16.43 6.39 -32.93
C TYR C 159 -17.64 7.29 -32.71
N PHE C 160 -17.38 8.60 -32.54
CA PHE C 160 -18.42 9.63 -32.38
C PHE C 160 -18.37 10.51 -33.60
N ASN C 161 -17.14 10.84 -34.03
CA ASN C 161 -16.75 11.55 -35.24
C ASN C 161 -15.37 11.03 -35.66
N ALA C 162 -14.70 11.70 -36.62
CA ALA C 162 -13.39 11.28 -37.15
C ALA C 162 -12.25 11.24 -36.12
N ASN C 163 -12.25 12.15 -35.10
CA ASN C 163 -11.19 12.23 -34.09
C ASN C 163 -11.58 11.65 -32.72
N MET C 164 -12.85 11.81 -32.29
CA MET C 164 -13.35 11.33 -31.00
C MET C 164 -13.93 9.92 -31.07
N LEU C 165 -13.56 9.11 -30.07
CA LEU C 165 -13.89 7.69 -29.95
C LEU C 165 -14.06 7.23 -28.51
N LEU C 166 -14.46 5.96 -28.34
CA LEU C 166 -14.52 5.31 -27.03
C LEU C 166 -13.21 4.52 -26.94
N ARG C 167 -12.40 4.78 -25.89
CA ARG C 167 -11.08 4.15 -25.69
C ARG C 167 -11.12 2.61 -25.79
N THR C 168 -10.19 2.05 -26.59
CA THR C 168 -10.00 0.61 -26.85
C THR C 168 -9.17 -0.05 -25.74
N HIS C 169 -8.38 0.79 -25.03
CA HIS C 169 -7.47 0.42 -23.92
C HIS C 169 -7.34 1.57 -22.90
N THR C 170 -6.71 1.30 -21.75
CA THR C 170 -6.47 2.31 -20.70
C THR C 170 -5.11 3.01 -20.89
N SER C 171 -4.26 2.54 -21.87
CA SER C 171 -2.97 3.13 -22.22
C SER C 171 -3.05 4.66 -22.48
N PRO C 172 -4.12 5.29 -23.09
CA PRO C 172 -4.11 6.77 -23.24
C PRO C 172 -3.91 7.57 -21.95
N VAL C 173 -4.25 6.98 -20.78
CA VAL C 173 -4.04 7.58 -19.45
C VAL C 173 -2.52 7.70 -19.21
N GLN C 174 -1.78 6.64 -19.62
CA GLN C 174 -0.32 6.57 -19.54
C GLN C 174 0.30 7.68 -20.38
N VAL C 175 -0.30 8.00 -21.53
CA VAL C 175 0.12 9.10 -22.42
C VAL C 175 -0.07 10.43 -21.71
N ARG C 176 -1.28 10.66 -21.17
CA ARG C 176 -1.64 11.89 -20.47
C ARG C 176 -0.71 12.16 -19.30
N THR C 177 -0.27 11.09 -18.63
CA THR C 177 0.69 11.08 -17.51
C THR C 177 2.09 11.49 -18.02
N MET C 178 2.59 10.82 -19.10
CA MET C 178 3.89 11.06 -19.73
C MET C 178 4.03 12.48 -20.28
N GLU C 179 2.91 13.09 -20.68
CA GLU C 179 2.85 14.45 -21.20
C GLU C 179 2.85 15.45 -20.07
N SER C 180 2.13 15.14 -18.96
CA SER C 180 2.02 16.02 -17.81
C SER C 180 3.30 16.09 -16.94
N GLN C 181 3.99 14.95 -16.74
CA GLN C 181 5.18 14.85 -15.91
C GLN C 181 6.39 14.22 -16.61
N GLN C 182 7.58 14.34 -15.96
CA GLN C 182 8.85 13.77 -16.39
C GLN C 182 9.17 12.57 -15.47
N PRO C 183 9.90 11.50 -15.93
CA PRO C 183 10.18 10.35 -15.04
C PRO C 183 10.87 10.67 -13.71
N PRO C 184 10.77 9.80 -12.67
CA PRO C 184 10.09 8.48 -12.63
C PRO C 184 8.58 8.54 -12.78
N ILE C 185 8.00 7.45 -13.29
CA ILE C 185 6.56 7.23 -13.49
C ILE C 185 6.28 5.76 -13.08
N ARG C 186 5.35 5.54 -12.13
CA ARG C 186 4.92 4.21 -11.65
C ARG C 186 3.41 4.33 -11.49
N ILE C 187 2.69 4.00 -12.55
CA ILE C 187 1.23 4.14 -12.54
C ILE C 187 0.51 2.87 -12.93
N VAL C 188 -0.68 2.68 -12.37
CA VAL C 188 -1.57 1.59 -12.75
C VAL C 188 -2.88 2.24 -13.24
N CYS C 189 -3.35 1.84 -14.42
CA CYS C 189 -4.52 2.42 -15.08
C CYS C 189 -5.68 1.44 -15.19
N PRO C 190 -6.54 1.39 -14.14
CA PRO C 190 -7.72 0.53 -14.21
C PRO C 190 -8.88 1.29 -14.89
N GLY C 191 -9.78 0.58 -15.54
CA GLY C 191 -10.90 1.29 -16.17
C GLY C 191 -11.69 0.56 -17.22
N ARG C 192 -12.86 1.13 -17.56
CA ARG C 192 -13.74 0.60 -18.60
C ARG C 192 -13.14 0.92 -19.96
N VAL C 193 -13.08 -0.10 -20.83
CA VAL C 193 -12.57 -0.01 -22.23
C VAL C 193 -13.61 -0.61 -23.19
N TYR C 194 -13.61 -0.12 -24.43
CA TYR C 194 -14.62 -0.45 -25.43
C TYR C 194 -14.06 -0.96 -26.75
N ARG C 195 -14.49 -2.19 -27.11
CA ARG C 195 -14.14 -2.87 -28.36
C ARG C 195 -15.42 -3.06 -29.18
N CYS C 196 -15.35 -2.84 -30.50
CA CYS C 196 -16.50 -2.98 -31.38
C CYS C 196 -16.85 -4.45 -31.57
N ASP C 197 -15.91 -5.24 -32.11
CA ASP C 197 -16.04 -6.67 -32.42
C ASP C 197 -16.31 -7.57 -31.17
N SER C 198 -17.59 -7.62 -30.76
CA SER C 198 -18.15 -8.41 -29.66
C SER C 198 -18.90 -9.68 -30.15
N ASP C 199 -19.00 -10.70 -29.26
CA ASP C 199 -19.69 -11.98 -29.47
C ASP C 199 -20.03 -12.58 -28.10
N LEU C 200 -19.78 -13.89 -27.90
CA LEU C 200 -20.03 -14.59 -26.63
C LEU C 200 -18.78 -14.62 -25.75
N THR C 201 -17.62 -14.82 -26.37
CA THR C 201 -16.32 -14.84 -25.72
C THR C 201 -15.78 -13.39 -25.54
N HIS C 202 -16.42 -12.38 -26.18
CA HIS C 202 -16.03 -10.97 -26.09
C HIS C 202 -17.19 -10.05 -25.81
N SER C 203 -16.96 -9.04 -24.96
CA SER C 203 -17.96 -8.05 -24.55
C SER C 203 -17.64 -6.68 -25.18
N PRO C 204 -18.67 -5.91 -25.64
CA PRO C 204 -18.38 -4.57 -26.21
C PRO C 204 -17.84 -3.56 -25.19
N MET C 205 -17.93 -3.89 -23.88
CA MET C 205 -17.39 -3.13 -22.76
C MET C 205 -16.77 -4.10 -21.78
N PHE C 206 -15.57 -3.80 -21.31
CA PHE C 206 -14.83 -4.60 -20.33
C PHE C 206 -13.84 -3.73 -19.56
N HIS C 207 -13.25 -4.29 -18.52
CA HIS C 207 -12.28 -3.56 -17.70
C HIS C 207 -10.90 -4.18 -17.84
N GLN C 208 -9.91 -3.32 -17.74
CA GLN C 208 -8.52 -3.73 -17.78
C GLN C 208 -7.64 -2.83 -16.91
N VAL C 209 -6.53 -3.37 -16.43
CA VAL C 209 -5.56 -2.61 -15.67
C VAL C 209 -4.32 -2.57 -16.54
N GLU C 210 -3.81 -1.36 -16.78
CA GLU C 210 -2.61 -1.20 -17.57
C GLU C 210 -1.58 -0.46 -16.80
N GLY C 211 -0.42 -1.07 -16.61
CA GLY C 211 0.67 -0.47 -15.84
C GLY C 211 1.80 0.07 -16.68
N LEU C 212 2.54 1.01 -16.08
CA LEU C 212 3.68 1.68 -16.70
C LEU C 212 4.74 2.07 -15.67
N LEU C 213 6.01 1.78 -16.00
CA LEU C 213 7.15 2.19 -15.19
C LEU C 213 8.18 2.79 -16.13
N VAL C 214 8.55 4.06 -15.88
CA VAL C 214 9.55 4.79 -16.69
C VAL C 214 10.61 5.35 -15.76
N ASP C 215 11.86 4.86 -15.89
CA ASP C 215 13.00 5.30 -15.08
C ASP C 215 14.32 5.27 -15.88
N GLU C 216 15.44 5.63 -15.22
CA GLU C 216 16.75 5.74 -15.87
C GLU C 216 17.47 4.43 -16.23
N GLY C 217 17.11 3.29 -15.65
CA GLY C 217 17.79 2.04 -16.01
C GLY C 217 16.91 0.81 -15.97
N VAL C 218 15.80 0.82 -16.72
CA VAL C 218 14.82 -0.27 -16.74
C VAL C 218 15.10 -1.31 -17.83
N SER C 219 15.22 -2.59 -17.40
CA SER C 219 15.52 -3.72 -18.29
C SER C 219 14.31 -4.64 -18.50
N PHE C 220 14.48 -5.59 -19.41
CA PHE C 220 13.48 -6.62 -19.69
C PHE C 220 13.44 -7.63 -18.51
N ALA C 221 14.59 -7.77 -17.77
CA ALA C 221 14.74 -8.62 -16.59
C ALA C 221 13.88 -8.05 -15.47
N ASP C 222 13.84 -6.70 -15.39
CA ASP C 222 13.04 -5.91 -14.45
C ASP C 222 11.56 -6.20 -14.69
N LEU C 223 11.13 -6.18 -15.98
CA LEU C 223 9.76 -6.45 -16.37
C LEU C 223 9.42 -7.89 -16.04
N LYS C 224 10.24 -8.86 -16.48
CA LYS C 224 10.07 -10.29 -16.20
C LYS C 224 9.86 -10.54 -14.70
N GLY C 225 10.70 -9.92 -13.86
CA GLY C 225 10.63 -10.03 -12.40
C GLY C 225 9.31 -9.54 -11.83
N THR C 226 8.88 -8.33 -12.27
CA THR C 226 7.64 -7.64 -11.85
C THR C 226 6.41 -8.51 -12.15
N ILE C 227 6.27 -8.92 -13.42
CA ILE C 227 5.15 -9.73 -13.91
C ILE C 227 5.04 -11.06 -13.18
N GLU C 228 6.16 -11.77 -13.02
CA GLU C 228 6.23 -13.06 -12.38
C GLU C 228 5.81 -12.95 -10.90
N GLU C 229 6.27 -11.89 -10.21
CA GLU C 229 5.89 -11.71 -8.81
C GLU C 229 4.46 -11.21 -8.65
N PHE C 230 3.95 -10.50 -9.64
CA PHE C 230 2.57 -10.01 -9.58
C PHE C 230 1.58 -11.17 -9.70
N LEU C 231 1.82 -12.07 -10.65
CA LEU C 231 0.95 -13.23 -10.89
C LEU C 231 0.96 -14.20 -9.71
N ARG C 232 2.11 -14.34 -9.05
CA ARG C 232 2.24 -15.21 -7.88
C ARG C 232 1.44 -14.66 -6.71
N ALA C 233 1.49 -13.32 -6.50
CA ALA C 233 0.79 -12.56 -5.46
C ALA C 233 -0.72 -12.60 -5.68
N PHE C 234 -1.15 -12.30 -6.93
CA PHE C 234 -2.54 -12.28 -7.36
C PHE C 234 -3.19 -13.64 -7.22
N PHE C 235 -2.60 -14.67 -7.86
CA PHE C 235 -3.14 -16.02 -7.83
C PHE C 235 -2.77 -16.79 -6.57
N GLU C 236 -2.07 -16.13 -5.61
CA GLU C 236 -1.68 -16.67 -4.30
C GLU C 236 -1.05 -18.08 -4.38
N LYS C 237 -0.19 -18.32 -5.38
CA LYS C 237 0.51 -19.60 -5.59
C LYS C 237 1.88 -19.31 -6.16
N GLN C 238 2.84 -20.24 -6.01
CA GLN C 238 4.18 -20.10 -6.58
C GLN C 238 4.20 -20.81 -7.94
N LEU C 239 3.24 -20.41 -8.81
CA LEU C 239 3.00 -20.95 -10.15
C LEU C 239 4.13 -20.70 -11.14
N GLU C 240 4.17 -21.51 -12.20
CA GLU C 240 5.16 -21.33 -13.24
C GLU C 240 4.69 -20.27 -14.22
N VAL C 241 5.57 -19.30 -14.51
CA VAL C 241 5.30 -18.17 -15.40
C VAL C 241 6.17 -18.31 -16.65
N ARG C 242 5.53 -18.30 -17.84
CA ARG C 242 6.14 -18.43 -19.15
C ARG C 242 5.92 -17.16 -19.97
N PHE C 243 6.99 -16.69 -20.65
CA PHE C 243 7.00 -15.51 -21.53
C PHE C 243 7.21 -15.94 -23.00
N ARG C 244 6.30 -15.52 -23.88
CA ARG C 244 6.41 -15.86 -25.29
C ARG C 244 6.51 -14.58 -26.11
N PRO C 245 7.39 -14.53 -27.13
CA PRO C 245 7.48 -13.32 -27.97
C PRO C 245 6.17 -13.03 -28.72
N SER C 246 5.75 -11.77 -28.69
CA SER C 246 4.54 -11.30 -29.34
C SER C 246 4.75 -9.88 -29.86
N PHE C 247 3.74 -9.34 -30.55
CA PHE C 247 3.78 -8.01 -31.12
C PHE C 247 2.71 -7.11 -30.57
N PHE C 248 3.09 -5.87 -30.29
CA PHE C 248 2.24 -4.77 -29.89
C PHE C 248 2.90 -3.52 -30.50
N PRO C 249 2.14 -2.56 -31.05
CA PRO C 249 2.80 -1.39 -31.69
C PRO C 249 3.52 -0.46 -30.73
N PHE C 250 3.03 -0.37 -29.50
CA PHE C 250 3.50 0.53 -28.46
C PHE C 250 4.64 -0.05 -27.58
N THR C 251 4.89 -1.38 -27.64
CA THR C 251 5.98 -2.03 -26.90
C THR C 251 6.90 -2.86 -27.81
N GLU C 252 8.20 -2.82 -27.51
CA GLU C 252 9.24 -3.55 -28.24
C GLU C 252 10.51 -3.72 -27.38
N PRO C 253 10.94 -4.96 -27.05
CA PRO C 253 10.31 -6.26 -27.32
C PRO C 253 9.02 -6.47 -26.52
N SER C 254 8.14 -7.35 -27.01
CA SER C 254 6.87 -7.65 -26.37
C SER C 254 6.69 -9.13 -26.08
N ALA C 255 5.80 -9.44 -25.14
CA ALA C 255 5.53 -10.82 -24.73
C ALA C 255 4.10 -11.08 -24.29
N GLU C 256 3.66 -12.34 -24.45
CA GLU C 256 2.37 -12.85 -23.97
C GLU C 256 2.74 -13.74 -22.81
N VAL C 257 2.13 -13.46 -21.66
CA VAL C 257 2.42 -14.14 -20.42
C VAL C 257 1.43 -15.26 -20.15
N ASP C 258 1.98 -16.46 -19.87
CA ASP C 258 1.26 -17.70 -19.56
C ASP C 258 1.56 -18.17 -18.15
N ILE C 259 0.59 -18.87 -17.56
CA ILE C 259 0.64 -19.51 -16.23
C ILE C 259 0.08 -20.93 -16.36
N GLN C 260 0.47 -21.85 -15.47
CA GLN C 260 -0.01 -23.24 -15.55
C GLN C 260 -1.54 -23.39 -15.29
N CYS C 261 -2.09 -24.62 -15.52
CA CYS C 261 -3.49 -25.12 -15.42
C CYS C 261 -4.34 -24.75 -16.65
N GLN C 274 -5.27 -26.33 -23.48
CA GLN C 274 -5.09 -27.77 -23.73
C GLN C 274 -3.64 -28.26 -23.42
N THR C 275 -2.67 -27.32 -23.32
CA THR C 275 -1.22 -27.59 -23.09
C THR C 275 -0.78 -27.33 -21.61
N GLY C 276 -1.76 -27.05 -20.75
CA GLY C 276 -1.58 -26.75 -19.33
C GLY C 276 -0.98 -25.38 -19.10
N TRP C 277 -1.22 -24.44 -20.02
CA TRP C 277 -0.72 -23.06 -19.99
C TRP C 277 -1.87 -22.15 -20.36
N LEU C 278 -1.94 -20.98 -19.71
CA LEU C 278 -3.00 -20.02 -19.90
C LEU C 278 -2.48 -18.63 -20.11
N GLU C 279 -2.84 -18.02 -21.25
CA GLU C 279 -2.45 -16.65 -21.57
C GLU C 279 -3.27 -15.71 -20.67
N VAL C 280 -2.60 -15.00 -19.74
CA VAL C 280 -3.28 -14.14 -18.77
C VAL C 280 -3.04 -12.63 -18.97
N MET C 281 -1.85 -12.26 -19.47
CA MET C 281 -1.52 -10.87 -19.69
C MET C 281 -0.45 -10.68 -20.75
N GLY C 282 -0.35 -9.44 -21.22
CA GLY C 282 0.61 -8.99 -22.20
C GLY C 282 1.42 -7.86 -21.59
N CYS C 283 2.63 -7.69 -22.09
CA CYS C 283 3.57 -6.68 -21.61
C CYS C 283 4.62 -6.41 -22.68
N GLY C 284 5.66 -5.68 -22.30
CA GLY C 284 6.75 -5.32 -23.17
C GLY C 284 7.44 -4.04 -22.75
N MET C 285 8.63 -3.82 -23.32
CA MET C 285 9.43 -2.63 -23.06
C MET C 285 8.84 -1.49 -23.90
N VAL C 286 8.59 -0.32 -23.29
CA VAL C 286 8.01 0.83 -24.01
C VAL C 286 8.87 1.19 -25.24
N HIS C 287 8.24 1.25 -26.42
CA HIS C 287 8.88 1.57 -27.70
C HIS C 287 9.44 3.01 -27.67
N PRO C 288 10.69 3.22 -28.17
CA PRO C 288 11.29 4.57 -28.13
C PRO C 288 10.47 5.71 -28.73
N ASN C 289 9.75 5.43 -29.83
CA ASN C 289 8.87 6.41 -30.50
C ASN C 289 7.76 6.87 -29.58
N VAL C 290 7.27 5.96 -28.71
CA VAL C 290 6.20 6.23 -27.73
C VAL C 290 6.70 7.29 -26.74
N LEU C 291 7.91 7.10 -26.22
CA LEU C 291 8.54 8.01 -25.28
C LEU C 291 8.87 9.33 -25.97
N ARG C 292 9.52 9.25 -27.14
CA ARG C 292 9.94 10.38 -27.98
C ARG C 292 8.77 11.33 -28.20
N MET C 293 7.61 10.77 -28.58
CA MET C 293 6.35 11.47 -28.85
C MET C 293 5.82 12.21 -27.66
N SER C 294 6.03 11.66 -26.46
CA SER C 294 5.57 12.25 -25.20
C SER C 294 6.69 13.04 -24.48
N ASN C 295 7.69 13.48 -25.27
CA ASN C 295 8.87 14.25 -24.85
C ASN C 295 9.67 13.58 -23.70
N ILE C 296 9.96 12.27 -23.85
CA ILE C 296 10.80 11.53 -22.89
C ILE C 296 11.96 10.95 -23.71
N ASP C 297 13.21 11.34 -23.39
CA ASP C 297 14.38 10.87 -24.16
C ASP C 297 14.67 9.39 -23.92
N PRO C 298 14.56 8.56 -24.99
CA PRO C 298 14.77 7.10 -24.82
C PRO C 298 16.23 6.70 -24.58
N GLU C 299 17.16 7.62 -24.85
CA GLU C 299 18.58 7.40 -24.62
C GLU C 299 18.87 7.40 -23.12
N LYS C 300 18.15 8.27 -22.37
CA LYS C 300 18.28 8.43 -20.92
C LYS C 300 17.31 7.53 -20.17
N PHE C 301 16.03 7.52 -20.59
CA PHE C 301 14.97 6.75 -19.93
C PHE C 301 14.48 5.55 -20.70
N GLN C 302 14.24 4.47 -19.96
CA GLN C 302 13.71 3.20 -20.44
C GLN C 302 12.43 2.94 -19.65
N GLY C 303 11.58 2.06 -20.15
CA GLY C 303 10.33 1.74 -19.46
C GLY C 303 9.69 0.44 -19.87
N PHE C 304 8.79 -0.05 -19.04
CA PHE C 304 7.99 -1.25 -19.33
C PHE C 304 6.52 -0.98 -19.05
N ALA C 305 5.69 -1.63 -19.84
CA ALA C 305 4.25 -1.52 -19.73
C ALA C 305 3.68 -2.92 -19.72
N PHE C 306 2.50 -3.07 -19.13
CA PHE C 306 1.77 -4.33 -19.07
C PHE C 306 0.28 -4.09 -19.06
N GLY C 307 -0.47 -5.09 -19.48
CA GLY C 307 -1.92 -5.05 -19.51
C GLY C 307 -2.52 -6.40 -19.22
N MET C 308 -3.69 -6.38 -18.58
CA MET C 308 -4.43 -7.60 -18.22
C MET C 308 -5.93 -7.31 -18.21
N GLY C 309 -6.73 -8.32 -18.54
CA GLY C 309 -8.19 -8.22 -18.53
C GLY C 309 -8.76 -8.49 -17.16
N ALA C 310 -9.57 -7.55 -16.64
CA ALA C 310 -10.17 -7.72 -15.31
C ALA C 310 -11.12 -8.90 -15.26
N GLU C 311 -12.02 -9.02 -16.26
CA GLU C 311 -13.00 -10.10 -16.35
C GLU C 311 -12.32 -11.43 -16.55
N ARG C 312 -11.22 -11.46 -17.36
CA ARG C 312 -10.45 -12.66 -17.64
C ARG C 312 -9.91 -13.24 -16.34
N LEU C 313 -9.26 -12.38 -15.54
CA LEU C 313 -8.64 -12.76 -14.26
C LEU C 313 -9.71 -13.21 -13.26
N ALA C 314 -10.82 -12.44 -13.17
CA ALA C 314 -11.97 -12.74 -12.31
C ALA C 314 -12.57 -14.12 -12.65
N MET C 315 -12.60 -14.48 -13.95
CA MET C 315 -13.11 -15.77 -14.38
C MET C 315 -12.21 -16.94 -13.95
N LEU C 316 -10.87 -16.75 -14.03
CA LEU C 316 -9.89 -17.77 -13.64
C LEU C 316 -9.92 -18.00 -12.14
N ARG C 317 -9.92 -16.89 -11.36
CA ARG C 317 -9.95 -16.87 -9.90
C ARG C 317 -11.22 -17.46 -9.30
N TYR C 318 -12.39 -17.08 -9.83
CA TYR C 318 -13.68 -17.45 -9.25
C TYR C 318 -14.39 -18.64 -9.94
N GLY C 319 -13.90 -19.08 -11.09
CA GLY C 319 -14.48 -20.21 -11.82
C GLY C 319 -15.68 -19.86 -12.69
N VAL C 320 -15.82 -18.57 -13.06
CA VAL C 320 -16.89 -18.05 -13.90
C VAL C 320 -16.65 -18.52 -15.36
N ASN C 321 -17.71 -19.07 -15.99
CA ASN C 321 -17.70 -19.62 -17.35
C ASN C 321 -18.16 -18.63 -18.41
N ASP C 322 -19.29 -17.95 -18.14
CA ASP C 322 -19.91 -17.03 -19.07
C ASP C 322 -19.58 -15.61 -18.73
N LEU C 323 -18.93 -14.93 -19.66
CA LEU C 323 -18.53 -13.52 -19.56
C LEU C 323 -19.75 -12.57 -19.47
N ARG C 324 -20.90 -13.03 -20.01
CA ARG C 324 -22.14 -12.26 -20.05
C ARG C 324 -22.78 -12.07 -18.67
N LEU C 325 -22.44 -12.95 -17.70
CA LEU C 325 -22.93 -12.92 -16.32
C LEU C 325 -22.57 -11.63 -15.61
N PHE C 326 -21.40 -11.04 -15.95
CA PHE C 326 -20.87 -9.82 -15.33
C PHE C 326 -21.74 -8.58 -15.54
N PHE C 327 -22.29 -8.41 -16.73
CA PHE C 327 -23.07 -7.24 -17.10
C PHE C 327 -24.59 -7.41 -16.94
N ASP C 328 -25.03 -8.66 -16.69
CA ASP C 328 -26.43 -9.01 -16.46
C ASP C 328 -26.92 -8.57 -15.07
N ASN C 329 -26.02 -8.63 -14.06
CA ASN C 329 -26.26 -8.25 -12.66
C ASN C 329 -27.40 -9.06 -11.98
N ASP C 330 -27.44 -10.39 -12.24
CA ASP C 330 -28.41 -11.29 -11.59
C ASP C 330 -27.93 -11.45 -10.14
N LEU C 331 -28.86 -11.33 -9.17
CA LEU C 331 -28.52 -11.43 -7.76
C LEU C 331 -28.11 -12.85 -7.37
N ARG C 332 -28.58 -13.84 -8.14
CA ARG C 332 -28.22 -15.23 -7.95
C ARG C 332 -26.72 -15.45 -8.29
N PHE C 333 -26.14 -14.53 -9.11
CA PHE C 333 -24.73 -14.53 -9.50
C PHE C 333 -23.94 -13.65 -8.53
N LEU C 334 -24.32 -12.36 -8.41
CA LEU C 334 -23.68 -11.34 -7.56
C LEU C 334 -23.53 -11.78 -6.12
N GLY C 335 -24.58 -12.37 -5.56
CA GLY C 335 -24.63 -12.85 -4.18
C GLY C 335 -23.58 -13.90 -3.83
N GLN C 336 -22.97 -14.50 -4.87
CA GLN C 336 -21.92 -15.50 -4.74
C GLN C 336 -20.52 -14.89 -4.35
N PHE C 337 -20.37 -13.54 -4.43
CA PHE C 337 -19.13 -12.78 -4.17
C PHE C 337 -19.25 -11.85 -2.95
N ARG C 338 -19.93 -12.34 -1.91
CA ARG C 338 -20.08 -11.60 -0.65
C ARG C 338 -18.90 -11.91 0.34
N LEU D 87 -54.41 13.71 -10.62
CA LEU D 87 -53.16 13.91 -9.89
C LEU D 87 -53.09 13.09 -8.57
N ALA D 88 -52.95 11.76 -8.73
CA ALA D 88 -52.79 10.82 -7.61
C ALA D 88 -51.41 11.01 -6.98
N ALA D 89 -50.55 11.86 -7.63
CA ALA D 89 -49.19 12.20 -7.19
C ALA D 89 -49.16 13.04 -5.91
N GLU D 90 -50.26 13.11 -5.11
CA GLU D 90 -50.30 13.83 -3.85
C GLU D 90 -50.02 12.89 -2.67
N ARG D 91 -48.81 12.30 -2.73
CA ARG D 91 -48.21 11.39 -1.78
C ARG D 91 -46.98 12.13 -1.26
N ILE D 92 -47.09 13.49 -1.22
CA ILE D 92 -46.07 14.47 -0.83
C ILE D 92 -45.49 14.19 0.56
N ASP D 93 -44.20 14.62 0.80
CA ASP D 93 -43.43 14.52 2.05
C ASP D 93 -42.14 15.41 1.93
N VAL D 94 -41.18 15.29 2.92
CA VAL D 94 -39.73 15.59 3.03
C VAL D 94 -39.35 16.81 3.94
N THR D 95 -37.94 16.88 4.06
CA THR D 95 -36.86 17.58 4.81
C THR D 95 -36.53 16.81 6.07
N LEU D 96 -37.37 15.80 6.35
CA LEU D 96 -37.32 14.91 7.50
C LEU D 96 -36.08 14.06 7.52
N PRO D 97 -35.47 13.84 8.70
CA PRO D 97 -34.27 12.97 8.75
C PRO D 97 -34.55 11.54 8.25
N GLY D 98 -33.52 10.87 7.75
CA GLY D 98 -33.62 9.50 7.28
C GLY D 98 -33.96 8.52 8.39
N ARG D 99 -34.36 7.29 8.03
CA ARG D 99 -34.73 6.27 9.02
C ARG D 99 -33.61 5.33 9.37
N GLY D 100 -33.53 4.99 10.64
CA GLY D 100 -32.58 4.03 11.16
C GLY D 100 -31.33 4.57 11.79
N GLN D 101 -30.32 3.72 11.77
CA GLN D 101 -29.01 3.93 12.33
C GLN D 101 -28.02 4.56 11.34
N LEU D 102 -27.17 5.46 11.83
CA LEU D 102 -26.10 6.04 11.01
C LEU D 102 -24.76 5.45 11.52
N SER D 103 -23.61 5.97 11.05
CA SER D 103 -22.35 5.39 11.48
C SER D 103 -21.89 5.93 12.84
N GLY D 104 -21.08 5.14 13.53
CA GLY D 104 -20.44 5.55 14.77
C GLY D 104 -19.12 6.20 14.39
N GLY D 105 -18.04 5.71 14.96
CA GLY D 105 -16.71 6.20 14.62
C GLY D 105 -15.57 5.38 15.17
N LEU D 106 -14.34 5.80 14.82
CA LEU D 106 -13.10 5.19 15.32
C LEU D 106 -12.49 6.09 16.39
N HIS D 107 -11.60 5.51 17.20
CA HIS D 107 -10.89 6.23 18.24
C HIS D 107 -9.80 7.10 17.55
N PRO D 108 -9.57 8.37 18.01
CA PRO D 108 -8.55 9.23 17.37
C PRO D 108 -7.17 8.59 17.20
N VAL D 109 -6.74 7.76 18.19
CA VAL D 109 -5.47 7.01 18.20
C VAL D 109 -5.48 5.98 17.06
N THR D 110 -6.60 5.27 16.87
CA THR D 110 -6.75 4.29 15.78
C THR D 110 -6.58 4.93 14.40
N ARG D 111 -7.17 6.13 14.21
CA ARG D 111 -7.08 6.94 12.98
C ARG D 111 -5.62 7.31 12.73
N THR D 112 -4.93 7.75 13.78
CA THR D 112 -3.51 8.16 13.76
C THR D 112 -2.60 6.96 13.41
N LEU D 113 -2.75 5.80 14.14
CA LEU D 113 -1.97 4.58 13.86
C LEU D 113 -2.19 4.14 12.42
N GLU D 114 -3.46 4.08 11.97
CA GLU D 114 -3.80 3.69 10.61
C GLU D 114 -3.05 4.59 9.61
N ARG D 115 -3.23 5.94 9.72
CA ARG D 115 -2.59 6.97 8.89
C ARG D 115 -1.04 6.83 8.82
N ILE D 116 -0.35 6.65 9.98
CA ILE D 116 1.10 6.46 10.01
C ILE D 116 1.47 5.23 9.17
N GLU D 117 0.87 4.06 9.48
CA GLU D 117 1.08 2.78 8.77
C GLU D 117 0.98 2.95 7.25
N GLN D 118 -0.03 3.72 6.78
CA GLN D 118 -0.28 3.96 5.36
C GLN D 118 0.83 4.72 4.65
N CYS D 119 1.48 5.69 5.33
CA CYS D 119 2.57 6.48 4.77
C CYS D 119 3.74 5.58 4.35
N PHE D 120 3.95 4.48 5.10
CA PHE D 120 5.03 3.52 4.88
C PHE D 120 4.64 2.29 4.11
N SER D 121 3.44 1.73 4.37
CA SER D 121 2.96 0.51 3.68
C SER D 121 2.82 0.69 2.16
N ARG D 122 2.66 1.96 1.73
CA ARG D 122 2.58 2.43 0.34
C ARG D 122 3.96 2.38 -0.35
N ILE D 123 5.05 2.30 0.44
CA ILE D 123 6.40 2.31 -0.11
C ILE D 123 7.20 1.05 0.34
N GLY D 124 6.49 -0.06 0.49
CA GLY D 124 7.09 -1.36 0.77
C GLY D 124 7.28 -1.80 2.20
N TYR D 125 6.75 -1.05 3.18
CA TYR D 125 6.87 -1.42 4.58
C TYR D 125 5.79 -2.40 4.98
N GLU D 126 6.17 -3.40 5.78
CA GLU D 126 5.27 -4.43 6.30
C GLU D 126 4.93 -4.08 7.73
N VAL D 127 3.67 -4.26 8.13
CA VAL D 127 3.23 -4.00 9.50
C VAL D 127 3.63 -5.22 10.35
N ALA D 128 4.47 -4.97 11.37
CA ALA D 128 4.97 -6.01 12.26
C ALA D 128 4.37 -5.90 13.67
N GLU D 129 3.95 -7.05 14.19
CA GLU D 129 3.36 -7.13 15.52
C GLU D 129 4.03 -8.19 16.39
N GLY D 130 3.99 -7.96 17.70
CA GLY D 130 4.58 -8.85 18.67
C GLY D 130 3.83 -8.86 19.98
N PRO D 131 4.30 -9.66 20.97
CA PRO D 131 3.62 -9.68 22.29
C PRO D 131 3.84 -8.40 23.09
N GLU D 132 2.88 -8.09 23.98
CA GLU D 132 2.93 -6.92 24.89
C GLU D 132 3.69 -7.28 26.16
N VAL D 133 3.68 -8.59 26.52
CA VAL D 133 4.42 -9.14 27.65
C VAL D 133 5.67 -9.76 27.02
N GLU D 134 6.83 -9.10 27.24
CA GLU D 134 8.13 -9.47 26.70
C GLU D 134 9.12 -9.91 27.77
N ASP D 135 10.30 -10.35 27.32
CA ASP D 135 11.44 -10.76 28.13
C ASP D 135 12.49 -9.63 28.02
N ASP D 136 13.37 -9.54 29.05
CA ASP D 136 14.42 -8.53 29.14
C ASP D 136 15.45 -8.58 27.99
N TYR D 137 15.57 -9.73 27.31
CA TYR D 137 16.47 -9.84 26.18
C TYR D 137 15.94 -9.02 25.01
N HIS D 138 14.74 -9.38 24.49
CA HIS D 138 14.12 -8.67 23.36
C HIS D 138 13.85 -7.21 23.69
N ASN D 139 13.37 -6.92 24.92
CA ASN D 139 13.06 -5.56 25.34
C ASN D 139 14.27 -4.68 25.63
N PHE D 140 15.37 -5.26 26.19
CA PHE D 140 16.52 -4.46 26.56
C PHE D 140 17.87 -4.90 25.99
N GLU D 141 18.35 -6.10 26.38
CA GLU D 141 19.69 -6.61 26.05
C GLU D 141 20.02 -6.54 24.60
N ALA D 142 19.09 -7.01 23.75
CA ALA D 142 19.22 -7.05 22.30
C ALA D 142 19.15 -5.66 21.67
N LEU D 143 18.68 -4.66 22.46
CA LEU D 143 18.60 -3.28 21.98
C LEU D 143 19.70 -2.40 22.58
N ASN D 144 20.80 -3.03 22.99
CA ASN D 144 22.01 -2.41 23.52
C ASN D 144 21.78 -1.66 24.86
N ILE D 145 20.82 -2.15 25.67
CA ILE D 145 20.53 -1.64 27.02
C ILE D 145 21.12 -2.65 28.05
N PRO D 146 22.28 -2.34 28.69
CA PRO D 146 22.88 -3.29 29.64
C PRO D 146 22.17 -3.37 31.00
N GLY D 147 22.49 -4.41 31.78
CA GLY D 147 21.92 -4.72 33.10
C GLY D 147 21.77 -3.58 34.09
N HIS D 148 22.85 -2.81 34.28
CA HIS D 148 22.94 -1.64 35.17
C HIS D 148 22.16 -0.38 34.73
N HIS D 149 21.72 -0.33 33.44
CA HIS D 149 20.99 0.79 32.83
C HIS D 149 19.72 1.22 33.61
N PRO D 150 19.60 2.54 33.91
CA PRO D 150 18.44 3.05 34.69
C PRO D 150 17.03 2.81 34.11
N ALA D 151 16.93 2.58 32.79
CA ALA D 151 15.66 2.31 32.11
C ALA D 151 15.11 0.95 32.56
N ARG D 152 16.02 -0.02 32.83
CA ARG D 152 15.69 -1.37 33.27
C ARG D 152 15.04 -1.41 34.65
N ALA D 153 15.36 -0.43 35.53
CA ALA D 153 14.83 -0.31 36.90
C ALA D 153 13.30 -0.34 36.99
N MET D 154 12.82 -0.79 38.17
CA MET D 154 11.39 -0.89 38.50
C MET D 154 10.70 0.47 38.60
N HIS D 155 11.48 1.57 38.64
CA HIS D 155 10.94 2.91 38.68
C HIS D 155 10.39 3.33 37.29
N ASP D 156 10.86 2.66 36.20
CA ASP D 156 10.47 2.98 34.82
C ASP D 156 9.78 1.82 34.08
N THR D 157 10.07 0.57 34.49
CA THR D 157 9.54 -0.64 33.82
C THR D 157 8.65 -1.49 34.73
N PHE D 158 7.47 -1.92 34.20
CA PHE D 158 6.53 -2.82 34.89
C PHE D 158 7.03 -4.25 34.72
N TYR D 159 7.16 -4.99 35.82
CA TYR D 159 7.66 -6.37 35.81
C TYR D 159 6.65 -7.38 36.31
N PHE D 160 6.85 -8.66 35.96
CA PHE D 160 6.03 -9.79 36.42
C PHE D 160 6.89 -10.64 37.32
N ASN D 161 8.15 -10.83 36.91
CA ASN D 161 9.26 -11.49 37.58
C ASN D 161 10.56 -10.83 37.08
N ALA D 162 11.72 -11.42 37.40
CA ALA D 162 13.04 -10.89 37.03
C ALA D 162 13.30 -10.77 35.52
N ASN D 163 12.76 -11.69 34.68
CA ASN D 163 12.98 -11.71 33.21
C ASN D 163 11.78 -11.17 32.40
N MET D 164 10.53 -11.45 32.84
CA MET D 164 9.31 -11.03 32.16
C MET D 164 8.77 -9.69 32.63
N LEU D 165 8.40 -8.86 31.65
CA LEU D 165 7.94 -7.48 31.84
C LEU D 165 6.88 -7.05 30.82
N LEU D 166 6.35 -5.83 30.97
CA LEU D 166 5.46 -5.20 30.01
C LEU D 166 6.36 -4.31 29.18
N ARG D 167 6.38 -4.50 27.84
CA ARG D 167 7.24 -3.74 26.91
C ARG D 167 7.14 -2.22 27.07
N THR D 168 8.32 -1.56 27.16
CA THR D 168 8.51 -0.11 27.32
C THR D 168 8.44 0.60 25.97
N HIS D 169 8.67 -0.17 24.87
CA HIS D 169 8.68 0.26 23.46
C HIS D 169 8.25 -0.90 22.54
N THR D 170 8.00 -0.60 21.25
CA THR D 170 7.64 -1.60 20.25
C THR D 170 8.89 -2.18 19.53
N SER D 171 10.10 -1.61 19.79
CA SER D 171 11.39 -2.08 19.26
C SER D 171 11.62 -3.60 19.43
N PRO D 172 11.21 -4.32 20.54
CA PRO D 172 11.44 -5.78 20.59
C PRO D 172 10.87 -6.59 19.41
N VAL D 173 9.84 -6.06 18.73
CA VAL D 173 9.23 -6.66 17.52
C VAL D 173 10.29 -6.63 16.40
N GLN D 174 11.03 -5.51 16.30
CA GLN D 174 12.13 -5.31 15.36
C GLN D 174 13.22 -6.35 15.58
N VAL D 175 13.48 -6.70 16.84
CA VAL D 175 14.46 -7.72 17.23
C VAL D 175 13.97 -9.09 16.72
N ARG D 176 12.72 -9.43 17.03
CA ARG D 176 12.09 -10.70 16.66
C ARG D 176 12.12 -10.91 15.15
N THR D 177 11.96 -9.80 14.40
CA THR D 177 12.03 -9.73 12.94
C THR D 177 13.48 -9.99 12.45
N MET D 178 14.48 -9.28 13.03
CA MET D 178 15.90 -9.38 12.71
C MET D 178 16.47 -10.78 12.98
N GLU D 179 15.87 -11.48 13.96
CA GLU D 179 16.27 -12.84 14.35
C GLU D 179 15.64 -13.85 13.40
N SER D 180 14.39 -13.61 12.99
CA SER D 180 13.64 -14.51 12.13
C SER D 180 14.09 -14.48 10.65
N GLN D 181 14.42 -13.28 10.12
CA GLN D 181 14.83 -13.08 8.72
C GLN D 181 16.16 -12.33 8.54
N GLN D 182 16.68 -12.37 7.30
CA GLN D 182 17.91 -11.68 6.88
C GLN D 182 17.47 -10.46 6.01
N PRO D 183 18.25 -9.34 5.94
CA PRO D 183 17.82 -8.18 5.14
C PRO D 183 17.56 -8.47 3.64
N PRO D 184 16.76 -7.61 2.93
CA PRO D 184 16.11 -6.37 3.38
C PRO D 184 15.03 -6.57 4.44
N ILE D 185 14.82 -5.52 5.26
CA ILE D 185 13.81 -5.43 6.32
C ILE D 185 13.22 -4.01 6.24
N ARG D 186 11.89 -3.89 6.07
CA ARG D 186 11.15 -2.63 6.03
C ARG D 186 9.90 -2.88 6.84
N ILE D 187 9.96 -2.60 8.13
CA ILE D 187 8.82 -2.87 9.00
C ILE D 187 8.40 -1.68 9.82
N VAL D 188 7.10 -1.60 10.13
CA VAL D 188 6.53 -0.59 11.01
C VAL D 188 5.86 -1.34 12.17
N CYS D 189 6.19 -0.98 13.41
CA CYS D 189 5.73 -1.65 14.61
C CYS D 189 4.79 -0.78 15.45
N PRO D 190 3.47 -0.84 15.16
CA PRO D 190 2.51 -0.09 15.97
C PRO D 190 2.09 -0.92 17.18
N GLY D 191 1.71 -0.28 18.28
CA GLY D 191 1.26 -1.06 19.42
C GLY D 191 1.24 -0.38 20.77
N ARG D 192 0.58 -1.06 21.72
CA ARG D 192 0.49 -0.59 23.10
C ARG D 192 1.82 -0.83 23.79
N VAL D 193 2.32 0.22 24.49
CA VAL D 193 3.58 0.21 25.27
C VAL D 193 3.30 0.72 26.68
N TYR D 194 4.10 0.24 27.64
CA TYR D 194 3.91 0.50 29.05
C TYR D 194 5.11 1.08 29.78
N ARG D 195 4.90 2.26 30.37
CA ARG D 195 5.88 2.99 31.17
C ARG D 195 5.34 3.07 32.61
N CYS D 196 6.23 2.86 33.59
CA CYS D 196 5.87 2.91 35.00
C CYS D 196 5.59 4.35 35.44
N ASP D 197 6.61 5.24 35.32
CA ASP D 197 6.60 6.65 35.70
C ASP D 197 5.53 7.52 34.92
N SER D 198 4.26 7.43 35.38
CA SER D 198 3.08 8.15 34.88
C SER D 198 2.68 9.35 35.78
N ASP D 199 1.96 10.32 35.19
CA ASP D 199 1.43 11.54 35.84
C ASP D 199 0.24 12.07 35.01
N LEU D 200 0.21 13.40 34.75
CA LEU D 200 -0.86 14.03 33.96
C LEU D 200 -0.44 14.17 32.49
N THR D 201 0.84 14.50 32.28
CA THR D 201 1.45 14.66 30.97
C THR D 201 1.90 13.27 30.41
N HIS D 202 1.87 12.20 31.26
CA HIS D 202 2.26 10.83 30.87
C HIS D 202 1.26 9.80 31.34
N SER D 203 1.01 8.81 30.48
CA SER D 203 0.07 7.72 30.73
C SER D 203 0.82 6.41 30.98
N PRO D 204 0.37 5.54 31.93
CA PRO D 204 1.08 4.25 32.14
C PRO D 204 0.96 3.28 30.97
N MET D 205 0.06 3.58 30.02
CA MET D 205 -0.16 2.87 28.77
C MET D 205 -0.39 3.88 27.65
N PHE D 206 0.31 3.69 26.53
CA PHE D 206 0.21 4.53 25.36
C PHE D 206 0.61 3.73 24.11
N HIS D 207 0.39 4.32 22.94
CA HIS D 207 0.72 3.67 21.68
C HIS D 207 1.84 4.41 20.98
N GLN D 208 2.63 3.64 20.25
CA GLN D 208 3.72 4.17 19.45
C GLN D 208 3.94 3.34 18.20
N VAL D 209 4.48 3.96 17.16
CA VAL D 209 4.85 3.27 15.93
C VAL D 209 6.36 3.36 15.87
N GLU D 210 7.01 2.21 15.71
CA GLU D 210 8.45 2.18 15.58
C GLU D 210 8.85 1.51 14.29
N GLY D 211 9.60 2.24 13.45
CA GLY D 211 10.03 1.73 12.16
C GLY D 211 11.48 1.29 12.09
N LEU D 212 11.78 0.42 11.12
CA LEU D 212 13.09 -0.13 10.88
C LEU D 212 13.33 -0.43 9.40
N LEU D 213 14.49 -0.03 8.87
CA LEU D 213 14.91 -0.33 7.52
C LEU D 213 16.34 -0.83 7.59
N VAL D 214 16.59 -2.07 7.11
CA VAL D 214 17.93 -2.68 7.07
C VAL D 214 18.21 -3.16 5.64
N ASP D 215 19.20 -2.53 4.98
CA ASP D 215 19.62 -2.88 3.62
C ASP D 215 21.13 -2.70 3.40
N GLU D 216 21.61 -2.97 2.17
CA GLU D 216 23.03 -2.95 1.85
C GLU D 216 23.70 -1.55 1.74
N GLY D 217 22.95 -0.47 1.56
CA GLY D 217 23.59 0.84 1.45
C GLY D 217 22.78 1.99 2.03
N VAL D 218 22.41 1.88 3.31
CA VAL D 218 21.57 2.88 3.99
C VAL D 218 22.40 3.97 4.71
N SER D 219 22.13 5.25 4.36
CA SER D 219 22.81 6.42 4.93
C SER D 219 21.94 7.21 5.91
N PHE D 220 22.55 8.20 6.56
CA PHE D 220 21.87 9.12 7.46
C PHE D 220 21.02 10.09 6.61
N ALA D 221 21.44 10.35 5.35
CA ALA D 221 20.73 11.20 4.37
C ALA D 221 19.41 10.52 4.00
N ASP D 222 19.45 9.17 3.90
CA ASP D 222 18.31 8.29 3.63
C ASP D 222 17.29 8.42 4.76
N LEU D 223 17.77 8.38 6.02
CA LEU D 223 16.93 8.53 7.21
C LEU D 223 16.31 9.92 7.23
N LYS D 224 17.15 10.97 7.11
CA LYS D 224 16.71 12.37 7.04
C LYS D 224 15.58 12.55 6.00
N GLY D 225 15.77 12.01 4.80
CA GLY D 225 14.80 12.07 3.71
C GLY D 225 13.48 11.44 4.06
N THR D 226 13.50 10.21 4.61
CA THR D 226 12.36 9.40 5.03
C THR D 226 11.50 10.14 6.06
N ILE D 227 12.14 10.56 7.16
CA ILE D 227 11.50 11.26 8.26
C ILE D 227 10.83 12.57 7.80
N GLU D 228 11.57 13.39 7.04
CA GLU D 228 11.10 14.67 6.53
C GLU D 228 9.89 14.49 5.61
N GLU D 229 9.90 13.47 4.75
CA GLU D 229 8.76 13.23 3.87
C GLU D 229 7.58 12.60 4.61
N PHE D 230 7.86 11.83 5.67
CA PHE D 230 6.78 11.23 6.44
C PHE D 230 5.99 12.30 7.21
N LEU D 231 6.69 13.24 7.86
CA LEU D 231 6.06 14.30 8.62
C LEU D 231 5.27 15.26 7.72
N ARG D 232 5.75 15.48 6.51
CA ARG D 232 5.07 16.34 5.55
C ARG D 232 3.74 15.70 5.08
N ALA D 233 3.78 14.37 4.83
CA ALA D 233 2.67 13.52 4.39
C ALA D 233 1.62 13.41 5.50
N PHE D 234 2.08 13.10 6.73
CA PHE D 234 1.24 12.95 7.91
C PHE D 234 0.52 14.25 8.26
N PHE D 235 1.27 15.34 8.44
CA PHE D 235 0.71 16.65 8.80
C PHE D 235 0.16 17.42 7.60
N GLU D 236 0.18 16.80 6.39
CA GLU D 236 -0.36 17.34 5.15
C GLU D 236 0.06 18.82 4.88
N LYS D 237 1.34 19.16 5.15
CA LYS D 237 1.89 20.50 4.95
C LYS D 237 3.35 20.36 4.57
N GLN D 238 3.93 21.38 3.91
CA GLN D 238 5.33 21.41 3.53
C GLN D 238 6.14 22.12 4.63
N LEU D 239 5.94 21.64 5.87
CA LEU D 239 6.54 22.17 7.09
C LEU D 239 8.06 22.02 7.15
N GLU D 240 8.70 22.86 7.99
CA GLU D 240 10.13 22.76 8.18
C GLU D 240 10.44 21.70 9.21
N VAL D 241 11.39 20.81 8.86
CA VAL D 241 11.82 19.70 9.69
C VAL D 241 13.28 19.94 10.12
N ARG D 242 13.51 19.90 11.45
CA ARG D 242 14.81 20.12 12.11
C ARG D 242 15.26 18.85 12.85
N PHE D 243 16.55 18.50 12.71
CA PHE D 243 17.20 17.35 13.34
C PHE D 243 18.24 17.82 14.35
N ARG D 244 18.14 17.34 15.59
CA ARG D 244 19.09 17.71 16.64
C ARG D 244 19.79 16.47 17.17
N PRO D 245 21.12 16.51 17.37
CA PRO D 245 21.82 15.35 17.94
C PRO D 245 21.32 14.94 19.33
N SER D 246 21.08 13.64 19.51
CA SER D 246 20.60 13.06 20.76
C SER D 246 21.21 11.69 20.96
N PHE D 247 20.92 11.07 22.12
CA PHE D 247 21.43 9.76 22.46
C PHE D 247 20.33 8.75 22.67
N PHE D 248 20.55 7.54 22.16
CA PHE D 248 19.72 6.36 22.33
C PHE D 248 20.70 5.18 22.34
N PRO D 249 20.54 4.16 23.20
CA PRO D 249 21.52 3.06 23.25
C PRO D 249 21.57 2.18 21.99
N PHE D 250 20.41 2.05 21.33
CA PHE D 250 20.22 1.18 20.19
C PHE D 250 20.57 1.85 18.81
N THR D 251 20.65 3.19 18.76
CA THR D 251 20.99 3.94 17.53
C THR D 251 22.19 4.86 17.70
N GLU D 252 23.02 4.95 16.65
CA GLU D 252 24.21 5.79 16.60
C GLU D 252 24.62 6.07 15.15
N PRO D 253 24.62 7.34 14.67
CA PRO D 253 24.21 8.59 15.35
C PRO D 253 22.70 8.65 15.54
N SER D 254 22.25 9.45 16.52
CA SER D 254 20.84 9.62 16.83
C SER D 254 20.38 11.07 16.78
N ALA D 255 19.06 11.28 16.62
CA ALA D 255 18.49 12.61 16.55
C ALA D 255 17.07 12.72 17.12
N GLU D 256 16.73 13.94 17.58
CA GLU D 256 15.38 14.32 18.02
C GLU D 256 14.86 15.22 16.91
N VAL D 257 13.70 14.86 16.38
CA VAL D 257 13.07 15.54 15.26
C VAL D 257 12.04 16.56 15.72
N ASP D 258 12.20 17.81 15.20
CA ASP D 258 11.36 18.97 15.45
C ASP D 258 10.66 19.43 14.16
N ILE D 259 9.47 20.01 14.33
CA ILE D 259 8.62 20.62 13.29
C ILE D 259 8.17 21.99 13.78
N GLN D 260 7.83 22.92 12.87
CA GLN D 260 7.38 24.26 13.28
C GLN D 260 6.03 24.26 14.06
N CYS D 261 5.64 25.42 14.62
CA CYS D 261 4.40 25.56 15.38
C CYS D 261 3.20 25.97 14.49
N VAL D 262 3.24 25.45 13.23
CA VAL D 262 2.23 25.62 12.17
C VAL D 262 0.95 24.86 12.55
N ILE D 263 1.09 23.68 13.20
CA ILE D 263 -0.05 22.89 13.66
C ILE D 263 -0.33 23.20 15.15
N CYS D 264 0.15 24.40 15.60
CA CYS D 264 0.02 25.00 16.92
C CYS D 264 0.52 24.08 18.04
N GLN D 274 9.73 26.84 22.92
CA GLN D 274 9.65 28.29 23.10
C GLN D 274 9.95 29.07 21.80
N THR D 275 10.65 28.41 20.83
CA THR D 275 11.12 29.01 19.58
C THR D 275 10.29 28.60 18.33
N GLY D 276 9.07 28.10 18.54
CA GLY D 276 8.22 27.70 17.41
C GLY D 276 8.67 26.42 16.75
N TRP D 277 9.18 25.50 17.58
CA TRP D 277 9.65 24.16 17.20
C TRP D 277 9.06 23.16 18.17
N LEU D 278 8.70 21.97 17.66
CA LEU D 278 8.07 20.92 18.45
C LEU D 278 8.72 19.58 18.23
N GLU D 279 9.20 18.98 19.33
CA GLU D 279 9.80 17.64 19.29
C GLU D 279 8.67 16.62 19.06
N VAL D 280 8.66 15.94 17.89
CA VAL D 280 7.60 15.01 17.53
C VAL D 280 8.03 13.54 17.47
N MET D 281 9.29 13.28 17.10
CA MET D 281 9.81 11.93 17.02
C MET D 281 11.33 11.86 17.19
N GLY D 282 11.80 10.64 17.43
CA GLY D 282 13.21 10.28 17.58
C GLY D 282 13.56 9.24 16.54
N CYS D 283 14.84 9.18 16.18
CA CYS D 283 15.36 8.26 15.17
C CYS D 283 16.87 8.10 15.34
N GLY D 284 17.49 7.45 14.36
CA GLY D 284 18.93 7.22 14.33
C GLY D 284 19.33 6.02 13.49
N MET D 285 20.63 5.91 13.18
CA MET D 285 21.19 4.80 12.41
C MET D 285 21.37 3.63 13.37
N VAL D 286 20.89 2.43 13.00
CA VAL D 286 21.00 1.25 13.87
C VAL D 286 22.46 0.98 14.27
N HIS D 287 22.72 0.88 15.58
CA HIS D 287 24.04 0.64 16.16
C HIS D 287 24.57 -0.73 15.73
N PRO D 288 25.87 -0.84 15.32
CA PRO D 288 26.41 -2.12 14.85
C PRO D 288 26.25 -3.32 15.79
N ASN D 289 26.36 -3.10 17.12
CA ASN D 289 26.18 -4.14 18.13
C ASN D 289 24.76 -4.71 18.10
N VAL D 290 23.76 -3.86 17.77
CA VAL D 290 22.35 -4.24 17.68
C VAL D 290 22.20 -5.28 16.54
N LEU D 291 22.79 -4.97 15.38
CA LEU D 291 22.78 -5.85 14.22
C LEU D 291 23.56 -7.12 14.50
N ARG D 292 24.80 -6.97 15.00
CA ARG D 292 25.74 -8.03 15.36
C ARG D 292 25.04 -9.08 16.24
N MET D 293 24.33 -8.61 17.30
CA MET D 293 23.57 -9.42 18.25
C MET D 293 22.48 -10.24 17.61
N SER D 294 21.84 -9.69 16.56
CA SER D 294 20.75 -10.34 15.84
C SER D 294 21.23 -11.02 14.55
N ASN D 295 22.55 -11.34 14.51
CA ASN D 295 23.26 -12.02 13.41
C ASN D 295 23.11 -11.31 12.04
N ILE D 296 23.32 -9.98 12.02
CA ILE D 296 23.31 -9.18 10.79
C ILE D 296 24.68 -8.49 10.72
N ASP D 297 25.48 -8.76 9.65
CA ASP D 297 26.82 -8.18 9.53
C ASP D 297 26.78 -6.67 9.24
N PRO D 298 27.30 -5.84 10.18
CA PRO D 298 27.25 -4.38 9.97
C PRO D 298 28.18 -3.84 8.89
N GLU D 299 29.15 -4.67 8.46
CA GLU D 299 30.10 -4.32 7.40
C GLU D 299 29.36 -4.31 6.06
N LYS D 300 28.42 -5.26 5.90
CA LYS D 300 27.61 -5.42 4.70
C LYS D 300 26.31 -4.61 4.76
N PHE D 301 25.59 -4.71 5.89
CA PHE D 301 24.30 -4.05 6.07
C PHE D 301 24.32 -2.89 7.04
N GLN D 302 23.57 -1.85 6.66
CA GLN D 302 23.35 -0.60 7.40
C GLN D 302 21.84 -0.48 7.61
N GLY D 303 21.42 0.32 8.57
CA GLY D 303 20.01 0.50 8.83
C GLY D 303 19.66 1.73 9.62
N PHE D 304 18.36 2.12 9.58
CA PHE D 304 17.83 3.23 10.37
C PHE D 304 16.55 2.82 11.07
N ALA D 305 16.35 3.40 12.24
CA ALA D 305 15.17 3.17 13.04
C ALA D 305 14.59 4.50 13.47
N PHE D 306 13.28 4.52 13.74
CA PHE D 306 12.57 5.71 14.20
C PHE D 306 11.41 5.33 15.10
N GLY D 307 10.99 6.28 15.93
CA GLY D 307 9.86 6.10 16.83
C GLY D 307 9.08 7.38 17.02
N MET D 308 7.77 7.27 17.22
CA MET D 308 6.88 8.40 17.47
C MET D 308 5.70 7.98 18.36
N GLY D 309 5.18 8.93 19.14
CA GLY D 309 4.03 8.70 20.01
C GLY D 309 2.72 8.88 19.29
N ALA D 310 1.84 7.86 19.33
CA ALA D 310 0.55 7.93 18.65
C ALA D 310 -0.34 9.03 19.24
N GLU D 311 -0.46 9.09 20.58
CA GLU D 311 -1.28 10.08 21.26
C GLU D 311 -0.73 11.47 21.07
N ARG D 312 0.61 11.60 21.05
CA ARG D 312 1.29 12.90 20.86
C ARG D 312 0.88 13.48 19.51
N LEU D 313 0.99 12.68 18.44
CA LEU D 313 0.65 13.06 17.07
C LEU D 313 -0.85 13.40 16.95
N ALA D 314 -1.70 12.53 17.52
CA ALA D 314 -3.16 12.69 17.55
C ALA D 314 -3.53 14.02 18.23
N MET D 315 -2.81 14.42 19.29
CA MET D 315 -3.07 15.68 19.99
C MET D 315 -2.72 16.91 19.13
N LEU D 316 -1.60 16.84 18.39
CA LEU D 316 -1.15 17.93 17.51
C LEU D 316 -2.10 18.12 16.35
N ARG D 317 -2.49 17.00 15.70
CA ARG D 317 -3.41 16.93 14.56
C ARG D 317 -4.83 17.39 14.87
N TYR D 318 -5.40 16.92 15.99
CA TYR D 318 -6.79 17.16 16.33
C TYR D 318 -7.04 18.29 17.34
N GLY D 319 -5.99 18.80 17.97
CA GLY D 319 -6.13 19.89 18.94
C GLY D 319 -6.51 19.47 20.35
N VAL D 320 -6.27 18.19 20.68
CA VAL D 320 -6.53 17.60 22.00
C VAL D 320 -5.47 18.13 23.00
N ASN D 321 -5.95 18.61 24.16
CA ASN D 321 -5.12 19.19 25.23
C ASN D 321 -4.77 18.19 26.34
N ASP D 322 -5.76 17.44 26.81
CA ASP D 322 -5.62 16.50 27.90
C ASP D 322 -5.46 15.08 27.38
N LEU D 323 -4.33 14.48 27.70
CA LEU D 323 -3.96 13.12 27.33
C LEU D 323 -4.92 12.06 27.96
N ARG D 324 -5.56 12.44 29.08
CA ARG D 324 -6.46 11.57 29.83
C ARG D 324 -7.77 11.31 29.13
N LEU D 325 -8.16 12.20 28.19
CA LEU D 325 -9.38 12.08 27.40
C LEU D 325 -9.42 10.81 26.57
N PHE D 326 -8.24 10.33 26.12
CA PHE D 326 -8.09 9.14 25.27
C PHE D 326 -8.54 7.83 25.94
N PHE D 327 -8.24 7.66 27.22
CA PHE D 327 -8.53 6.45 27.97
C PHE D 327 -9.84 6.50 28.76
N ASP D 328 -10.46 7.69 28.85
CA ASP D 328 -11.75 7.92 29.53
C ASP D 328 -12.93 7.39 28.71
N ASN D 329 -12.84 7.48 27.36
CA ASN D 329 -13.85 7.04 26.39
C ASN D 329 -15.23 7.73 26.56
N ASP D 330 -15.25 9.07 26.82
CA ASP D 330 -16.50 9.84 26.91
C ASP D 330 -16.98 10.00 25.48
N LEU D 331 -18.29 9.76 25.26
CA LEU D 331 -18.90 9.84 23.93
C LEU D 331 -18.92 11.28 23.41
N ARG D 332 -18.93 12.25 24.33
CA ARG D 332 -18.87 13.66 23.99
C ARG D 332 -17.51 14.03 23.39
N PHE D 333 -16.46 13.21 23.67
CA PHE D 333 -15.10 13.34 23.13
C PHE D 333 -14.99 12.51 21.84
N LEU D 334 -15.24 11.18 21.94
CA LEU D 334 -15.18 10.20 20.85
C LEU D 334 -15.98 10.59 19.62
N GLY D 335 -17.20 11.06 19.85
CA GLY D 335 -18.12 11.46 18.79
C GLY D 335 -17.62 12.60 17.91
N GLN D 336 -16.55 13.30 18.37
CA GLN D 336 -15.90 14.39 17.65
C GLN D 336 -14.98 13.90 16.49
N PHE D 337 -14.69 12.56 16.42
CA PHE D 337 -13.80 11.91 15.43
C PHE D 337 -14.56 10.94 14.51
N ARG D 338 -15.78 11.34 14.10
CA ARG D 338 -16.60 10.56 13.18
C ARG D 338 -16.29 10.95 11.71
#